data_4PE4
# 
_entry.id   4PE4 
# 
_audit_conform.dict_name       mmcif_pdbx.dic 
_audit_conform.dict_version    5.397 
_audit_conform.dict_location   http://mmcif.pdb.org/dictionaries/ascii/mmcif_pdbx.dic 
# 
loop_
_database_2.database_id 
_database_2.database_code 
_database_2.pdbx_database_accession 
_database_2.pdbx_DOI 
PDB   4PE4         pdb_00004pe4 10.2210/pdb4pe4/pdb 
WWPDB D_1000201230 ?            ?                   
# 
loop_
_pdbx_audit_revision_history.ordinal 
_pdbx_audit_revision_history.data_content_type 
_pdbx_audit_revision_history.major_revision 
_pdbx_audit_revision_history.minor_revision 
_pdbx_audit_revision_history.revision_date 
1 'Structure model' 1 0 2014-10-15 
2 'Structure model' 1 1 2014-11-05 
3 'Structure model' 1 2 2016-07-27 
4 'Structure model' 1 3 2017-09-13 
5 'Structure model' 1 4 2017-11-22 
6 'Structure model' 1 5 2019-12-04 
7 'Structure model' 1 6 2023-12-27 
8 'Structure model' 1 7 2024-10-23 
# 
_pdbx_audit_revision_details.ordinal             1 
_pdbx_audit_revision_details.revision_ordinal    1 
_pdbx_audit_revision_details.data_content_type   'Structure model' 
_pdbx_audit_revision_details.provider            repository 
_pdbx_audit_revision_details.type                'Initial release' 
_pdbx_audit_revision_details.description         ? 
_pdbx_audit_revision_details.details             ? 
# 
loop_
_pdbx_audit_revision_group.ordinal 
_pdbx_audit_revision_group.revision_ordinal 
_pdbx_audit_revision_group.data_content_type 
_pdbx_audit_revision_group.group 
1  2 'Structure model' 'Database references'        
2  3 'Structure model' 'Data collection'            
3  4 'Structure model' 'Author supporting evidence' 
4  4 'Structure model' 'Derived calculations'       
5  5 'Structure model' 'Refinement description'     
6  6 'Structure model' 'Author supporting evidence' 
7  7 'Structure model' 'Data collection'            
8  7 'Structure model' 'Database references'        
9  7 'Structure model' 'Derived calculations'       
10 7 'Structure model' 'Refinement description'     
11 8 'Structure model' 'Structure summary'          
# 
loop_
_pdbx_audit_revision_category.ordinal 
_pdbx_audit_revision_category.revision_ordinal 
_pdbx_audit_revision_category.data_content_type 
_pdbx_audit_revision_category.category 
1  4 'Structure model' pdbx_audit_support        
2  4 'Structure model' pdbx_struct_oper_list     
3  5 'Structure model' software                  
4  6 'Structure model' pdbx_audit_support        
5  7 'Structure model' chem_comp_atom            
6  7 'Structure model' chem_comp_bond            
7  7 'Structure model' database_2                
8  7 'Structure model' struct_conn               
9  7 'Structure model' struct_conn_type          
10 7 'Structure model' struct_ncs_dom_lim        
11 8 'Structure model' pdbx_entry_details        
12 8 'Structure model' pdbx_modification_feature 
# 
loop_
_pdbx_audit_revision_item.ordinal 
_pdbx_audit_revision_item.revision_ordinal 
_pdbx_audit_revision_item.data_content_type 
_pdbx_audit_revision_item.item 
1  4 'Structure model' '_pdbx_audit_support.funding_organization'  
2  4 'Structure model' '_pdbx_struct_oper_list.symmetry_operation' 
3  6 'Structure model' '_pdbx_audit_support.funding_organization'  
4  7 'Structure model' '_database_2.pdbx_DOI'                      
5  7 'Structure model' '_database_2.pdbx_database_accession'       
6  7 'Structure model' '_struct_conn.conn_type_id'                 
7  7 'Structure model' '_struct_conn.id'                           
8  7 'Structure model' '_struct_conn.pdbx_dist_value'              
9  7 'Structure model' '_struct_conn.pdbx_leaving_atom_flag'       
10 7 'Structure model' '_struct_conn.ptnr1_auth_asym_id'           
11 7 'Structure model' '_struct_conn.ptnr1_auth_comp_id'           
12 7 'Structure model' '_struct_conn.ptnr1_auth_seq_id'            
13 7 'Structure model' '_struct_conn.ptnr1_label_asym_id'          
14 7 'Structure model' '_struct_conn.ptnr1_label_atom_id'          
15 7 'Structure model' '_struct_conn.ptnr1_label_comp_id'          
16 7 'Structure model' '_struct_conn.ptnr1_label_seq_id'           
17 7 'Structure model' '_struct_conn.ptnr2_auth_asym_id'           
18 7 'Structure model' '_struct_conn.ptnr2_auth_comp_id'           
19 7 'Structure model' '_struct_conn.ptnr2_auth_seq_id'            
20 7 'Structure model' '_struct_conn.ptnr2_label_asym_id'          
21 7 'Structure model' '_struct_conn.ptnr2_label_atom_id'          
22 7 'Structure model' '_struct_conn.ptnr2_label_comp_id'          
23 7 'Structure model' '_struct_conn_type.id'                      
24 7 'Structure model' '_struct_ncs_dom_lim.beg_auth_comp_id'      
25 7 'Structure model' '_struct_ncs_dom_lim.beg_label_asym_id'     
26 7 'Structure model' '_struct_ncs_dom_lim.beg_label_comp_id'     
27 7 'Structure model' '_struct_ncs_dom_lim.beg_label_seq_id'      
28 7 'Structure model' '_struct_ncs_dom_lim.end_auth_comp_id'      
29 7 'Structure model' '_struct_ncs_dom_lim.end_label_asym_id'     
30 7 'Structure model' '_struct_ncs_dom_lim.end_label_comp_id'     
31 7 'Structure model' '_struct_ncs_dom_lim.end_label_seq_id'      
# 
_pdbx_database_status.status_code                     REL 
_pdbx_database_status.status_code_sf                  REL 
_pdbx_database_status.status_code_mr                  . 
_pdbx_database_status.entry_id                        4PE4 
_pdbx_database_status.recvd_initial_deposition_date   2014-04-22 
_pdbx_database_status.SG_entry                        N 
_pdbx_database_status.deposit_site                    RCSB 
_pdbx_database_status.process_site                    RCSB 
_pdbx_database_status.status_code_cs                  . 
_pdbx_database_status.methods_development_category    . 
_pdbx_database_status.pdb_format_compatible           Y 
_pdbx_database_status.status_code_nmr_data            ? 
# 
loop_
_pdbx_database_related.db_name 
_pdbx_database_related.details 
_pdbx_database_related.db_id 
_pdbx_database_related.content_type 
PDB . 4PDZ unspecified 
PDB . 4PE0 unspecified 
PDB . 4PE1 unspecified 
PDB . 4PE7 unspecified 
# 
loop_
_audit_author.name 
_audit_author.pdbx_ordinal 
'Cavalier, M.C.' 1 
'Pierce, A.D.'   2 
'Wilder, P.T.'   3 
'Neau, D.'       4 
'Toth, E.A.'     5 
'Weber, D.J.'    6 
# 
_citation.abstract                  . 
_citation.abstract_id_CAS           . 
_citation.book_id_ISBN              . 
_citation.book_publisher            ? 
_citation.book_publisher_city       . 
_citation.book_title                . 
_citation.coordinate_linkage        . 
_citation.country                   US 
_citation.database_id_Medline       . 
_citation.details                   . 
_citation.id                        primary 
_citation.journal_abbrev            Biochemistry 
_citation.journal_id_ASTM           BICHAW 
_citation.journal_id_CSD            0033 
_citation.journal_id_ISSN           0006-2960 
_citation.journal_full              . 
_citation.journal_issue             . 
_citation.journal_volume            53 
_citation.language                  . 
_citation.page_first                6628 
_citation.page_last                 6640 
_citation.title                     'Covalent Small Molecule Inhibitors of Ca(2+)-Bound S100B.' 
_citation.year                      2014 
_citation.database_id_CSD           . 
_citation.pdbx_database_id_DOI      10.1021/bi5005552 
_citation.pdbx_database_id_PubMed   25268459 
_citation.unpublished_flag          . 
# 
loop_
_citation_author.citation_id 
_citation_author.name 
_citation_author.ordinal 
_citation_author.identifier_ORCID 
primary 'Cavalier, M.C.' 1  ? 
primary 'Pierce, A.D.'   2  ? 
primary 'Wilder, P.T.'   3  ? 
primary 'Alasady, M.J.'  4  ? 
primary 'Hartman, K.G.'  5  ? 
primary 'Neau, D.B.'     6  ? 
primary 'Foley, T.L.'    7  ? 
primary 'Jadhav, A.'     8  ? 
primary 'Maloney, D.J.'  9  ? 
primary 'Simeonov, A.'   10 ? 
primary 'Toth, E.A.'     11 ? 
primary 'Weber, D.J.'    12 ? 
# 
loop_
_entity.id 
_entity.type 
_entity.src_method 
_entity.pdbx_description 
_entity.formula_weight 
_entity.pdbx_number_of_molecules 
_entity.pdbx_ec 
_entity.pdbx_mutation 
_entity.pdbx_fragment 
_entity.details 
1 polymer     man 'Protein S100-B'                                        10681.974 2  ? ? ? ? 
2 non-polymer syn '2,3-dimethoxy-5-[(1S)-1-phenylpropyl]benzene-1,4-diol' 288.338   2  ? ? ? ? 
3 non-polymer syn 'CALCIUM ION'                                           40.078    4  ? ? ? ? 
4 water       nat water                                                   18.015    19 ? ? ? ? 
# 
_entity_name_com.entity_id   1 
_entity_name_com.name        'S-100 protein beta chain,S-100 protein subunit beta,S100 calcium-binding protein B' 
# 
_entity_poly.entity_id                      1 
_entity_poly.type                           'polypeptide(L)' 
_entity_poly.nstd_linkage                   no 
_entity_poly.nstd_monomer                   no 
_entity_poly.pdbx_seq_one_letter_code       
;MSELEKAVVALIDVFHQYSGREGDKHKLKKSELKELINNELSHFLEEIKEQEVVDKVMETLDSDGDGECDFQEFMAFVAM
ITTACHEFFEHE
;
_entity_poly.pdbx_seq_one_letter_code_can   
;MSELEKAVVALIDVFHQYSGREGDKHKLKKSELKELINNELSHFLEEIKEQEVVDKVMETLDSDGDGECDFQEFMAFVAM
ITTACHEFFEHE
;
_entity_poly.pdbx_strand_id                 X,A 
_entity_poly.pdbx_target_identifier         ? 
# 
loop_
_pdbx_entity_nonpoly.entity_id 
_pdbx_entity_nonpoly.name 
_pdbx_entity_nonpoly.comp_id 
2 '2,3-dimethoxy-5-[(1S)-1-phenylpropyl]benzene-1,4-diol' REV 
3 'CALCIUM ION'                                           CA  
4 water                                                   HOH 
# 
loop_
_entity_poly_seq.entity_id 
_entity_poly_seq.num 
_entity_poly_seq.mon_id 
_entity_poly_seq.hetero 
1 1  MET n 
1 2  SER n 
1 3  GLU n 
1 4  LEU n 
1 5  GLU n 
1 6  LYS n 
1 7  ALA n 
1 8  VAL n 
1 9  VAL n 
1 10 ALA n 
1 11 LEU n 
1 12 ILE n 
1 13 ASP n 
1 14 VAL n 
1 15 PHE n 
1 16 HIS n 
1 17 GLN n 
1 18 TYR n 
1 19 SER n 
1 20 GLY n 
1 21 ARG n 
1 22 GLU n 
1 23 GLY n 
1 24 ASP n 
1 25 LYS n 
1 26 HIS n 
1 27 LYS n 
1 28 LEU n 
1 29 LYS n 
1 30 LYS n 
1 31 SER n 
1 32 GLU n 
1 33 LEU n 
1 34 LYS n 
1 35 GLU n 
1 36 LEU n 
1 37 ILE n 
1 38 ASN n 
1 39 ASN n 
1 40 GLU n 
1 41 LEU n 
1 42 SER n 
1 43 HIS n 
1 44 PHE n 
1 45 LEU n 
1 46 GLU n 
1 47 GLU n 
1 48 ILE n 
1 49 LYS n 
1 50 GLU n 
1 51 GLN n 
1 52 GLU n 
1 53 VAL n 
1 54 VAL n 
1 55 ASP n 
1 56 LYS n 
1 57 VAL n 
1 58 MET n 
1 59 GLU n 
1 60 THR n 
1 61 LEU n 
1 62 ASP n 
1 63 SER n 
1 64 ASP n 
1 65 GLY n 
1 66 ASP n 
1 67 GLY n 
1 68 GLU n 
1 69 CYS n 
1 70 ASP n 
1 71 PHE n 
1 72 GLN n 
1 73 GLU n 
1 74 PHE n 
1 75 MET n 
1 76 ALA n 
1 77 PHE n 
1 78 VAL n 
1 79 ALA n 
1 80 MET n 
1 81 ILE n 
1 82 THR n 
1 83 THR n 
1 84 ALA n 
1 85 CYS n 
1 86 HIS n 
1 87 GLU n 
1 88 PHE n 
1 89 PHE n 
1 90 GLU n 
1 91 HIS n 
1 92 GLU n 
# 
_entity_src_gen.entity_id                          1 
_entity_src_gen.pdbx_src_id                        1 
_entity_src_gen.pdbx_alt_source_flag               sample 
_entity_src_gen.pdbx_seq_type                      'Biological sequence' 
_entity_src_gen.pdbx_beg_seq_num                   1 
_entity_src_gen.pdbx_end_seq_num                   92 
_entity_src_gen.gene_src_common_name               Bovine 
_entity_src_gen.gene_src_genus                     ? 
_entity_src_gen.pdbx_gene_src_gene                 S100B 
_entity_src_gen.gene_src_species                   ? 
_entity_src_gen.gene_src_strain                    ? 
_entity_src_gen.gene_src_tissue                    ? 
_entity_src_gen.gene_src_tissue_fraction           ? 
_entity_src_gen.gene_src_details                   ? 
_entity_src_gen.pdbx_gene_src_fragment             ? 
_entity_src_gen.pdbx_gene_src_scientific_name      'Bos taurus' 
_entity_src_gen.pdbx_gene_src_ncbi_taxonomy_id     9913 
_entity_src_gen.pdbx_gene_src_variant              ? 
_entity_src_gen.pdbx_gene_src_cell_line            ? 
_entity_src_gen.pdbx_gene_src_atcc                 ? 
_entity_src_gen.pdbx_gene_src_organ                ? 
_entity_src_gen.pdbx_gene_src_organelle            ? 
_entity_src_gen.pdbx_gene_src_cell                 ? 
_entity_src_gen.pdbx_gene_src_cellular_location    ? 
_entity_src_gen.host_org_common_name               ? 
_entity_src_gen.pdbx_host_org_scientific_name      'Escherichia coli' 
_entity_src_gen.pdbx_host_org_ncbi_taxonomy_id     562 
_entity_src_gen.host_org_genus                     ? 
_entity_src_gen.pdbx_host_org_gene                 ? 
_entity_src_gen.pdbx_host_org_organ                ? 
_entity_src_gen.host_org_species                   ? 
_entity_src_gen.pdbx_host_org_tissue               ? 
_entity_src_gen.pdbx_host_org_tissue_fraction      ? 
_entity_src_gen.pdbx_host_org_strain               ? 
_entity_src_gen.pdbx_host_org_variant              ? 
_entity_src_gen.pdbx_host_org_cell_line            ? 
_entity_src_gen.pdbx_host_org_atcc                 ? 
_entity_src_gen.pdbx_host_org_culture_collection   ? 
_entity_src_gen.pdbx_host_org_cell                 ? 
_entity_src_gen.pdbx_host_org_organelle            ? 
_entity_src_gen.pdbx_host_org_cellular_location    ? 
_entity_src_gen.pdbx_host_org_vector_type          ? 
_entity_src_gen.pdbx_host_org_vector               ? 
_entity_src_gen.host_org_details                   ? 
_entity_src_gen.expression_system_id               ? 
_entity_src_gen.plasmid_name                       ? 
_entity_src_gen.plasmid_details                    ? 
_entity_src_gen.pdbx_description                   ? 
# 
loop_
_chem_comp.id 
_chem_comp.type 
_chem_comp.mon_nstd_flag 
_chem_comp.name 
_chem_comp.pdbx_synonyms 
_chem_comp.formula 
_chem_comp.formula_weight 
ALA 'L-peptide linking' y ALANINE                                                 ? 'C3 H7 N O2'     89.093  
ARG 'L-peptide linking' y ARGININE                                                ? 'C6 H15 N4 O2 1' 175.209 
ASN 'L-peptide linking' y ASPARAGINE                                              ? 'C4 H8 N2 O3'    132.118 
ASP 'L-peptide linking' y 'ASPARTIC ACID'                                         ? 'C4 H7 N O4'     133.103 
CA  non-polymer         . 'CALCIUM ION'                                           ? 'Ca 2'           40.078  
CYS 'L-peptide linking' y CYSTEINE                                                ? 'C3 H7 N O2 S'   121.158 
GLN 'L-peptide linking' y GLUTAMINE                                               ? 'C5 H10 N2 O3'   146.144 
GLU 'L-peptide linking' y 'GLUTAMIC ACID'                                         ? 'C5 H9 N O4'     147.129 
GLY 'peptide linking'   y GLYCINE                                                 ? 'C2 H5 N O2'     75.067  
HIS 'L-peptide linking' y HISTIDINE                                               ? 'C6 H10 N3 O2 1' 156.162 
HOH non-polymer         . WATER                                                   ? 'H2 O'           18.015  
ILE 'L-peptide linking' y ISOLEUCINE                                              ? 'C6 H13 N O2'    131.173 
LEU 'L-peptide linking' y LEUCINE                                                 ? 'C6 H13 N O2'    131.173 
LYS 'L-peptide linking' y LYSINE                                                  ? 'C6 H15 N2 O2 1' 147.195 
MET 'L-peptide linking' y METHIONINE                                              ? 'C5 H11 N O2 S'  149.211 
PHE 'L-peptide linking' y PHENYLALANINE                                           ? 'C9 H11 N O2'    165.189 
REV non-polymer         . '2,3-dimethoxy-5-[(1S)-1-phenylpropyl]benzene-1,4-diol' ? 'C17 H20 O4'     288.338 
SER 'L-peptide linking' y SERINE                                                  ? 'C3 H7 N O3'     105.093 
THR 'L-peptide linking' y THREONINE                                               ? 'C4 H9 N O3'     119.119 
TYR 'L-peptide linking' y TYROSINE                                                ? 'C9 H11 N O3'    181.189 
VAL 'L-peptide linking' y VALINE                                                  ? 'C5 H11 N O2'    117.146 
# 
loop_
_pdbx_poly_seq_scheme.asym_id 
_pdbx_poly_seq_scheme.entity_id 
_pdbx_poly_seq_scheme.seq_id 
_pdbx_poly_seq_scheme.mon_id 
_pdbx_poly_seq_scheme.ndb_seq_num 
_pdbx_poly_seq_scheme.pdb_seq_num 
_pdbx_poly_seq_scheme.auth_seq_num 
_pdbx_poly_seq_scheme.pdb_mon_id 
_pdbx_poly_seq_scheme.auth_mon_id 
_pdbx_poly_seq_scheme.pdb_strand_id 
_pdbx_poly_seq_scheme.pdb_ins_code 
_pdbx_poly_seq_scheme.hetero 
A 1 1  MET 1  0  0  MET MET X . n 
A 1 2  SER 2  1  1  SER SER X . n 
A 1 3  GLU 3  2  2  GLU GLU X . n 
A 1 4  LEU 4  3  3  LEU LEU X . n 
A 1 5  GLU 5  4  4  GLU GLU X . n 
A 1 6  LYS 6  5  5  LYS LYS X . n 
A 1 7  ALA 7  6  6  ALA ALA X . n 
A 1 8  VAL 8  7  7  VAL VAL X . n 
A 1 9  VAL 9  8  8  VAL VAL X . n 
A 1 10 ALA 10 9  9  ALA ALA X . n 
A 1 11 LEU 11 10 10 LEU LEU X . n 
A 1 12 ILE 12 11 11 ILE ILE X . n 
A 1 13 ASP 13 12 12 ASP ASP X . n 
A 1 14 VAL 14 13 13 VAL VAL X . n 
A 1 15 PHE 15 14 14 PHE PHE X . n 
A 1 16 HIS 16 15 15 HIS HIS X . n 
A 1 17 GLN 17 16 16 GLN GLN X . n 
A 1 18 TYR 18 17 17 TYR TYR X . n 
A 1 19 SER 19 18 18 SER SER X . n 
A 1 20 GLY 20 19 19 GLY GLY X . n 
A 1 21 ARG 21 20 20 ARG ARG X . n 
A 1 22 GLU 22 21 21 GLU GLU X . n 
A 1 23 GLY 23 22 22 GLY GLY X . n 
A 1 24 ASP 24 23 23 ASP ASP X . n 
A 1 25 LYS 25 24 24 LYS LYS X . n 
A 1 26 HIS 26 25 25 HIS HIS X . n 
A 1 27 LYS 27 26 26 LYS LYS X . n 
A 1 28 LEU 28 27 27 LEU LEU X . n 
A 1 29 LYS 29 28 28 LYS LYS X . n 
A 1 30 LYS 30 29 29 LYS LYS X . n 
A 1 31 SER 31 30 30 SER SER X . n 
A 1 32 GLU 32 31 31 GLU GLU X . n 
A 1 33 LEU 33 32 32 LEU LEU X . n 
A 1 34 LYS 34 33 33 LYS LYS X . n 
A 1 35 GLU 35 34 34 GLU GLU X . n 
A 1 36 LEU 36 35 35 LEU LEU X . n 
A 1 37 ILE 37 36 36 ILE ILE X . n 
A 1 38 ASN 38 37 37 ASN ASN X . n 
A 1 39 ASN 39 38 38 ASN ASN X . n 
A 1 40 GLU 40 39 39 GLU GLU X . n 
A 1 41 LEU 41 40 40 LEU LEU X . n 
A 1 42 SER 42 41 41 SER SER X . n 
A 1 43 HIS 43 42 42 HIS HIS X . n 
A 1 44 PHE 44 43 43 PHE PHE X . n 
A 1 45 LEU 45 44 44 LEU LEU X . n 
A 1 46 GLU 46 45 45 GLU GLU X . n 
A 1 47 GLU 47 46 46 GLU GLU X . n 
A 1 48 ILE 48 47 47 ILE ILE X . n 
A 1 49 LYS 49 48 48 LYS LYS X . n 
A 1 50 GLU 50 49 49 GLU GLU X . n 
A 1 51 GLN 51 50 50 GLN GLN X . n 
A 1 52 GLU 52 51 51 GLU GLU X . n 
A 1 53 VAL 53 52 52 VAL VAL X . n 
A 1 54 VAL 54 53 53 VAL VAL X . n 
A 1 55 ASP 55 54 54 ASP ASP X . n 
A 1 56 LYS 56 55 55 LYS LYS X . n 
A 1 57 VAL 57 56 56 VAL VAL X . n 
A 1 58 MET 58 57 57 MET MET X . n 
A 1 59 GLU 59 58 58 GLU GLU X . n 
A 1 60 THR 60 59 59 THR THR X . n 
A 1 61 LEU 61 60 60 LEU LEU X . n 
A 1 62 ASP 62 61 61 ASP ASP X . n 
A 1 63 SER 63 62 62 SER SER X . n 
A 1 64 ASP 64 63 63 ASP ASP X . n 
A 1 65 GLY 65 64 64 GLY GLY X . n 
A 1 66 ASP 66 65 65 ASP ASP X . n 
A 1 67 GLY 67 66 66 GLY GLY X . n 
A 1 68 GLU 68 67 67 GLU GLU X . n 
A 1 69 CYS 69 68 68 CYS CYS X . n 
A 1 70 ASP 70 69 69 ASP ASP X . n 
A 1 71 PHE 71 70 70 PHE PHE X . n 
A 1 72 GLN 72 71 71 GLN GLN X . n 
A 1 73 GLU 73 72 72 GLU GLU X . n 
A 1 74 PHE 74 73 73 PHE PHE X . n 
A 1 75 MET 75 74 74 MET MET X . n 
A 1 76 ALA 76 75 75 ALA ALA X . n 
A 1 77 PHE 77 76 76 PHE PHE X . n 
A 1 78 VAL 78 77 77 VAL VAL X . n 
A 1 79 ALA 79 78 78 ALA ALA X . n 
A 1 80 MET 80 79 79 MET MET X . n 
A 1 81 ILE 81 80 80 ILE ILE X . n 
A 1 82 THR 82 81 81 THR THR X . n 
A 1 83 THR 83 82 82 THR THR X . n 
A 1 84 ALA 84 83 83 ALA ALA X . n 
A 1 85 CYS 85 84 84 CYS CYS X . n 
A 1 86 HIS 86 85 85 HIS HIS X . n 
A 1 87 GLU 87 86 86 GLU GLU X . n 
A 1 88 PHE 88 87 87 PHE PHE X . n 
A 1 89 PHE 89 88 88 PHE PHE X . n 
A 1 90 GLU 90 89 89 GLU GLU X . n 
A 1 91 HIS 91 90 ?  ?   ?   X . n 
A 1 92 GLU 92 91 ?  ?   ?   X . n 
B 1 1  MET 1  0  0  MET MET A . n 
B 1 2  SER 2  1  1  SER SER A . n 
B 1 3  GLU 3  2  2  GLU GLU A . n 
B 1 4  LEU 4  3  3  LEU LEU A . n 
B 1 5  GLU 5  4  4  GLU GLU A . n 
B 1 6  LYS 6  5  5  LYS LYS A . n 
B 1 7  ALA 7  6  6  ALA ALA A . n 
B 1 8  VAL 8  7  7  VAL VAL A . n 
B 1 9  VAL 9  8  8  VAL VAL A . n 
B 1 10 ALA 10 9  9  ALA ALA A . n 
B 1 11 LEU 11 10 10 LEU LEU A . n 
B 1 12 ILE 12 11 11 ILE ILE A . n 
B 1 13 ASP 13 12 12 ASP ASP A . n 
B 1 14 VAL 14 13 13 VAL VAL A . n 
B 1 15 PHE 15 14 14 PHE PHE A . n 
B 1 16 HIS 16 15 15 HIS HIS A . n 
B 1 17 GLN 17 16 16 GLN GLN A . n 
B 1 18 TYR 18 17 17 TYR TYR A . n 
B 1 19 SER 19 18 18 SER SER A . n 
B 1 20 GLY 20 19 19 GLY GLY A . n 
B 1 21 ARG 21 20 20 ARG ARG A . n 
B 1 22 GLU 22 21 21 GLU GLU A . n 
B 1 23 GLY 23 22 22 GLY GLY A . n 
B 1 24 ASP 24 23 23 ASP ASP A . n 
B 1 25 LYS 25 24 24 LYS LYS A . n 
B 1 26 HIS 26 25 25 HIS HIS A . n 
B 1 27 LYS 27 26 26 LYS LYS A . n 
B 1 28 LEU 28 27 27 LEU LEU A . n 
B 1 29 LYS 29 28 28 LYS LYS A . n 
B 1 30 LYS 30 29 29 LYS LYS A . n 
B 1 31 SER 31 30 30 SER SER A . n 
B 1 32 GLU 32 31 31 GLU GLU A . n 
B 1 33 LEU 33 32 32 LEU LEU A . n 
B 1 34 LYS 34 33 33 LYS LYS A . n 
B 1 35 GLU 35 34 34 GLU GLU A . n 
B 1 36 LEU 36 35 35 LEU LEU A . n 
B 1 37 ILE 37 36 36 ILE ILE A . n 
B 1 38 ASN 38 37 37 ASN ASN A . n 
B 1 39 ASN 39 38 38 ASN ASN A . n 
B 1 40 GLU 40 39 39 GLU GLU A . n 
B 1 41 LEU 41 40 40 LEU LEU A . n 
B 1 42 SER 42 41 41 SER SER A . n 
B 1 43 HIS 43 42 42 HIS HIS A . n 
B 1 44 PHE 44 43 43 PHE PHE A . n 
B 1 45 LEU 45 44 44 LEU LEU A . n 
B 1 46 GLU 46 45 45 GLU GLU A . n 
B 1 47 GLU 47 46 46 GLU GLU A . n 
B 1 48 ILE 48 47 47 ILE ILE A . n 
B 1 49 LYS 49 48 48 LYS LYS A . n 
B 1 50 GLU 50 49 49 GLU GLU A . n 
B 1 51 GLN 51 50 50 GLN GLN A . n 
B 1 52 GLU 52 51 51 GLU GLU A . n 
B 1 53 VAL 53 52 52 VAL VAL A . n 
B 1 54 VAL 54 53 53 VAL VAL A . n 
B 1 55 ASP 55 54 54 ASP ASP A . n 
B 1 56 LYS 56 55 55 LYS LYS A . n 
B 1 57 VAL 57 56 56 VAL VAL A . n 
B 1 58 MET 58 57 57 MET MET A . n 
B 1 59 GLU 59 58 58 GLU GLU A . n 
B 1 60 THR 60 59 59 THR THR A . n 
B 1 61 LEU 61 60 60 LEU LEU A . n 
B 1 62 ASP 62 61 61 ASP ASP A . n 
B 1 63 SER 63 62 62 SER SER A . n 
B 1 64 ASP 64 63 63 ASP ASP A . n 
B 1 65 GLY 65 64 64 GLY GLY A . n 
B 1 66 ASP 66 65 65 ASP ASP A . n 
B 1 67 GLY 67 66 66 GLY GLY A . n 
B 1 68 GLU 68 67 67 GLU GLU A . n 
B 1 69 CYS 69 68 68 CYS CYS A . n 
B 1 70 ASP 70 69 69 ASP ASP A . n 
B 1 71 PHE 71 70 70 PHE PHE A . n 
B 1 72 GLN 72 71 71 GLN GLN A . n 
B 1 73 GLU 73 72 72 GLU GLU A . n 
B 1 74 PHE 74 73 73 PHE PHE A . n 
B 1 75 MET 75 74 74 MET MET A . n 
B 1 76 ALA 76 75 75 ALA ALA A . n 
B 1 77 PHE 77 76 76 PHE PHE A . n 
B 1 78 VAL 78 77 77 VAL VAL A . n 
B 1 79 ALA 79 78 78 ALA ALA A . n 
B 1 80 MET 80 79 79 MET MET A . n 
B 1 81 ILE 81 80 80 ILE ILE A . n 
B 1 82 THR 82 81 81 THR THR A . n 
B 1 83 THR 83 82 82 THR THR A . n 
B 1 84 ALA 84 83 83 ALA ALA A . n 
B 1 85 CYS 85 84 84 CYS CYS A . n 
B 1 86 HIS 86 85 85 HIS HIS A . n 
B 1 87 GLU 87 86 86 GLU GLU A . n 
B 1 88 PHE 88 87 87 PHE PHE A . n 
B 1 89 PHE 89 88 88 PHE PHE A . n 
B 1 90 GLU 90 89 89 GLU GLU A . n 
B 1 91 HIS 91 90 ?  ?   ?   A . n 
B 1 92 GLU 92 91 ?  ?   ?   A . n 
# 
loop_
_pdbx_nonpoly_scheme.asym_id 
_pdbx_nonpoly_scheme.entity_id 
_pdbx_nonpoly_scheme.mon_id 
_pdbx_nonpoly_scheme.ndb_seq_num 
_pdbx_nonpoly_scheme.pdb_seq_num 
_pdbx_nonpoly_scheme.auth_seq_num 
_pdbx_nonpoly_scheme.pdb_mon_id 
_pdbx_nonpoly_scheme.auth_mon_id 
_pdbx_nonpoly_scheme.pdb_strand_id 
_pdbx_nonpoly_scheme.pdb_ins_code 
C 2 REV 1  101 200 REV REV X . 
D 3 CA  1  102 1   CA  CA  X . 
E 3 CA  1  103 1   CA  CA  X . 
F 2 REV 1  101 200 REV REV A . 
G 3 CA  1  102 1   CA  CA  A . 
H 3 CA  1  103 1   CA  CA  A . 
I 4 HOH 1  201 13  HOH HOH X . 
I 4 HOH 2  202 2   HOH HOH X . 
I 4 HOH 3  203 4   HOH HOH X . 
I 4 HOH 4  204 5   HOH HOH X . 
I 4 HOH 5  205 6   HOH HOH X . 
I 4 HOH 6  206 7   HOH HOH X . 
I 4 HOH 7  207 9   HOH HOH X . 
I 4 HOH 8  208 10  HOH HOH X . 
I 4 HOH 9  209 15  HOH HOH X . 
I 4 HOH 10 210 16  HOH HOH X . 
I 4 HOH 11 211 17  HOH HOH X . 
J 4 HOH 1  201 14  HOH HOH A . 
J 4 HOH 2  202 12  HOH HOH A . 
J 4 HOH 3  203 1   HOH HOH A . 
J 4 HOH 4  204 8   HOH HOH A . 
J 4 HOH 5  205 11  HOH HOH A . 
J 4 HOH 6  206 18  HOH HOH A . 
J 4 HOH 7  207 3   HOH HOH A . 
J 4 HOH 8  208 19  HOH HOH A . 
# 
loop_
_software.citation_id 
_software.classification 
_software.compiler_name 
_software.compiler_version 
_software.contact_author 
_software.contact_author_email 
_software.date 
_software.description 
_software.dependencies 
_software.hardware 
_software.language 
_software.location 
_software.mods 
_software.name 
_software.os 
_software.os_version 
_software.type 
_software.version 
_software.pdbx_ordinal 
? 'data scaling'    . . . . . . . . . . . SCALA       . . . 3.3.20                        1 
? 'data collection' . . . . . . . . . . . Blu-Ice     . . . .                             2 
? 'data extraction' . . . . . . . . . . . PDB_EXTRACT . . . 3.14                          3 
? refinement        . . . . . . . . . . . PHENIX      . . . '(phenix.refine: 1.8.1_1168)' 4 
? 'data scaling'    . . . . . . . . . . . XDS         . . . .                             5 
# 
_cell.length_a           35.015 
_cell.length_b           58.087 
_cell.length_c           47.891 
_cell.angle_alpha        90.000 
_cell.angle_beta         111.230 
_cell.angle_gamma        90.000 
_cell.entry_id           4PE4 
_cell.Z_PDB              4 
_cell.pdbx_unique_axis   ? 
# 
_symmetry.entry_id                         4PE4 
_symmetry.cell_setting                     . 
_symmetry.Int_Tables_number                4 
_symmetry.space_group_name_Hall            . 
_symmetry.space_group_name_H-M             'P 1 21 1' 
_symmetry.pdbx_full_space_group_name_H-M   . 
# 
_exptl.absorpt_coefficient_mu     . 
_exptl.absorpt_correction_T_max   . 
_exptl.absorpt_correction_T_min   . 
_exptl.absorpt_correction_type    . 
_exptl.absorpt_process_details    . 
_exptl.entry_id                   4PE4 
_exptl.crystals_number            1 
_exptl.details                    . 
_exptl.method                     'X-RAY DIFFRACTION' 
_exptl.method_details             . 
# 
_exptl_crystal.colour                      . 
_exptl_crystal.density_diffrn              . 
_exptl_crystal.density_Matthews            2.18 
_exptl_crystal.density_method              . 
_exptl_crystal.density_percent_sol         43.57 
_exptl_crystal.description                 . 
_exptl_crystal.F_000                       . 
_exptl_crystal.id                          1 
_exptl_crystal.preparation                 . 
_exptl_crystal.size_max                    . 
_exptl_crystal.size_mid                    . 
_exptl_crystal.size_min                    . 
_exptl_crystal.size_rad                    . 
_exptl_crystal.colour_lustre               . 
_exptl_crystal.colour_modifier             . 
_exptl_crystal.colour_primary              . 
_exptl_crystal.density_meas                . 
_exptl_crystal.density_meas_esd            . 
_exptl_crystal.density_meas_gt             . 
_exptl_crystal.density_meas_lt             . 
_exptl_crystal.density_meas_temp           . 
_exptl_crystal.density_meas_temp_esd       . 
_exptl_crystal.density_meas_temp_gt        . 
_exptl_crystal.density_meas_temp_lt        . 
_exptl_crystal.pdbx_crystal_image_url      . 
_exptl_crystal.pdbx_crystal_image_format   . 
_exptl_crystal.pdbx_mosaicity              . 
_exptl_crystal.pdbx_mosaicity_esd          . 
# 
_exptl_crystal_grow.apparatus       . 
_exptl_crystal_grow.atmosphere      . 
_exptl_crystal_grow.crystal_id      1 
_exptl_crystal_grow.details         . 
_exptl_crystal_grow.method          'VAPOR DIFFUSION, SITTING DROP' 
_exptl_crystal_grow.method_ref      . 
_exptl_crystal_grow.pH              6.0 
_exptl_crystal_grow.pressure        . 
_exptl_crystal_grow.pressure_esd    . 
_exptl_crystal_grow.seeding         . 
_exptl_crystal_grow.seeding_ref     . 
_exptl_crystal_grow.temp            295 
_exptl_crystal_grow.temp_details    . 
_exptl_crystal_grow.temp_esd        . 
_exptl_crystal_grow.time            . 
_exptl_crystal_grow.pdbx_details    '40% 2-methyl-2,4-pentanediol, 0.1M Bis-Tris, 7.5mM CaCl2, 4mM SC1475' 
_exptl_crystal_grow.pdbx_pH_range   . 
# 
_diffrn.ambient_environment    . 
_diffrn.ambient_temp           100 
_diffrn.ambient_temp_details   . 
_diffrn.ambient_temp_esd       . 
_diffrn.crystal_id             1 
_diffrn.crystal_support        . 
_diffrn.crystal_treatment      . 
_diffrn.details                . 
_diffrn.id                     1 
_diffrn.ambient_pressure       . 
_diffrn.ambient_pressure_esd   . 
_diffrn.ambient_pressure_gt    . 
_diffrn.ambient_pressure_lt    . 
_diffrn.ambient_temp_gt        . 
_diffrn.ambient_temp_lt        . 
# 
_diffrn_detector.details                      . 
_diffrn_detector.detector                     PIXEL 
_diffrn_detector.diffrn_id                    1 
_diffrn_detector.type                         'PSI PILATUS 6M' 
_diffrn_detector.area_resol_mean              . 
_diffrn_detector.dtime                        . 
_diffrn_detector.pdbx_frames_total            . 
_diffrn_detector.pdbx_collection_time_total   . 
_diffrn_detector.pdbx_collection_date         2013-01-25 
# 
_diffrn_radiation.collimation                      . 
_diffrn_radiation.diffrn_id                        1 
_diffrn_radiation.filter_edge                      . 
_diffrn_radiation.inhomogeneity                    . 
_diffrn_radiation.monochromator                    . 
_diffrn_radiation.polarisn_norm                    . 
_diffrn_radiation.polarisn_ratio                   . 
_diffrn_radiation.probe                            . 
_diffrn_radiation.type                             . 
_diffrn_radiation.xray_symbol                      . 
_diffrn_radiation.wavelength_id                    1 
_diffrn_radiation.pdbx_monochromatic_or_laue_m_l   M 
_diffrn_radiation.pdbx_wavelength_list             . 
_diffrn_radiation.pdbx_wavelength                  . 
_diffrn_radiation.pdbx_diffrn_protocol             'SINGLE WAVELENGTH' 
_diffrn_radiation.pdbx_analyzer                    . 
_diffrn_radiation.pdbx_scattering_type             x-ray 
# 
_diffrn_radiation_wavelength.id           1 
_diffrn_radiation_wavelength.wavelength   0.97950 
_diffrn_radiation_wavelength.wt           1.0 
# 
_diffrn_source.current                     . 
_diffrn_source.details                     . 
_diffrn_source.diffrn_id                   1 
_diffrn_source.power                       . 
_diffrn_source.size                        . 
_diffrn_source.source                      SYNCHROTRON 
_diffrn_source.target                      . 
_diffrn_source.type                        'SSRL BEAMLINE BL12-2' 
_diffrn_source.voltage                     . 
_diffrn_source.take-off_angle              . 
_diffrn_source.pdbx_wavelength_list        0.97950 
_diffrn_source.pdbx_wavelength             . 
_diffrn_source.pdbx_synchrotron_beamline   BL12-2 
_diffrn_source.pdbx_synchrotron_site       SSRL 
# 
_reflns.B_iso_Wilson_estimate            44.030 
_reflns.entry_id                         4PE4 
_reflns.data_reduction_details           . 
_reflns.data_reduction_method            . 
_reflns.d_resolution_high                2.177 
_reflns.d_resolution_low                 35.396 
_reflns.details                          . 
_reflns.limit_h_max                      . 
_reflns.limit_h_min                      . 
_reflns.limit_k_max                      . 
_reflns.limit_k_min                      . 
_reflns.limit_l_max                      . 
_reflns.limit_l_min                      . 
_reflns.number_all                       9152 
_reflns.number_obs                       9152 
_reflns.observed_criterion               . 
_reflns.observed_criterion_F_max         . 
_reflns.observed_criterion_F_min         . 
_reflns.observed_criterion_I_max         . 
_reflns.observed_criterion_I_min         . 
_reflns.observed_criterion_sigma_F       . 
_reflns.observed_criterion_sigma_I       . 
_reflns.percent_possible_obs             96.700 
_reflns.R_free_details                   . 
_reflns.Rmerge_F_all                     . 
_reflns.Rmerge_F_obs                     . 
_reflns.Friedel_coverage                 . 
_reflns.number_gt                        . 
_reflns.threshold_expression             . 
_reflns.pdbx_redundancy                  3.400 
_reflns.pdbx_Rmerge_I_obs                . 
_reflns.pdbx_Rmerge_I_all                . 
_reflns.pdbx_Rsym_value                  0.051 
_reflns.pdbx_netI_over_av_sigmaI         7.880 
_reflns.pdbx_netI_over_sigmaI            11.600 
_reflns.pdbx_res_netI_over_av_sigmaI_2   . 
_reflns.pdbx_res_netI_over_sigmaI_2      . 
_reflns.pdbx_chi_squared                 . 
_reflns.pdbx_scaling_rejects             . 
_reflns.pdbx_d_res_high_opt              . 
_reflns.pdbx_d_res_low_opt               . 
_reflns.pdbx_d_res_opt_method            . 
_reflns.phase_calculation_details        . 
_reflns.pdbx_Rrim_I_all                  0.061 
_reflns.pdbx_Rpim_I_all                  0.033 
_reflns.pdbx_d_opt                       . 
_reflns.pdbx_number_measured_all         30768 
_reflns.pdbx_diffrn_id                   1 
_reflns.pdbx_ordinal                     1 
# 
loop_
_reflns_shell.d_res_high 
_reflns_shell.d_res_low 
_reflns_shell.meanI_over_sigI_all 
_reflns_shell.meanI_over_sigI_obs 
_reflns_shell.number_measured_all 
_reflns_shell.number_measured_obs 
_reflns_shell.number_possible 
_reflns_shell.number_unique_all 
_reflns_shell.number_unique_obs 
_reflns_shell.percent_possible_all 
_reflns_shell.percent_possible_obs 
_reflns_shell.Rmerge_F_all 
_reflns_shell.Rmerge_F_obs 
_reflns_shell.Rmerge_I_all 
_reflns_shell.Rmerge_I_obs 
_reflns_shell.meanI_over_sigI_gt 
_reflns_shell.meanI_over_uI_all 
_reflns_shell.meanI_over_uI_gt 
_reflns_shell.number_measured_gt 
_reflns_shell.number_unique_gt 
_reflns_shell.percent_possible_gt 
_reflns_shell.Rmerge_F_gt 
_reflns_shell.Rmerge_I_gt 
_reflns_shell.pdbx_redundancy 
_reflns_shell.pdbx_Rsym_value 
_reflns_shell.pdbx_chi_squared 
_reflns_shell.pdbx_netI_over_sigmaI_all 
_reflns_shell.pdbx_netI_over_sigmaI_obs 
_reflns_shell.pdbx_Rrim_I_all 
_reflns_shell.pdbx_Rpim_I_all 
_reflns_shell.pdbx_rejects 
_reflns_shell.pdbx_ordinal 
_reflns_shell.pdbx_diffrn_id 
2.180 2.300  . 1.700  4167 . . 1259 . 91.700 . . . . 0.461 . . . . . . . . 3.300 0.461 . . 2.300  . 0.292 0 1  1 
2.300 2.430  . 2.600  4453 . . 1269 . 98.600 . . . . 0.292 . . . . . . . . 3.500 0.292 . . 3.500  . 0.183 0 2  1 
2.430 2.600  . 3.900  4160 . . 1215 . 98.500 . . . . 0.195 . . . . . . . . 3.400 0.195 . . 5.100  . 0.124 0 3  1 
2.600 2.810  . 5.500  3559 . . 1088 . 95.900 . . . . 0.132 . . . . . . . . 3.300 0.132 . . 7.500  . 0.086 0 4  1 
2.810 3.080  . 8.500  3575 . . 1029 . 98.600 . . . . 0.088 . . . . . . . . 3.500 0.088 . . 11.000 . 0.056 0 5  1 
3.080 3.440  . 11.700 3279 . . 948  . 98.400 . . . . 0.060 . . . . . . . . 3.500 0.060 . . 15.300 . 0.038 0 6  1 
3.440 3.980  . 14.000 2661 . . 823  . 97.000 . . . . 0.044 . . . . . . . . 3.200 0.044 . . 21.700 . 0.029 0 7  1 
3.980 4.870  . 15.100 2176 . . 673  . 95.700 . . . . 0.038 . . . . . . . . 3.200 0.038 . . 26.200 . 0.025 0 8  1 
4.870 6.890  . 17.100 1791 . . 551  . 98.000 . . . . 0.034 . . . . . . . . 3.300 0.034 . . 24.700 . 0.022 0 9  1 
6.890 35.396 . 17.100 947  . . 297  . 95.200 . . . . 0.030 . . . . . . . . 3.200 0.030 . . 30.800 . 0.019 0 10 1 
# 
_refine.aniso_B[1][1]                            . 
_refine.aniso_B[1][2]                            . 
_refine.aniso_B[1][3]                            . 
_refine.aniso_B[2][2]                            . 
_refine.aniso_B[2][3]                            . 
_refine.aniso_B[3][3]                            . 
_refine.B_iso_max                                104.540 
_refine.B_iso_mean                               48.7303 
_refine.B_iso_min                                23.880 
_refine.correlation_coeff_Fo_to_Fc               . 
_refine.correlation_coeff_Fo_to_Fc_free          . 
_refine.details                                  . 
_refine.diff_density_max                         . 
_refine.diff_density_max_esd                     . 
_refine.diff_density_min                         . 
_refine.diff_density_min_esd                     . 
_refine.diff_density_rms                         . 
_refine.diff_density_rms_esd                     . 
_refine.entry_id                                 4PE4 
_refine.pdbx_refine_id                           'X-RAY DIFFRACTION' 
_refine.ls_abs_structure_details                 . 
_refine.ls_abs_structure_Flack                   . 
_refine.ls_abs_structure_Flack_esd               . 
_refine.ls_abs_structure_Rogers                  . 
_refine.ls_abs_structure_Rogers_esd              . 
_refine.ls_d_res_high                            2.1780 
_refine.ls_d_res_low                             35.3960 
_refine.ls_extinction_coef                       . 
_refine.ls_extinction_coef_esd                   . 
_refine.ls_extinction_expression                 . 
_refine.ls_extinction_method                     . 
_refine.ls_goodness_of_fit_all                   . 
_refine.ls_goodness_of_fit_all_esd               . 
_refine.ls_goodness_of_fit_obs                   . 
_refine.ls_goodness_of_fit_obs_esd               . 
_refine.ls_hydrogen_treatment                    . 
_refine.ls_matrix_type                           . 
_refine.ls_number_constraints                    . 
_refine.ls_number_parameters                     . 
_refine.ls_number_reflns_all                     . 
_refine.ls_number_reflns_obs                     9113 
_refine.ls_number_reflns_R_free                  935 
_refine.ls_number_reflns_R_work                  8178 
_refine.ls_number_restraints                     . 
_refine.ls_percent_reflns_obs                    96.5400 
_refine.ls_percent_reflns_R_free                 10.2600 
_refine.ls_R_factor_all                          . 
_refine.ls_R_factor_obs                          0.2133 
_refine.ls_R_factor_R_free                       0.2514 
_refine.ls_R_factor_R_free_error                 . 
_refine.ls_R_factor_R_free_error_details         . 
_refine.ls_R_factor_R_work                       0.2087 
_refine.ls_R_Fsqd_factor_obs                     . 
_refine.ls_R_I_factor_obs                        . 
_refine.ls_redundancy_reflns_all                 . 
_refine.ls_redundancy_reflns_obs                 . 
_refine.ls_restrained_S_all                      . 
_refine.ls_restrained_S_obs                      . 
_refine.ls_shift_over_esd_max                    . 
_refine.ls_shift_over_esd_mean                   . 
_refine.ls_structure_factor_coef                 . 
_refine.ls_weighting_details                     . 
_refine.ls_weighting_scheme                      . 
_refine.ls_wR_factor_all                         . 
_refine.ls_wR_factor_obs                         . 
_refine.ls_wR_factor_R_free                      . 
_refine.ls_wR_factor_R_work                      . 
_refine.occupancy_max                            . 
_refine.occupancy_min                            . 
_refine.overall_SU_B                             . 
_refine.overall_SU_ML                            0.3300 
_refine.overall_SU_R_Cruickshank_DPI             . 
_refine.overall_SU_R_free                        . 
_refine.overall_FOM_free_R_set                   . 
_refine.overall_FOM_work_R_set                   . 
_refine.solvent_model_details                    'FLAT BULK SOLVENT MODEL' 
_refine.solvent_model_param_bsol                 . 
_refine.solvent_model_param_ksol                 . 
_refine.ls_R_factor_gt                           . 
_refine.ls_goodness_of_fit_gt                    . 
_refine.ls_goodness_of_fit_ref                   . 
_refine.ls_shift_over_su_max                     . 
_refine.ls_shift_over_su_max_lt                  . 
_refine.ls_shift_over_su_mean                    . 
_refine.ls_shift_over_su_mean_lt                 . 
_refine.pdbx_ls_sigma_I                          . 
_refine.pdbx_ls_sigma_F                          1.340 
_refine.pdbx_ls_sigma_Fsqd                       . 
_refine.pdbx_data_cutoff_high_absF               . 
_refine.pdbx_data_cutoff_high_rms_absF           . 
_refine.pdbx_data_cutoff_low_absF                . 
_refine.pdbx_isotropic_thermal_model             . 
_refine.pdbx_ls_cross_valid_method               'FREE R-VALUE' 
_refine.pdbx_method_to_determine_struct          . 
_refine.pdbx_starting_model                      . 
_refine.pdbx_stereochemistry_target_values       ML 
_refine.pdbx_R_Free_selection_details            . 
_refine.pdbx_stereochem_target_val_spec_case     . 
_refine.pdbx_overall_ESU_R                       . 
_refine.pdbx_overall_ESU_R_Free                  . 
_refine.pdbx_solvent_vdw_probe_radii             1.1100 
_refine.pdbx_solvent_ion_probe_radii             . 
_refine.pdbx_solvent_shrinkage_radii             0.9000 
_refine.pdbx_real_space_R                        . 
_refine.pdbx_density_correlation                 . 
_refine.pdbx_pd_number_of_powder_patterns        . 
_refine.pdbx_pd_number_of_points                 . 
_refine.pdbx_pd_meas_number_of_points            . 
_refine.pdbx_pd_proc_ls_prof_R_factor            . 
_refine.pdbx_pd_proc_ls_prof_wR_factor           . 
_refine.pdbx_pd_Marquardt_correlation_coeff      . 
_refine.pdbx_pd_Fsqrd_R_factor                   . 
_refine.pdbx_pd_ls_matrix_band_width             . 
_refine.pdbx_overall_phase_error                 34.6700 
_refine.pdbx_overall_SU_R_free_Cruickshank_DPI   . 
_refine.pdbx_overall_SU_R_free_Blow_DPI          . 
_refine.pdbx_overall_SU_R_Blow_DPI               . 
_refine.pdbx_TLS_residual_ADP_flag               . 
_refine.pdbx_diffrn_id                           1 
# 
_refine_hist.cycle_id                         final 
_refine_hist.pdbx_refine_id                   'X-RAY DIFFRACTION' 
_refine_hist.d_res_high                       2.1780 
_refine_hist.d_res_low                        35.3960 
_refine_hist.pdbx_number_atoms_ligand         46 
_refine_hist.number_atoms_solvent             19 
_refine_hist.number_atoms_total               1519 
_refine_hist.pdbx_number_residues_total       180 
_refine_hist.pdbx_B_iso_mean_ligand           71.95 
_refine_hist.pdbx_B_iso_mean_solvent          48.65 
_refine_hist.pdbx_number_atoms_protein        1454 
_refine_hist.pdbx_number_atoms_nucleic_acid   0 
# 
loop_
_refine_ls_restr.pdbx_refine_id 
_refine_ls_restr.criterion 
_refine_ls_restr.dev_ideal 
_refine_ls_restr.dev_ideal_target 
_refine_ls_restr.number 
_refine_ls_restr.rejects 
_refine_ls_restr.type 
_refine_ls_restr.weight 
_refine_ls_restr.pdbx_restraint_function 
'X-RAY DIFFRACTION' . 0.013  . 1548 . f_bond_d           . . 
'X-RAY DIFFRACTION' . 1.304  . 2108 . f_angle_d          . . 
'X-RAY DIFFRACTION' . 0.070  . 216  . f_chiral_restr     . . 
'X-RAY DIFFRACTION' . 0.003  . 262  . f_plane_restr      . . 
'X-RAY DIFFRACTION' . 16.825 . 580  . f_dihedral_angle_d . . 
# 
loop_
_refine_ls_restr_ncs.pdbx_ordinal 
_refine_ls_restr_ncs.pdbx_refine_id 
_refine_ls_restr_ncs.pdbx_ens_id 
_refine_ls_restr_ncs.dom_id 
_refine_ls_restr_ncs.pdbx_type 
_refine_ls_restr_ncs.pdbx_auth_asym_id 
_refine_ls_restr_ncs.pdbx_number 
_refine_ls_restr_ncs.rms_dev_position 
_refine_ls_restr_ncs.weight_position 
_refine_ls_restr_ncs.ncs_model_details 
_refine_ls_restr_ncs.rms_dev_B_iso 
_refine_ls_restr_ncs.weight_B_iso 
_refine_ls_restr_ncs.pdbx_asym_id 
_refine_ls_restr_ncs.pdbx_rms 
_refine_ls_restr_ncs.pdbx_weight 
1 'X-RAY DIFFRACTION' 1 1 POSITIONAL X 727 0.034 ? ? ? ? ? ? ? 
2 'X-RAY DIFFRACTION' 1 2 POSITIONAL A 727 0.034 ? ? ? ? ? ? ? 
# 
loop_
_refine_ls_shell.pdbx_refine_id 
_refine_ls_shell.d_res_high 
_refine_ls_shell.d_res_low 
_refine_ls_shell.number_reflns_all 
_refine_ls_shell.number_reflns_obs 
_refine_ls_shell.number_reflns_R_free 
_refine_ls_shell.number_reflns_R_work 
_refine_ls_shell.percent_reflns_obs 
_refine_ls_shell.percent_reflns_R_free 
_refine_ls_shell.R_factor_all 
_refine_ls_shell.R_factor_obs 
_refine_ls_shell.R_factor_R_free 
_refine_ls_shell.R_factor_R_free_error 
_refine_ls_shell.R_factor_R_work 
_refine_ls_shell.redundancy_reflns_all 
_refine_ls_shell.redundancy_reflns_obs 
_refine_ls_shell.wR_factor_all 
_refine_ls_shell.wR_factor_obs 
_refine_ls_shell.wR_factor_R_free 
_refine_ls_shell.wR_factor_R_work 
_refine_ls_shell.pdbx_total_number_of_bins_used 
_refine_ls_shell.pdbx_phase_error 
'X-RAY DIFFRACTION' 2.1784 2.2933  1235 . 125 1110 93.0000 . . . 0.4309 . 0.3162 . . . . . . 7 . 
'X-RAY DIFFRACTION' 2.2933 2.4369  1302 . 135 1167 98.0000 . . . 0.3306 . 0.2639 . . . . . . 7 . 
'X-RAY DIFFRACTION' 2.4369 2.6250  1313 . 133 1180 98.0000 . . . 0.3029 . 0.2340 . . . . . . 7 . 
'X-RAY DIFFRACTION' 2.6250 2.8891  1293 . 133 1160 95.0000 . . . 0.3386 . 0.2318 . . . . . . 7 . 
'X-RAY DIFFRACTION' 2.8891 3.3069  1321 . 137 1184 99.0000 . . . 0.2868 . 0.2190 . . . . . . 7 . 
'X-RAY DIFFRACTION' 3.3069 4.1653  1300 . 132 1168 96.0000 . . . 0.2157 . 0.1946 . . . . . . 7 . 
'X-RAY DIFFRACTION' 4.1653 35.4010 1349 . 140 1209 97.0000 . . . 0.2066 . 0.1858 . . . . . . 7 . 
# 
loop_
_struct_ncs_dom.pdbx_ens_id 
_struct_ncs_dom.id 
_struct_ncs_dom.details 
1 1 'chain X and (resseq 0:89 )' 
1 2 'chain A and (resseq 0:89 )' 
# 
loop_
_struct_ncs_dom_lim.pdbx_ens_id 
_struct_ncs_dom_lim.dom_id 
_struct_ncs_dom_lim.pdbx_component_id 
_struct_ncs_dom_lim.beg_label_asym_id 
_struct_ncs_dom_lim.beg_label_comp_id 
_struct_ncs_dom_lim.beg_label_seq_id 
_struct_ncs_dom_lim.beg_label_alt_id 
_struct_ncs_dom_lim.end_label_asym_id 
_struct_ncs_dom_lim.end_label_comp_id 
_struct_ncs_dom_lim.end_label_seq_id 
_struct_ncs_dom_lim.end_label_alt_id 
_struct_ncs_dom_lim.beg_auth_asym_id 
_struct_ncs_dom_lim.beg_auth_comp_id 
_struct_ncs_dom_lim.beg_auth_seq_id 
_struct_ncs_dom_lim.end_auth_asym_id 
_struct_ncs_dom_lim.end_auth_comp_id 
_struct_ncs_dom_lim.end_auth_seq_id 
_struct_ncs_dom_lim.pdbx_refine_code 
_struct_ncs_dom_lim.selection_details 
1 1 1 A MET 1 . A GLU 90 . X MET 0 X GLU 89 ? 'chain X and (resseq 0:89 )' 
1 2 1 B MET 1 . B GLU 90 . A MET 0 A GLU 89 ? 'chain A and (resseq 0:89 )' 
# 
_struct_ncs_ens.id        1 
_struct_ncs_ens.details   ? 
# 
_struct.entry_id                     4PE4 
_struct.title                        'Crystal Structure of Calcium-loaded S100B bound to SC1475' 
_struct.pdbx_model_details           . 
_struct.pdbx_formula_weight          . 
_struct.pdbx_formula_weight_method   . 
_struct.pdbx_model_type_details      . 
_struct.pdbx_CASP_flag               . 
# 
_struct_keywords.entry_id        4PE4 
_struct_keywords.text            
'malignant melanoma, calcium binding, complex, covalent inhibitor, METAL BINDING PROTEIN-INHIBITOR complex' 
_struct_keywords.pdbx_keywords   'METAL BINDING PROTEIN/INHIBITOR' 
# 
loop_
_struct_asym.id 
_struct_asym.pdbx_blank_PDB_chainid_flag 
_struct_asym.pdbx_modified 
_struct_asym.entity_id 
_struct_asym.details 
A N N 1 ? 
B N N 1 ? 
C N N 2 ? 
D N N 3 ? 
E N N 3 ? 
F N N 2 ? 
G N N 3 ? 
H N N 3 ? 
I N N 4 ? 
J N N 4 ? 
# 
_struct_ref.db_code                    S100B_BOVIN 
_struct_ref.db_name                    UNP 
_struct_ref.details                    ? 
_struct_ref.entity_id                  1 
_struct_ref.id                         1 
_struct_ref.seq_align                  ? 
_struct_ref.seq_dif                    ? 
_struct_ref.pdbx_db_accession          P02638 
_struct_ref.pdbx_seq_one_letter_code   
;MSELEKAVVALIDVFHQYSGREGDKHKLKKSELKELINNELSHFLEEIKEQEVVDKVMETLDSDGDGECDFQEFMAFVAM
ITTACHEFFEHE
;
_struct_ref.pdbx_align_begin           1 
_struct_ref.pdbx_align_end             ? 
_struct_ref.pdbx_db_isoform            ? 
# 
loop_
_struct_ref_seq.align_id 
_struct_ref_seq.ref_id 
_struct_ref_seq.pdbx_PDB_id_code 
_struct_ref_seq.pdbx_strand_id 
_struct_ref_seq.seq_align_beg 
_struct_ref_seq.pdbx_seq_align_beg_ins_code 
_struct_ref_seq.seq_align_end 
_struct_ref_seq.pdbx_seq_align_end_ins_code 
_struct_ref_seq.pdbx_db_accession 
_struct_ref_seq.db_align_beg 
_struct_ref_seq.pdbx_db_align_beg_ins_code 
_struct_ref_seq.db_align_end 
_struct_ref_seq.pdbx_db_align_end_ins_code 
_struct_ref_seq.pdbx_auth_seq_align_beg 
_struct_ref_seq.pdbx_auth_seq_align_end 
1 1 4PE4 X 1 ? 92 ? P02638 1 ? 92 ? 0 91 
2 1 4PE4 A 1 ? 92 ? P02638 1 ? 92 ? 0 91 
# 
_pdbx_struct_assembly.id                   1 
_pdbx_struct_assembly.details              author_and_software_defined_assembly 
_pdbx_struct_assembly.method_details       PISA 
_pdbx_struct_assembly.oligomeric_details   dimeric 
_pdbx_struct_assembly.oligomeric_count     2 
# 
loop_
_pdbx_struct_assembly_prop.biol_id 
_pdbx_struct_assembly_prop.type 
_pdbx_struct_assembly_prop.value 
_pdbx_struct_assembly_prop.details 
1 'ABSA (A^2)' 3190 ? 
1 MORE         -66  ? 
1 'SSA (A^2)'  9670 ? 
# 
_pdbx_struct_assembly_gen.assembly_id       1 
_pdbx_struct_assembly_gen.oper_expression   1 
_pdbx_struct_assembly_gen.asym_id_list      A,B,C,D,E,F,G,H,I,J 
# 
_pdbx_struct_oper_list.id                   1 
_pdbx_struct_oper_list.type                 'identity operation' 
_pdbx_struct_oper_list.name                 1_555 
_pdbx_struct_oper_list.symmetry_operation   x,y,z 
_pdbx_struct_oper_list.matrix[1][1]         1.0000000000 
_pdbx_struct_oper_list.matrix[1][2]         0.0000000000 
_pdbx_struct_oper_list.matrix[1][3]         0.0000000000 
_pdbx_struct_oper_list.vector[1]            0.0000000000 
_pdbx_struct_oper_list.matrix[2][1]         0.0000000000 
_pdbx_struct_oper_list.matrix[2][2]         1.0000000000 
_pdbx_struct_oper_list.matrix[2][3]         0.0000000000 
_pdbx_struct_oper_list.vector[2]            0.0000000000 
_pdbx_struct_oper_list.matrix[3][1]         0.0000000000 
_pdbx_struct_oper_list.matrix[3][2]         0.0000000000 
_pdbx_struct_oper_list.matrix[3][3]         1.0000000000 
_pdbx_struct_oper_list.vector[3]            0.0000000000 
# 
loop_
_struct_conf.conf_type_id 
_struct_conf.id 
_struct_conf.pdbx_PDB_helix_id 
_struct_conf.beg_label_comp_id 
_struct_conf.beg_label_asym_id 
_struct_conf.beg_label_seq_id 
_struct_conf.pdbx_beg_PDB_ins_code 
_struct_conf.end_label_comp_id 
_struct_conf.end_label_asym_id 
_struct_conf.end_label_seq_id 
_struct_conf.pdbx_end_PDB_ins_code 
_struct_conf.beg_auth_comp_id 
_struct_conf.beg_auth_asym_id 
_struct_conf.beg_auth_seq_id 
_struct_conf.end_auth_comp_id 
_struct_conf.end_auth_asym_id 
_struct_conf.end_auth_seq_id 
_struct_conf.pdbx_PDB_helix_class 
_struct_conf.details 
_struct_conf.pdbx_PDB_helix_length 
HELX_P HELX_P1 AA1 SER A 2  ? GLY A 20 ? SER X 1  GLY X 19 1 ? 19 
HELX_P HELX_P2 AA2 LYS A 29 ? LEU A 41 ? LYS X 28 LEU X 40 1 ? 13 
HELX_P HELX_P3 AA3 GLU A 50 ? ASP A 62 ? GLU X 49 ASP X 61 1 ? 13 
HELX_P HELX_P4 AA4 ASP A 70 ? PHE A 89 ? ASP X 69 PHE X 88 1 ? 20 
HELX_P HELX_P5 AA5 SER B 2  ? GLY B 20 ? SER A 1  GLY A 19 1 ? 19 
HELX_P HELX_P6 AA6 LYS B 29 ? LEU B 41 ? LYS A 28 LEU A 40 1 ? 13 
HELX_P HELX_P7 AA7 GLU B 50 ? ASP B 62 ? GLU A 49 ASP A 61 1 ? 13 
HELX_P HELX_P8 AA8 ASP B 70 ? PHE B 89 ? ASP A 69 PHE A 88 1 ? 20 
# 
_struct_conf_type.id          HELX_P 
_struct_conf_type.criteria    ? 
_struct_conf_type.reference   ? 
# 
loop_
_struct_conn.id 
_struct_conn.conn_type_id 
_struct_conn.pdbx_leaving_atom_flag 
_struct_conn.pdbx_PDB_id 
_struct_conn.ptnr1_label_asym_id 
_struct_conn.ptnr1_label_comp_id 
_struct_conn.ptnr1_label_seq_id 
_struct_conn.ptnr1_label_atom_id 
_struct_conn.pdbx_ptnr1_label_alt_id 
_struct_conn.pdbx_ptnr1_PDB_ins_code 
_struct_conn.pdbx_ptnr1_standard_comp_id 
_struct_conn.ptnr1_symmetry 
_struct_conn.ptnr2_label_asym_id 
_struct_conn.ptnr2_label_comp_id 
_struct_conn.ptnr2_label_seq_id 
_struct_conn.ptnr2_label_atom_id 
_struct_conn.pdbx_ptnr2_label_alt_id 
_struct_conn.pdbx_ptnr2_PDB_ins_code 
_struct_conn.ptnr1_auth_asym_id 
_struct_conn.ptnr1_auth_comp_id 
_struct_conn.ptnr1_auth_seq_id 
_struct_conn.ptnr2_auth_asym_id 
_struct_conn.ptnr2_auth_comp_id 
_struct_conn.ptnr2_auth_seq_id 
_struct_conn.ptnr2_symmetry 
_struct_conn.pdbx_ptnr3_label_atom_id 
_struct_conn.pdbx_ptnr3_label_seq_id 
_struct_conn.pdbx_ptnr3_label_comp_id 
_struct_conn.pdbx_ptnr3_label_asym_id 
_struct_conn.pdbx_ptnr3_label_alt_id 
_struct_conn.pdbx_ptnr3_PDB_ins_code 
_struct_conn.details 
_struct_conn.pdbx_dist_value 
_struct_conn.pdbx_value_order 
_struct_conn.pdbx_role 
covale1  covale none ? A CYS 85 SG  ? ? ? 1_555 C REV . C03 ? ? X CYS 84  X REV 101 1_555 ? ? ? ? ? ? ? 1.847 ? ? 
covale2  covale none ? B CYS 85 SG  ? ? ? 1_555 F REV . C03 ? ? A CYS 84  A REV 101 1_555 ? ? ? ? ? ? ? 1.863 ? ? 
metalc1  metalc ?    ? A SER 19 O   ? ? ? 1_555 D CA  . CA  ? ? X SER 18  X CA  102 1_555 ? ? ? ? ? ? ? 2.393 ? ? 
metalc2  metalc ?    ? A GLU 22 O   ? ? ? 1_555 D CA  . CA  ? ? X GLU 21  X CA  102 1_555 ? ? ? ? ? ? ? 2.526 ? ? 
metalc3  metalc ?    ? A ASP 24 O   ? ? ? 1_555 D CA  . CA  ? ? X ASP 23  X CA  102 1_555 ? ? ? ? ? ? ? 2.458 ? ? 
metalc4  metalc ?    ? A LYS 27 O   ? ? ? 1_555 D CA  . CA  ? ? X LYS 26  X CA  102 1_555 ? ? ? ? ? ? ? 2.352 ? ? 
metalc5  metalc ?    ? A GLU 32 OE1 ? ? ? 1_555 D CA  . CA  ? ? X GLU 31  X CA  102 1_555 ? ? ? ? ? ? ? 2.432 ? ? 
metalc6  metalc ?    ? A GLU 32 OE2 ? ? ? 1_555 D CA  . CA  ? ? X GLU 31  X CA  102 1_555 ? ? ? ? ? ? ? 2.426 ? ? 
metalc7  metalc ?    ? A ASP 62 OD1 ? ? ? 1_555 E CA  . CA  ? ? X ASP 61  X CA  103 1_555 ? ? ? ? ? ? ? 2.328 ? ? 
metalc8  metalc ?    ? A ASP 64 OD1 ? ? ? 1_555 E CA  . CA  ? ? X ASP 63  X CA  103 1_555 ? ? ? ? ? ? ? 2.348 ? ? 
metalc9  metalc ?    ? A ASP 66 OD1 ? ? ? 1_555 E CA  . CA  ? ? X ASP 65  X CA  103 1_555 ? ? ? ? ? ? ? 2.380 ? ? 
metalc10 metalc ?    ? A GLU 68 O   ? ? ? 1_555 E CA  . CA  ? ? X GLU 67  X CA  103 1_555 ? ? ? ? ? ? ? 2.326 ? ? 
metalc11 metalc ?    ? A GLU 73 OE1 ? ? ? 1_555 E CA  . CA  ? ? X GLU 72  X CA  103 1_555 ? ? ? ? ? ? ? 2.429 ? ? 
metalc12 metalc ?    ? A GLU 73 OE2 ? ? ? 1_555 E CA  . CA  ? ? X GLU 72  X CA  103 1_555 ? ? ? ? ? ? ? 2.417 ? ? 
metalc13 metalc ?    ? D CA  .  CA  ? ? ? 1_555 I HOH . O   ? ? X CA  102 X HOH 203 1_555 ? ? ? ? ? ? ? 2.713 ? ? 
metalc14 metalc ?    ? E CA  .  CA  ? ? ? 1_555 I HOH . O   ? ? X CA  103 X HOH 202 1_555 ? ? ? ? ? ? ? 2.297 ? ? 
metalc15 metalc ?    ? B SER 19 O   ? ? ? 1_555 H CA  . CA  ? ? A SER 18  A CA  103 1_555 ? ? ? ? ? ? ? 2.364 ? ? 
metalc16 metalc ?    ? B GLU 22 O   ? ? ? 1_555 H CA  . CA  ? ? A GLU 21  A CA  103 1_555 ? ? ? ? ? ? ? 2.500 ? ? 
metalc17 metalc ?    ? B ASP 24 O   ? ? ? 1_555 H CA  . CA  ? ? A ASP 23  A CA  103 1_555 ? ? ? ? ? ? ? 2.535 ? ? 
metalc18 metalc ?    ? B LYS 27 O   ? ? ? 1_555 H CA  . CA  ? ? A LYS 26  A CA  103 1_555 ? ? ? ? ? ? ? 2.358 ? ? 
metalc19 metalc ?    ? B GLU 32 OE1 ? ? ? 1_555 H CA  . CA  ? ? A GLU 31  A CA  103 1_555 ? ? ? ? ? ? ? 2.379 ? ? 
metalc20 metalc ?    ? B GLU 32 OE2 ? ? ? 1_555 H CA  . CA  ? ? A GLU 31  A CA  103 1_555 ? ? ? ? ? ? ? 2.378 ? ? 
metalc21 metalc ?    ? B ASP 62 OD1 ? ? ? 1_555 G CA  . CA  ? ? A ASP 61  A CA  102 1_555 ? ? ? ? ? ? ? 2.355 ? ? 
metalc22 metalc ?    ? B ASP 64 OD1 ? ? ? 1_555 G CA  . CA  ? ? A ASP 63  A CA  102 1_555 ? ? ? ? ? ? ? 2.291 ? ? 
metalc23 metalc ?    ? B ASP 66 OD1 ? ? ? 1_555 G CA  . CA  ? ? A ASP 65  A CA  102 1_555 ? ? ? ? ? ? ? 2.334 ? ? 
metalc24 metalc ?    ? B GLU 68 O   ? ? ? 1_555 G CA  . CA  ? ? A GLU 67  A CA  102 1_555 ? ? ? ? ? ? ? 2.428 ? ? 
metalc25 metalc ?    ? B GLU 73 OE1 ? ? ? 1_555 G CA  . CA  ? ? A GLU 72  A CA  102 1_555 ? ? ? ? ? ? ? 2.471 ? ? 
metalc26 metalc ?    ? B GLU 73 OE2 ? ? ? 1_555 G CA  . CA  ? ? A GLU 72  A CA  102 1_555 ? ? ? ? ? ? ? 2.484 ? ? 
metalc27 metalc ?    ? G CA  .  CA  ? ? ? 1_555 J HOH . O   ? ? A CA  102 A HOH 208 1_555 ? ? ? ? ? ? ? 2.834 ? ? 
metalc28 metalc ?    ? H CA  .  CA  ? ? ? 1_555 J HOH . O   ? ? A CA  103 A HOH 203 1_555 ? ? ? ? ? ? ? 2.435 ? ? 
# 
loop_
_struct_conn_type.id 
_struct_conn_type.criteria 
_struct_conn_type.reference 
covale ? ? 
metalc ? ? 
# 
loop_
_pdbx_struct_conn_angle.id 
_pdbx_struct_conn_angle.ptnr1_label_atom_id 
_pdbx_struct_conn_angle.ptnr1_label_alt_id 
_pdbx_struct_conn_angle.ptnr1_label_asym_id 
_pdbx_struct_conn_angle.ptnr1_label_comp_id 
_pdbx_struct_conn_angle.ptnr1_label_seq_id 
_pdbx_struct_conn_angle.ptnr1_auth_atom_id 
_pdbx_struct_conn_angle.ptnr1_auth_asym_id 
_pdbx_struct_conn_angle.ptnr1_auth_comp_id 
_pdbx_struct_conn_angle.ptnr1_auth_seq_id 
_pdbx_struct_conn_angle.ptnr1_PDB_ins_code 
_pdbx_struct_conn_angle.ptnr1_symmetry 
_pdbx_struct_conn_angle.ptnr2_label_atom_id 
_pdbx_struct_conn_angle.ptnr2_label_alt_id 
_pdbx_struct_conn_angle.ptnr2_label_asym_id 
_pdbx_struct_conn_angle.ptnr2_label_comp_id 
_pdbx_struct_conn_angle.ptnr2_label_seq_id 
_pdbx_struct_conn_angle.ptnr2_auth_atom_id 
_pdbx_struct_conn_angle.ptnr2_auth_asym_id 
_pdbx_struct_conn_angle.ptnr2_auth_comp_id 
_pdbx_struct_conn_angle.ptnr2_auth_seq_id 
_pdbx_struct_conn_angle.ptnr2_PDB_ins_code 
_pdbx_struct_conn_angle.ptnr2_symmetry 
_pdbx_struct_conn_angle.ptnr3_label_atom_id 
_pdbx_struct_conn_angle.ptnr3_label_alt_id 
_pdbx_struct_conn_angle.ptnr3_label_asym_id 
_pdbx_struct_conn_angle.ptnr3_label_comp_id 
_pdbx_struct_conn_angle.ptnr3_label_seq_id 
_pdbx_struct_conn_angle.ptnr3_auth_atom_id 
_pdbx_struct_conn_angle.ptnr3_auth_asym_id 
_pdbx_struct_conn_angle.ptnr3_auth_comp_id 
_pdbx_struct_conn_angle.ptnr3_auth_seq_id 
_pdbx_struct_conn_angle.ptnr3_PDB_ins_code 
_pdbx_struct_conn_angle.ptnr3_symmetry 
_pdbx_struct_conn_angle.value 
_pdbx_struct_conn_angle.value_esd 
1  O   ? A SER 19 ? X SER 18 ? 1_555 CA ? D CA . ? X CA 102 ? 1_555 O   ? A GLU 22 ? X GLU 21  ? 1_555 104.1 ? 
2  O   ? A SER 19 ? X SER 18 ? 1_555 CA ? D CA . ? X CA 102 ? 1_555 O   ? A ASP 24 ? X ASP 23  ? 1_555 81.0  ? 
3  O   ? A GLU 22 ? X GLU 21 ? 1_555 CA ? D CA . ? X CA 102 ? 1_555 O   ? A ASP 24 ? X ASP 23  ? 1_555 88.5  ? 
4  O   ? A SER 19 ? X SER 18 ? 1_555 CA ? D CA . ? X CA 102 ? 1_555 O   ? A LYS 27 ? X LYS 26  ? 1_555 93.5  ? 
5  O   ? A GLU 22 ? X GLU 21 ? 1_555 CA ? D CA . ? X CA 102 ? 1_555 O   ? A LYS 27 ? X LYS 26  ? 1_555 157.7 ? 
6  O   ? A ASP 24 ? X ASP 23 ? 1_555 CA ? D CA . ? X CA 102 ? 1_555 O   ? A LYS 27 ? X LYS 26  ? 1_555 80.9  ? 
7  O   ? A SER 19 ? X SER 18 ? 1_555 CA ? D CA . ? X CA 102 ? 1_555 OE1 ? A GLU 32 ? X GLU 31  ? 1_555 112.9 ? 
8  O   ? A GLU 22 ? X GLU 21 ? 1_555 CA ? D CA . ? X CA 102 ? 1_555 OE1 ? A GLU 32 ? X GLU 31  ? 1_555 108.0 ? 
9  O   ? A ASP 24 ? X ASP 23 ? 1_555 CA ? D CA . ? X CA 102 ? 1_555 OE1 ? A GLU 32 ? X GLU 31  ? 1_555 154.0 ? 
10 O   ? A LYS 27 ? X LYS 26 ? 1_555 CA ? D CA . ? X CA 102 ? 1_555 OE1 ? A GLU 32 ? X GLU 31  ? 1_555 76.5  ? 
11 O   ? A SER 19 ? X SER 18 ? 1_555 CA ? D CA . ? X CA 102 ? 1_555 OE2 ? A GLU 32 ? X GLU 31  ? 1_555 79.4  ? 
12 O   ? A GLU 22 ? X GLU 21 ? 1_555 CA ? D CA . ? X CA 102 ? 1_555 OE2 ? A GLU 32 ? X GLU 31  ? 1_555 77.5  ? 
13 O   ? A ASP 24 ? X ASP 23 ? 1_555 CA ? D CA . ? X CA 102 ? 1_555 OE2 ? A GLU 32 ? X GLU 31  ? 1_555 152.2 ? 
14 O   ? A LYS 27 ? X LYS 26 ? 1_555 CA ? D CA . ? X CA 102 ? 1_555 OE2 ? A GLU 32 ? X GLU 31  ? 1_555 119.8 ? 
15 OE1 ? A GLU 32 ? X GLU 31 ? 1_555 CA ? D CA . ? X CA 102 ? 1_555 OE2 ? A GLU 32 ? X GLU 31  ? 1_555 53.6  ? 
16 O   ? A SER 19 ? X SER 18 ? 1_555 CA ? D CA . ? X CA 102 ? 1_555 O   ? I HOH .  ? X HOH 203 ? 1_555 160.5 ? 
17 O   ? A GLU 22 ? X GLU 21 ? 1_555 CA ? D CA . ? X CA 102 ? 1_555 O   ? I HOH .  ? X HOH 203 ? 1_555 79.3  ? 
18 O   ? A ASP 24 ? X ASP 23 ? 1_555 CA ? D CA . ? X CA 102 ? 1_555 O   ? I HOH .  ? X HOH 203 ? 1_555 79.9  ? 
19 O   ? A LYS 27 ? X LYS 26 ? 1_555 CA ? D CA . ? X CA 102 ? 1_555 O   ? I HOH .  ? X HOH 203 ? 1_555 79.6  ? 
20 OE1 ? A GLU 32 ? X GLU 31 ? 1_555 CA ? D CA . ? X CA 102 ? 1_555 O   ? I HOH .  ? X HOH 203 ? 1_555 83.5  ? 
21 OE2 ? A GLU 32 ? X GLU 31 ? 1_555 CA ? D CA . ? X CA 102 ? 1_555 O   ? I HOH .  ? X HOH 203 ? 1_555 119.8 ? 
22 OD1 ? A ASP 62 ? X ASP 61 ? 1_555 CA ? E CA . ? X CA 103 ? 1_555 OD1 ? A ASP 64 ? X ASP 63  ? 1_555 77.0  ? 
23 OD1 ? A ASP 62 ? X ASP 61 ? 1_555 CA ? E CA . ? X CA 103 ? 1_555 OD1 ? A ASP 66 ? X ASP 65  ? 1_555 86.6  ? 
24 OD1 ? A ASP 64 ? X ASP 63 ? 1_555 CA ? E CA . ? X CA 103 ? 1_555 OD1 ? A ASP 66 ? X ASP 65  ? 1_555 84.4  ? 
25 OD1 ? A ASP 62 ? X ASP 61 ? 1_555 CA ? E CA . ? X CA 103 ? 1_555 O   ? A GLU 68 ? X GLU 67  ? 1_555 82.4  ? 
26 OD1 ? A ASP 64 ? X ASP 63 ? 1_555 CA ? E CA . ? X CA 103 ? 1_555 O   ? A GLU 68 ? X GLU 67  ? 1_555 156.9 ? 
27 OD1 ? A ASP 66 ? X ASP 65 ? 1_555 CA ? E CA . ? X CA 103 ? 1_555 O   ? A GLU 68 ? X GLU 67  ? 1_555 84.0  ? 
28 OD1 ? A ASP 62 ? X ASP 61 ? 1_555 CA ? E CA . ? X CA 103 ? 1_555 OE1 ? A GLU 73 ? X GLU 72  ? 1_555 119.7 ? 
29 OD1 ? A ASP 64 ? X ASP 63 ? 1_555 CA ? E CA . ? X CA 103 ? 1_555 OE1 ? A GLU 73 ? X GLU 72  ? 1_555 114.2 ? 
30 OD1 ? A ASP 66 ? X ASP 65 ? 1_555 CA ? E CA . ? X CA 103 ? 1_555 OE1 ? A GLU 73 ? X GLU 72  ? 1_555 149.8 ? 
31 O   ? A GLU 68 ? X GLU 67 ? 1_555 CA ? E CA . ? X CA 103 ? 1_555 OE1 ? A GLU 73 ? X GLU 72  ? 1_555 85.1  ? 
32 OD1 ? A ASP 62 ? X ASP 61 ? 1_555 CA ? E CA . ? X CA 103 ? 1_555 OE2 ? A GLU 73 ? X GLU 72  ? 1_555 84.9  ? 
33 OD1 ? A ASP 64 ? X ASP 63 ? 1_555 CA ? E CA . ? X CA 103 ? 1_555 OE2 ? A GLU 73 ? X GLU 72  ? 1_555 67.1  ? 
34 OD1 ? A ASP 66 ? X ASP 65 ? 1_555 CA ? E CA . ? X CA 103 ? 1_555 OE2 ? A GLU 73 ? X GLU 72  ? 1_555 151.4 ? 
35 O   ? A GLU 68 ? X GLU 67 ? 1_555 CA ? E CA . ? X CA 103 ? 1_555 OE2 ? A GLU 73 ? X GLU 72  ? 1_555 121.6 ? 
36 OE1 ? A GLU 73 ? X GLU 72 ? 1_555 CA ? E CA . ? X CA 103 ? 1_555 OE2 ? A GLU 73 ? X GLU 72  ? 1_555 53.9  ? 
37 OD1 ? A ASP 62 ? X ASP 61 ? 1_555 CA ? E CA . ? X CA 103 ? 1_555 O   ? I HOH .  ? X HOH 202 ? 1_555 156.1 ? 
38 OD1 ? A ASP 64 ? X ASP 63 ? 1_555 CA ? E CA . ? X CA 103 ? 1_555 O   ? I HOH .  ? X HOH 202 ? 1_555 94.1  ? 
39 OD1 ? A ASP 66 ? X ASP 65 ? 1_555 CA ? E CA . ? X CA 103 ? 1_555 O   ? I HOH .  ? X HOH 202 ? 1_555 70.3  ? 
40 O   ? A GLU 68 ? X GLU 67 ? 1_555 CA ? E CA . ? X CA 103 ? 1_555 O   ? I HOH .  ? X HOH 202 ? 1_555 100.8 ? 
41 OE1 ? A GLU 73 ? X GLU 72 ? 1_555 CA ? E CA . ? X CA 103 ? 1_555 O   ? I HOH .  ? X HOH 202 ? 1_555 84.3  ? 
42 OE2 ? A GLU 73 ? X GLU 72 ? 1_555 CA ? E CA . ? X CA 103 ? 1_555 O   ? I HOH .  ? X HOH 202 ? 1_555 112.4 ? 
43 O   ? B SER 19 ? A SER 18 ? 1_555 CA ? H CA . ? A CA 103 ? 1_555 O   ? B GLU 22 ? A GLU 21  ? 1_555 104.6 ? 
44 O   ? B SER 19 ? A SER 18 ? 1_555 CA ? H CA . ? A CA 103 ? 1_555 O   ? B ASP 24 ? A ASP 23  ? 1_555 78.6  ? 
45 O   ? B GLU 22 ? A GLU 21 ? 1_555 CA ? H CA . ? A CA 103 ? 1_555 O   ? B ASP 24 ? A ASP 23  ? 1_555 87.5  ? 
46 O   ? B SER 19 ? A SER 18 ? 1_555 CA ? H CA . ? A CA 103 ? 1_555 O   ? B LYS 27 ? A LYS 26  ? 1_555 93.9  ? 
47 O   ? B GLU 22 ? A GLU 21 ? 1_555 CA ? H CA . ? A CA 103 ? 1_555 O   ? B LYS 27 ? A LYS 26  ? 1_555 154.0 ? 
48 O   ? B ASP 24 ? A ASP 23 ? 1_555 CA ? H CA . ? A CA 103 ? 1_555 O   ? B LYS 27 ? A LYS 26  ? 1_555 78.3  ? 
49 O   ? B SER 19 ? A SER 18 ? 1_555 CA ? H CA . ? A CA 103 ? 1_555 OE1 ? B GLU 32 ? A GLU 31  ? 1_555 113.6 ? 
50 O   ? B GLU 22 ? A GLU 21 ? 1_555 CA ? H CA . ? A CA 103 ? 1_555 OE1 ? B GLU 32 ? A GLU 31  ? 1_555 110.5 ? 
51 O   ? B ASP 24 ? A ASP 23 ? 1_555 CA ? H CA . ? A CA 103 ? 1_555 OE1 ? B GLU 32 ? A GLU 31  ? 1_555 153.4 ? 
52 O   ? B LYS 27 ? A LYS 26 ? 1_555 CA ? H CA . ? A CA 103 ? 1_555 OE1 ? B GLU 32 ? A GLU 31  ? 1_555 77.4  ? 
53 O   ? B SER 19 ? A SER 18 ? 1_555 CA ? H CA . ? A CA 103 ? 1_555 OE2 ? B GLU 32 ? A GLU 31  ? 1_555 80.9  ? 
54 O   ? B GLU 22 ? A GLU 21 ? 1_555 CA ? H CA . ? A CA 103 ? 1_555 OE2 ? B GLU 32 ? A GLU 31  ? 1_555 78.2  ? 
55 O   ? B ASP 24 ? A ASP 23 ? 1_555 CA ? H CA . ? A CA 103 ? 1_555 OE2 ? B GLU 32 ? A GLU 31  ? 1_555 151.1 ? 
56 O   ? B LYS 27 ? A LYS 26 ? 1_555 CA ? H CA . ? A CA 103 ? 1_555 OE2 ? B GLU 32 ? A GLU 31  ? 1_555 123.4 ? 
57 OE1 ? B GLU 32 ? A GLU 31 ? 1_555 CA ? H CA . ? A CA 103 ? 1_555 OE2 ? B GLU 32 ? A GLU 31  ? 1_555 55.1  ? 
58 O   ? B SER 19 ? A SER 18 ? 1_555 CA ? H CA . ? A CA 103 ? 1_555 O   ? J HOH .  ? A HOH 203 ? 1_555 161.3 ? 
59 O   ? B GLU 22 ? A GLU 21 ? 1_555 CA ? H CA . ? A CA 103 ? 1_555 O   ? J HOH .  ? A HOH 203 ? 1_555 76.6  ? 
60 O   ? B ASP 24 ? A ASP 23 ? 1_555 CA ? H CA . ? A CA 103 ? 1_555 O   ? J HOH .  ? A HOH 203 ? 1_555 82.8  ? 
61 O   ? B LYS 27 ? A LYS 26 ? 1_555 CA ? H CA . ? A CA 103 ? 1_555 O   ? J HOH .  ? A HOH 203 ? 1_555 80.1  ? 
62 OE1 ? B GLU 32 ? A GLU 31 ? 1_555 CA ? H CA . ? A CA 103 ? 1_555 O   ? J HOH .  ? A HOH 203 ? 1_555 82.6  ? 
63 OE2 ? B GLU 32 ? A GLU 31 ? 1_555 CA ? H CA . ? A CA 103 ? 1_555 O   ? J HOH .  ? A HOH 203 ? 1_555 117.3 ? 
64 OD1 ? B ASP 62 ? A ASP 61 ? 1_555 CA ? G CA . ? A CA 102 ? 1_555 OD1 ? B ASP 64 ? A ASP 63  ? 1_555 77.5  ? 
65 OD1 ? B ASP 62 ? A ASP 61 ? 1_555 CA ? G CA . ? A CA 102 ? 1_555 OD1 ? B ASP 66 ? A ASP 65  ? 1_555 86.9  ? 
66 OD1 ? B ASP 64 ? A ASP 63 ? 1_555 CA ? G CA . ? A CA 102 ? 1_555 OD1 ? B ASP 66 ? A ASP 65  ? 1_555 87.8  ? 
67 OD1 ? B ASP 62 ? A ASP 61 ? 1_555 CA ? G CA . ? A CA 102 ? 1_555 O   ? B GLU 68 ? A GLU 67  ? 1_555 79.0  ? 
68 OD1 ? B ASP 64 ? A ASP 63 ? 1_555 CA ? G CA . ? A CA 102 ? 1_555 O   ? B GLU 68 ? A GLU 67  ? 1_555 155.1 ? 
69 OD1 ? B ASP 66 ? A ASP 65 ? 1_555 CA ? G CA . ? A CA 102 ? 1_555 O   ? B GLU 68 ? A GLU 67  ? 1_555 82.6  ? 
70 OD1 ? B ASP 62 ? A ASP 61 ? 1_555 CA ? G CA . ? A CA 102 ? 1_555 OE1 ? B GLU 73 ? A GLU 72  ? 1_555 115.9 ? 
71 OD1 ? B ASP 64 ? A ASP 63 ? 1_555 CA ? G CA . ? A CA 102 ? 1_555 OE1 ? B GLU 73 ? A GLU 72  ? 1_555 114.0 ? 
72 OD1 ? B ASP 66 ? A ASP 65 ? 1_555 CA ? G CA . ? A CA 102 ? 1_555 OE1 ? B GLU 73 ? A GLU 72  ? 1_555 150.7 ? 
73 O   ? B GLU 68 ? A GLU 67 ? 1_555 CA ? G CA . ? A CA 102 ? 1_555 OE1 ? B GLU 73 ? A GLU 72  ? 1_555 84.0  ? 
74 OD1 ? B ASP 62 ? A ASP 61 ? 1_555 CA ? G CA . ? A CA 102 ? 1_555 OE2 ? B GLU 73 ? A GLU 72  ? 1_555 83.8  ? 
75 OD1 ? B ASP 64 ? A ASP 63 ? 1_555 CA ? G CA . ? A CA 102 ? 1_555 OE2 ? B GLU 73 ? A GLU 72  ? 1_555 67.3  ? 
76 OD1 ? B ASP 66 ? A ASP 65 ? 1_555 CA ? G CA . ? A CA 102 ? 1_555 OE2 ? B GLU 73 ? A GLU 72  ? 1_555 154.7 ? 
77 O   ? B GLU 68 ? A GLU 67 ? 1_555 CA ? G CA . ? A CA 102 ? 1_555 OE2 ? B GLU 73 ? A GLU 72  ? 1_555 118.3 ? 
78 OE1 ? B GLU 73 ? A GLU 72 ? 1_555 CA ? G CA . ? A CA 102 ? 1_555 OE2 ? B GLU 73 ? A GLU 72  ? 1_555 52.5  ? 
79 OD1 ? B ASP 62 ? A ASP 61 ? 1_555 CA ? G CA . ? A CA 102 ? 1_555 O   ? J HOH .  ? A HOH 208 ? 1_555 163.1 ? 
80 OD1 ? B ASP 64 ? A ASP 63 ? 1_555 CA ? G CA . ? A CA 102 ? 1_555 O   ? J HOH .  ? A HOH 208 ? 1_555 96.0  ? 
81 OD1 ? B ASP 66 ? A ASP 65 ? 1_555 CA ? G CA . ? A CA 102 ? 1_555 O   ? J HOH .  ? A HOH 208 ? 1_555 77.2  ? 
82 O   ? B GLU 68 ? A GLU 67 ? 1_555 CA ? G CA . ? A CA 102 ? 1_555 O   ? J HOH .  ? A HOH 208 ? 1_555 104.2 ? 
83 OE1 ? B GLU 73 ? A GLU 72 ? 1_555 CA ? G CA . ? A CA 102 ? 1_555 O   ? J HOH .  ? A HOH 208 ? 1_555 81.0  ? 
84 OE2 ? B GLU 73 ? A GLU 72 ? 1_555 CA ? G CA . ? A CA 102 ? 1_555 O   ? J HOH .  ? A HOH 208 ? 1_555 108.3 ? 
# 
loop_
_pdbx_modification_feature.ordinal 
_pdbx_modification_feature.label_comp_id 
_pdbx_modification_feature.label_asym_id 
_pdbx_modification_feature.label_seq_id 
_pdbx_modification_feature.label_alt_id 
_pdbx_modification_feature.modified_residue_label_comp_id 
_pdbx_modification_feature.modified_residue_label_asym_id 
_pdbx_modification_feature.modified_residue_label_seq_id 
_pdbx_modification_feature.modified_residue_label_alt_id 
_pdbx_modification_feature.auth_comp_id 
_pdbx_modification_feature.auth_asym_id 
_pdbx_modification_feature.auth_seq_id 
_pdbx_modification_feature.PDB_ins_code 
_pdbx_modification_feature.symmetry 
_pdbx_modification_feature.modified_residue_auth_comp_id 
_pdbx_modification_feature.modified_residue_auth_asym_id 
_pdbx_modification_feature.modified_residue_auth_seq_id 
_pdbx_modification_feature.modified_residue_PDB_ins_code 
_pdbx_modification_feature.modified_residue_symmetry 
_pdbx_modification_feature.comp_id_linking_atom 
_pdbx_modification_feature.modified_residue_id_linking_atom 
_pdbx_modification_feature.modified_residue_id 
_pdbx_modification_feature.ref_pcm_id 
_pdbx_modification_feature.ref_comp_id 
_pdbx_modification_feature.type 
_pdbx_modification_feature.category 
1 REV C . ? CYS A 85 ? REV X 101 ? 1_555 CYS X 84 ? 1_555 C03 SG CYS 1 REV None 'Covalent chemical modification' 
2 REV F . ? CYS B 85 ? REV A 101 ? 1_555 CYS A 84 ? 1_555 C03 SG CYS 1 REV None 'Covalent chemical modification' 
# 
loop_
_struct_site.id 
_struct_site.pdbx_evidence_code 
_struct_site.pdbx_auth_asym_id 
_struct_site.pdbx_auth_comp_id 
_struct_site.pdbx_auth_seq_id 
_struct_site.pdbx_auth_ins_code 
_struct_site.pdbx_num_residues 
_struct_site.details 
AC1 Software X REV 101 ? 7  'binding site for residue REV X 101'                 
AC2 Software X CA  102 ? 6  'binding site for residue CA X 102'                  
AC3 Software X CA  103 ? 6  'binding site for residue CA X 103'                  
AC4 Software A CA  102 ? 6  'binding site for residue CA A 102'                  
AC5 Software A CA  103 ? 6  'binding site for residue CA A 103'                  
AC6 Software A REV 101 ? 12 'binding site for Di-peptide REV A 101 and CYS A 84' 
# 
loop_
_struct_site_gen.id 
_struct_site_gen.site_id 
_struct_site_gen.pdbx_num_res 
_struct_site_gen.label_comp_id 
_struct_site_gen.label_asym_id 
_struct_site_gen.label_seq_id 
_struct_site_gen.pdbx_auth_ins_code 
_struct_site_gen.auth_comp_id 
_struct_site_gen.auth_asym_id 
_struct_site_gen.auth_seq_id 
_struct_site_gen.label_atom_id 
_struct_site_gen.label_alt_id 
_struct_site_gen.symmetry 
_struct_site_gen.details 
1  AC1 7  VAL B 8  ? VAL A 7   . ? 1_555 ? 
2  AC1 7  VAL B 9  ? VAL A 8   . ? 1_555 ? 
3  AC1 7  PHE A 44 ? PHE X 43  . ? 1_555 ? 
4  AC1 7  ALA A 84 ? ALA X 83  . ? 1_555 ? 
5  AC1 7  CYS A 85 ? CYS X 84  . ? 1_555 ? 
6  AC1 7  PHE A 88 ? PHE X 87  . ? 1_555 ? 
7  AC1 7  PHE A 89 ? PHE X 88  . ? 1_555 ? 
8  AC2 6  SER A 19 ? SER X 18  . ? 1_555 ? 
9  AC2 6  GLU A 22 ? GLU X 21  . ? 1_555 ? 
10 AC2 6  ASP A 24 ? ASP X 23  . ? 1_555 ? 
11 AC2 6  LYS A 27 ? LYS X 26  . ? 1_555 ? 
12 AC2 6  GLU A 32 ? GLU X 31  . ? 1_555 ? 
13 AC2 6  HOH I .  ? HOH X 203 . ? 1_555 ? 
14 AC3 6  ASP A 62 ? ASP X 61  . ? 1_555 ? 
15 AC3 6  ASP A 64 ? ASP X 63  . ? 1_555 ? 
16 AC3 6  ASP A 66 ? ASP X 65  . ? 1_555 ? 
17 AC3 6  GLU A 68 ? GLU X 67  . ? 1_555 ? 
18 AC3 6  GLU A 73 ? GLU X 72  . ? 1_555 ? 
19 AC3 6  HOH I .  ? HOH X 202 . ? 1_555 ? 
20 AC4 6  ASP B 62 ? ASP A 61  . ? 1_555 ? 
21 AC4 6  ASP B 64 ? ASP A 63  . ? 1_555 ? 
22 AC4 6  ASP B 66 ? ASP A 65  . ? 1_555 ? 
23 AC4 6  GLU B 68 ? GLU A 67  . ? 1_555 ? 
24 AC4 6  GLU B 73 ? GLU A 72  . ? 1_555 ? 
25 AC4 6  HOH J .  ? HOH A 208 . ? 1_555 ? 
26 AC5 6  SER B 19 ? SER A 18  . ? 1_555 ? 
27 AC5 6  GLU B 22 ? GLU A 21  . ? 1_555 ? 
28 AC5 6  ASP B 24 ? ASP A 23  . ? 1_555 ? 
29 AC5 6  LYS B 27 ? LYS A 26  . ? 1_555 ? 
30 AC5 6  GLU B 32 ? GLU A 31  . ? 1_555 ? 
31 AC5 6  HOH J .  ? HOH A 203 . ? 1_555 ? 
32 AC6 12 PHE B 44 ? PHE A 43  . ? 1_555 ? 
33 AC6 12 LEU B 45 ? LEU A 44  . ? 1_555 ? 
34 AC6 12 ILE B 81 ? ILE A 80  . ? 1_555 ? 
35 AC6 12 THR B 82 ? THR A 81  . ? 1_555 ? 
36 AC6 12 THR B 83 ? THR A 82  . ? 1_555 ? 
37 AC6 12 ALA B 84 ? ALA A 83  . ? 1_555 ? 
38 AC6 12 HIS B 86 ? HIS A 85  . ? 1_555 ? 
39 AC6 12 GLU B 87 ? GLU A 86  . ? 1_555 ? 
40 AC6 12 PHE B 88 ? PHE A 87  . ? 1_555 ? 
41 AC6 12 PHE B 89 ? PHE A 88  . ? 1_555 ? 
42 AC6 12 VAL A 9  ? VAL X 8   . ? 1_555 ? 
43 AC6 12 ILE A 12 ? ILE X 11  . ? 1_555 ? 
# 
_pdbx_entry_details.entry_id                   4PE4 
_pdbx_entry_details.compound_details           ? 
_pdbx_entry_details.source_details             ? 
_pdbx_entry_details.nonpolymer_details         ? 
_pdbx_entry_details.sequence_details           ? 
_pdbx_entry_details.has_ligand_of_interest     ? 
_pdbx_entry_details.has_protein_modification   Y 
# 
loop_
_pdbx_validate_close_contact.id 
_pdbx_validate_close_contact.PDB_model_num 
_pdbx_validate_close_contact.auth_atom_id_1 
_pdbx_validate_close_contact.auth_asym_id_1 
_pdbx_validate_close_contact.auth_comp_id_1 
_pdbx_validate_close_contact.auth_seq_id_1 
_pdbx_validate_close_contact.PDB_ins_code_1 
_pdbx_validate_close_contact.label_alt_id_1 
_pdbx_validate_close_contact.auth_atom_id_2 
_pdbx_validate_close_contact.auth_asym_id_2 
_pdbx_validate_close_contact.auth_comp_id_2 
_pdbx_validate_close_contact.auth_seq_id_2 
_pdbx_validate_close_contact.PDB_ins_code_2 
_pdbx_validate_close_contact.label_alt_id_2 
_pdbx_validate_close_contact.dist 
1 1 OE1 X GLU 67 ? ? O X HOH 203 ? ? 2.16 
2 1 O   A GLY 22 ? ? O A HOH 201 ? ? 2.16 
# 
loop_
_pdbx_unobs_or_zero_occ_residues.id 
_pdbx_unobs_or_zero_occ_residues.PDB_model_num 
_pdbx_unobs_or_zero_occ_residues.polymer_flag 
_pdbx_unobs_or_zero_occ_residues.occupancy_flag 
_pdbx_unobs_or_zero_occ_residues.auth_asym_id 
_pdbx_unobs_or_zero_occ_residues.auth_comp_id 
_pdbx_unobs_or_zero_occ_residues.auth_seq_id 
_pdbx_unobs_or_zero_occ_residues.PDB_ins_code 
_pdbx_unobs_or_zero_occ_residues.label_asym_id 
_pdbx_unobs_or_zero_occ_residues.label_comp_id 
_pdbx_unobs_or_zero_occ_residues.label_seq_id 
1 1 Y 1 X HIS 90 ? A HIS 91 
2 1 Y 1 X GLU 91 ? A GLU 92 
3 1 Y 1 A HIS 90 ? B HIS 91 
4 1 Y 1 A GLU 91 ? B GLU 92 
# 
loop_
_chem_comp_atom.comp_id 
_chem_comp_atom.atom_id 
_chem_comp_atom.type_symbol 
_chem_comp_atom.pdbx_aromatic_flag 
_chem_comp_atom.pdbx_stereo_config 
_chem_comp_atom.pdbx_ordinal 
ALA N    N  N N 1   
ALA CA   C  N S 2   
ALA C    C  N N 3   
ALA O    O  N N 4   
ALA CB   C  N N 5   
ALA OXT  O  N N 6   
ALA H    H  N N 7   
ALA H2   H  N N 8   
ALA HA   H  N N 9   
ALA HB1  H  N N 10  
ALA HB2  H  N N 11  
ALA HB3  H  N N 12  
ALA HXT  H  N N 13  
ARG N    N  N N 14  
ARG CA   C  N S 15  
ARG C    C  N N 16  
ARG O    O  N N 17  
ARG CB   C  N N 18  
ARG CG   C  N N 19  
ARG CD   C  N N 20  
ARG NE   N  N N 21  
ARG CZ   C  N N 22  
ARG NH1  N  N N 23  
ARG NH2  N  N N 24  
ARG OXT  O  N N 25  
ARG H    H  N N 26  
ARG H2   H  N N 27  
ARG HA   H  N N 28  
ARG HB2  H  N N 29  
ARG HB3  H  N N 30  
ARG HG2  H  N N 31  
ARG HG3  H  N N 32  
ARG HD2  H  N N 33  
ARG HD3  H  N N 34  
ARG HE   H  N N 35  
ARG HH11 H  N N 36  
ARG HH12 H  N N 37  
ARG HH21 H  N N 38  
ARG HH22 H  N N 39  
ARG HXT  H  N N 40  
ASN N    N  N N 41  
ASN CA   C  N S 42  
ASN C    C  N N 43  
ASN O    O  N N 44  
ASN CB   C  N N 45  
ASN CG   C  N N 46  
ASN OD1  O  N N 47  
ASN ND2  N  N N 48  
ASN OXT  O  N N 49  
ASN H    H  N N 50  
ASN H2   H  N N 51  
ASN HA   H  N N 52  
ASN HB2  H  N N 53  
ASN HB3  H  N N 54  
ASN HD21 H  N N 55  
ASN HD22 H  N N 56  
ASN HXT  H  N N 57  
ASP N    N  N N 58  
ASP CA   C  N S 59  
ASP C    C  N N 60  
ASP O    O  N N 61  
ASP CB   C  N N 62  
ASP CG   C  N N 63  
ASP OD1  O  N N 64  
ASP OD2  O  N N 65  
ASP OXT  O  N N 66  
ASP H    H  N N 67  
ASP H2   H  N N 68  
ASP HA   H  N N 69  
ASP HB2  H  N N 70  
ASP HB3  H  N N 71  
ASP HD2  H  N N 72  
ASP HXT  H  N N 73  
CA  CA   CA N N 74  
CYS N    N  N N 75  
CYS CA   C  N R 76  
CYS C    C  N N 77  
CYS O    O  N N 78  
CYS CB   C  N N 79  
CYS SG   S  N N 80  
CYS OXT  O  N N 81  
CYS H    H  N N 82  
CYS H2   H  N N 83  
CYS HA   H  N N 84  
CYS HB2  H  N N 85  
CYS HB3  H  N N 86  
CYS HG   H  N N 87  
CYS HXT  H  N N 88  
GLN N    N  N N 89  
GLN CA   C  N S 90  
GLN C    C  N N 91  
GLN O    O  N N 92  
GLN CB   C  N N 93  
GLN CG   C  N N 94  
GLN CD   C  N N 95  
GLN OE1  O  N N 96  
GLN NE2  N  N N 97  
GLN OXT  O  N N 98  
GLN H    H  N N 99  
GLN H2   H  N N 100 
GLN HA   H  N N 101 
GLN HB2  H  N N 102 
GLN HB3  H  N N 103 
GLN HG2  H  N N 104 
GLN HG3  H  N N 105 
GLN HE21 H  N N 106 
GLN HE22 H  N N 107 
GLN HXT  H  N N 108 
GLU N    N  N N 109 
GLU CA   C  N S 110 
GLU C    C  N N 111 
GLU O    O  N N 112 
GLU CB   C  N N 113 
GLU CG   C  N N 114 
GLU CD   C  N N 115 
GLU OE1  O  N N 116 
GLU OE2  O  N N 117 
GLU OXT  O  N N 118 
GLU H    H  N N 119 
GLU H2   H  N N 120 
GLU HA   H  N N 121 
GLU HB2  H  N N 122 
GLU HB3  H  N N 123 
GLU HG2  H  N N 124 
GLU HG3  H  N N 125 
GLU HE2  H  N N 126 
GLU HXT  H  N N 127 
GLY N    N  N N 128 
GLY CA   C  N N 129 
GLY C    C  N N 130 
GLY O    O  N N 131 
GLY OXT  O  N N 132 
GLY H    H  N N 133 
GLY H2   H  N N 134 
GLY HA2  H  N N 135 
GLY HA3  H  N N 136 
GLY HXT  H  N N 137 
HIS N    N  N N 138 
HIS CA   C  N S 139 
HIS C    C  N N 140 
HIS O    O  N N 141 
HIS CB   C  N N 142 
HIS CG   C  Y N 143 
HIS ND1  N  Y N 144 
HIS CD2  C  Y N 145 
HIS CE1  C  Y N 146 
HIS NE2  N  Y N 147 
HIS OXT  O  N N 148 
HIS H    H  N N 149 
HIS H2   H  N N 150 
HIS HA   H  N N 151 
HIS HB2  H  N N 152 
HIS HB3  H  N N 153 
HIS HD1  H  N N 154 
HIS HD2  H  N N 155 
HIS HE1  H  N N 156 
HIS HE2  H  N N 157 
HIS HXT  H  N N 158 
HOH O    O  N N 159 
HOH H1   H  N N 160 
HOH H2   H  N N 161 
ILE N    N  N N 162 
ILE CA   C  N S 163 
ILE C    C  N N 164 
ILE O    O  N N 165 
ILE CB   C  N S 166 
ILE CG1  C  N N 167 
ILE CG2  C  N N 168 
ILE CD1  C  N N 169 
ILE OXT  O  N N 170 
ILE H    H  N N 171 
ILE H2   H  N N 172 
ILE HA   H  N N 173 
ILE HB   H  N N 174 
ILE HG12 H  N N 175 
ILE HG13 H  N N 176 
ILE HG21 H  N N 177 
ILE HG22 H  N N 178 
ILE HG23 H  N N 179 
ILE HD11 H  N N 180 
ILE HD12 H  N N 181 
ILE HD13 H  N N 182 
ILE HXT  H  N N 183 
LEU N    N  N N 184 
LEU CA   C  N S 185 
LEU C    C  N N 186 
LEU O    O  N N 187 
LEU CB   C  N N 188 
LEU CG   C  N N 189 
LEU CD1  C  N N 190 
LEU CD2  C  N N 191 
LEU OXT  O  N N 192 
LEU H    H  N N 193 
LEU H2   H  N N 194 
LEU HA   H  N N 195 
LEU HB2  H  N N 196 
LEU HB3  H  N N 197 
LEU HG   H  N N 198 
LEU HD11 H  N N 199 
LEU HD12 H  N N 200 
LEU HD13 H  N N 201 
LEU HD21 H  N N 202 
LEU HD22 H  N N 203 
LEU HD23 H  N N 204 
LEU HXT  H  N N 205 
LYS N    N  N N 206 
LYS CA   C  N S 207 
LYS C    C  N N 208 
LYS O    O  N N 209 
LYS CB   C  N N 210 
LYS CG   C  N N 211 
LYS CD   C  N N 212 
LYS CE   C  N N 213 
LYS NZ   N  N N 214 
LYS OXT  O  N N 215 
LYS H    H  N N 216 
LYS H2   H  N N 217 
LYS HA   H  N N 218 
LYS HB2  H  N N 219 
LYS HB3  H  N N 220 
LYS HG2  H  N N 221 
LYS HG3  H  N N 222 
LYS HD2  H  N N 223 
LYS HD3  H  N N 224 
LYS HE2  H  N N 225 
LYS HE3  H  N N 226 
LYS HZ1  H  N N 227 
LYS HZ2  H  N N 228 
LYS HZ3  H  N N 229 
LYS HXT  H  N N 230 
MET N    N  N N 231 
MET CA   C  N S 232 
MET C    C  N N 233 
MET O    O  N N 234 
MET CB   C  N N 235 
MET CG   C  N N 236 
MET SD   S  N N 237 
MET CE   C  N N 238 
MET OXT  O  N N 239 
MET H    H  N N 240 
MET H2   H  N N 241 
MET HA   H  N N 242 
MET HB2  H  N N 243 
MET HB3  H  N N 244 
MET HG2  H  N N 245 
MET HG3  H  N N 246 
MET HE1  H  N N 247 
MET HE2  H  N N 248 
MET HE3  H  N N 249 
MET HXT  H  N N 250 
PHE N    N  N N 251 
PHE CA   C  N S 252 
PHE C    C  N N 253 
PHE O    O  N N 254 
PHE CB   C  N N 255 
PHE CG   C  Y N 256 
PHE CD1  C  Y N 257 
PHE CD2  C  Y N 258 
PHE CE1  C  Y N 259 
PHE CE2  C  Y N 260 
PHE CZ   C  Y N 261 
PHE OXT  O  N N 262 
PHE H    H  N N 263 
PHE H2   H  N N 264 
PHE HA   H  N N 265 
PHE HB2  H  N N 266 
PHE HB3  H  N N 267 
PHE HD1  H  N N 268 
PHE HD2  H  N N 269 
PHE HE1  H  N N 270 
PHE HE2  H  N N 271 
PHE HZ   H  N N 272 
PHE HXT  H  N N 273 
REV C01  C  Y N 274 
REV C02  C  Y N 275 
REV C03  C  Y N 276 
REV C04  C  Y N 277 
REV C05  C  Y N 278 
REV C06  C  Y N 279 
REV C07  C  Y N 280 
REV C08  C  Y N 281 
REV C09  C  Y N 282 
REV C10  C  Y N 283 
REV C11  C  Y N 284 
REV C12  C  Y N 285 
REV O13  O  N N 286 
REV C14  C  N N 287 
REV O15  O  N N 288 
REV C16  C  N N 289 
REV O17  O  N N 290 
REV O18  O  N N 291 
REV C19  C  N S 292 
REV C20  C  N N 293 
REV C21  C  N N 294 
REV H1   H  N N 295 
REV H2   H  N N 296 
REV H3   H  N N 297 
REV H4   H  N N 298 
REV H5   H  N N 299 
REV H6   H  N N 300 
REV H7   H  N N 301 
REV H8   H  N N 302 
REV H9   H  N N 303 
REV H10  H  N N 304 
REV H11  H  N N 305 
REV H12  H  N N 306 
REV H13  H  N N 307 
REV H14  H  N N 308 
REV H15  H  N N 309 
REV H16  H  N N 310 
REV H17  H  N N 311 
REV H18  H  N N 312 
REV H19  H  N N 313 
REV H20  H  N N 314 
SER N    N  N N 315 
SER CA   C  N S 316 
SER C    C  N N 317 
SER O    O  N N 318 
SER CB   C  N N 319 
SER OG   O  N N 320 
SER OXT  O  N N 321 
SER H    H  N N 322 
SER H2   H  N N 323 
SER HA   H  N N 324 
SER HB2  H  N N 325 
SER HB3  H  N N 326 
SER HG   H  N N 327 
SER HXT  H  N N 328 
THR N    N  N N 329 
THR CA   C  N S 330 
THR C    C  N N 331 
THR O    O  N N 332 
THR CB   C  N R 333 
THR OG1  O  N N 334 
THR CG2  C  N N 335 
THR OXT  O  N N 336 
THR H    H  N N 337 
THR H2   H  N N 338 
THR HA   H  N N 339 
THR HB   H  N N 340 
THR HG1  H  N N 341 
THR HG21 H  N N 342 
THR HG22 H  N N 343 
THR HG23 H  N N 344 
THR HXT  H  N N 345 
TYR N    N  N N 346 
TYR CA   C  N S 347 
TYR C    C  N N 348 
TYR O    O  N N 349 
TYR CB   C  N N 350 
TYR CG   C  Y N 351 
TYR CD1  C  Y N 352 
TYR CD2  C  Y N 353 
TYR CE1  C  Y N 354 
TYR CE2  C  Y N 355 
TYR CZ   C  Y N 356 
TYR OH   O  N N 357 
TYR OXT  O  N N 358 
TYR H    H  N N 359 
TYR H2   H  N N 360 
TYR HA   H  N N 361 
TYR HB2  H  N N 362 
TYR HB3  H  N N 363 
TYR HD1  H  N N 364 
TYR HD2  H  N N 365 
TYR HE1  H  N N 366 
TYR HE2  H  N N 367 
TYR HH   H  N N 368 
TYR HXT  H  N N 369 
VAL N    N  N N 370 
VAL CA   C  N S 371 
VAL C    C  N N 372 
VAL O    O  N N 373 
VAL CB   C  N N 374 
VAL CG1  C  N N 375 
VAL CG2  C  N N 376 
VAL OXT  O  N N 377 
VAL H    H  N N 378 
VAL H2   H  N N 379 
VAL HA   H  N N 380 
VAL HB   H  N N 381 
VAL HG11 H  N N 382 
VAL HG12 H  N N 383 
VAL HG13 H  N N 384 
VAL HG21 H  N N 385 
VAL HG22 H  N N 386 
VAL HG23 H  N N 387 
VAL HXT  H  N N 388 
# 
loop_
_chem_comp_bond.comp_id 
_chem_comp_bond.atom_id_1 
_chem_comp_bond.atom_id_2 
_chem_comp_bond.value_order 
_chem_comp_bond.pdbx_aromatic_flag 
_chem_comp_bond.pdbx_stereo_config 
_chem_comp_bond.pdbx_ordinal 
ALA N   CA   sing N N 1   
ALA N   H    sing N N 2   
ALA N   H2   sing N N 3   
ALA CA  C    sing N N 4   
ALA CA  CB   sing N N 5   
ALA CA  HA   sing N N 6   
ALA C   O    doub N N 7   
ALA C   OXT  sing N N 8   
ALA CB  HB1  sing N N 9   
ALA CB  HB2  sing N N 10  
ALA CB  HB3  sing N N 11  
ALA OXT HXT  sing N N 12  
ARG N   CA   sing N N 13  
ARG N   H    sing N N 14  
ARG N   H2   sing N N 15  
ARG CA  C    sing N N 16  
ARG CA  CB   sing N N 17  
ARG CA  HA   sing N N 18  
ARG C   O    doub N N 19  
ARG C   OXT  sing N N 20  
ARG CB  CG   sing N N 21  
ARG CB  HB2  sing N N 22  
ARG CB  HB3  sing N N 23  
ARG CG  CD   sing N N 24  
ARG CG  HG2  sing N N 25  
ARG CG  HG3  sing N N 26  
ARG CD  NE   sing N N 27  
ARG CD  HD2  sing N N 28  
ARG CD  HD3  sing N N 29  
ARG NE  CZ   sing N N 30  
ARG NE  HE   sing N N 31  
ARG CZ  NH1  sing N N 32  
ARG CZ  NH2  doub N N 33  
ARG NH1 HH11 sing N N 34  
ARG NH1 HH12 sing N N 35  
ARG NH2 HH21 sing N N 36  
ARG NH2 HH22 sing N N 37  
ARG OXT HXT  sing N N 38  
ASN N   CA   sing N N 39  
ASN N   H    sing N N 40  
ASN N   H2   sing N N 41  
ASN CA  C    sing N N 42  
ASN CA  CB   sing N N 43  
ASN CA  HA   sing N N 44  
ASN C   O    doub N N 45  
ASN C   OXT  sing N N 46  
ASN CB  CG   sing N N 47  
ASN CB  HB2  sing N N 48  
ASN CB  HB3  sing N N 49  
ASN CG  OD1  doub N N 50  
ASN CG  ND2  sing N N 51  
ASN ND2 HD21 sing N N 52  
ASN ND2 HD22 sing N N 53  
ASN OXT HXT  sing N N 54  
ASP N   CA   sing N N 55  
ASP N   H    sing N N 56  
ASP N   H2   sing N N 57  
ASP CA  C    sing N N 58  
ASP CA  CB   sing N N 59  
ASP CA  HA   sing N N 60  
ASP C   O    doub N N 61  
ASP C   OXT  sing N N 62  
ASP CB  CG   sing N N 63  
ASP CB  HB2  sing N N 64  
ASP CB  HB3  sing N N 65  
ASP CG  OD1  doub N N 66  
ASP CG  OD2  sing N N 67  
ASP OD2 HD2  sing N N 68  
ASP OXT HXT  sing N N 69  
CYS N   CA   sing N N 70  
CYS N   H    sing N N 71  
CYS N   H2   sing N N 72  
CYS CA  C    sing N N 73  
CYS CA  CB   sing N N 74  
CYS CA  HA   sing N N 75  
CYS C   O    doub N N 76  
CYS C   OXT  sing N N 77  
CYS CB  SG   sing N N 78  
CYS CB  HB2  sing N N 79  
CYS CB  HB3  sing N N 80  
CYS SG  HG   sing N N 81  
CYS OXT HXT  sing N N 82  
GLN N   CA   sing N N 83  
GLN N   H    sing N N 84  
GLN N   H2   sing N N 85  
GLN CA  C    sing N N 86  
GLN CA  CB   sing N N 87  
GLN CA  HA   sing N N 88  
GLN C   O    doub N N 89  
GLN C   OXT  sing N N 90  
GLN CB  CG   sing N N 91  
GLN CB  HB2  sing N N 92  
GLN CB  HB3  sing N N 93  
GLN CG  CD   sing N N 94  
GLN CG  HG2  sing N N 95  
GLN CG  HG3  sing N N 96  
GLN CD  OE1  doub N N 97  
GLN CD  NE2  sing N N 98  
GLN NE2 HE21 sing N N 99  
GLN NE2 HE22 sing N N 100 
GLN OXT HXT  sing N N 101 
GLU N   CA   sing N N 102 
GLU N   H    sing N N 103 
GLU N   H2   sing N N 104 
GLU CA  C    sing N N 105 
GLU CA  CB   sing N N 106 
GLU CA  HA   sing N N 107 
GLU C   O    doub N N 108 
GLU C   OXT  sing N N 109 
GLU CB  CG   sing N N 110 
GLU CB  HB2  sing N N 111 
GLU CB  HB3  sing N N 112 
GLU CG  CD   sing N N 113 
GLU CG  HG2  sing N N 114 
GLU CG  HG3  sing N N 115 
GLU CD  OE1  doub N N 116 
GLU CD  OE2  sing N N 117 
GLU OE2 HE2  sing N N 118 
GLU OXT HXT  sing N N 119 
GLY N   CA   sing N N 120 
GLY N   H    sing N N 121 
GLY N   H2   sing N N 122 
GLY CA  C    sing N N 123 
GLY CA  HA2  sing N N 124 
GLY CA  HA3  sing N N 125 
GLY C   O    doub N N 126 
GLY C   OXT  sing N N 127 
GLY OXT HXT  sing N N 128 
HIS N   CA   sing N N 129 
HIS N   H    sing N N 130 
HIS N   H2   sing N N 131 
HIS CA  C    sing N N 132 
HIS CA  CB   sing N N 133 
HIS CA  HA   sing N N 134 
HIS C   O    doub N N 135 
HIS C   OXT  sing N N 136 
HIS CB  CG   sing N N 137 
HIS CB  HB2  sing N N 138 
HIS CB  HB3  sing N N 139 
HIS CG  ND1  sing Y N 140 
HIS CG  CD2  doub Y N 141 
HIS ND1 CE1  doub Y N 142 
HIS ND1 HD1  sing N N 143 
HIS CD2 NE2  sing Y N 144 
HIS CD2 HD2  sing N N 145 
HIS CE1 NE2  sing Y N 146 
HIS CE1 HE1  sing N N 147 
HIS NE2 HE2  sing N N 148 
HIS OXT HXT  sing N N 149 
HOH O   H1   sing N N 150 
HOH O   H2   sing N N 151 
ILE N   CA   sing N N 152 
ILE N   H    sing N N 153 
ILE N   H2   sing N N 154 
ILE CA  C    sing N N 155 
ILE CA  CB   sing N N 156 
ILE CA  HA   sing N N 157 
ILE C   O    doub N N 158 
ILE C   OXT  sing N N 159 
ILE CB  CG1  sing N N 160 
ILE CB  CG2  sing N N 161 
ILE CB  HB   sing N N 162 
ILE CG1 CD1  sing N N 163 
ILE CG1 HG12 sing N N 164 
ILE CG1 HG13 sing N N 165 
ILE CG2 HG21 sing N N 166 
ILE CG2 HG22 sing N N 167 
ILE CG2 HG23 sing N N 168 
ILE CD1 HD11 sing N N 169 
ILE CD1 HD12 sing N N 170 
ILE CD1 HD13 sing N N 171 
ILE OXT HXT  sing N N 172 
LEU N   CA   sing N N 173 
LEU N   H    sing N N 174 
LEU N   H2   sing N N 175 
LEU CA  C    sing N N 176 
LEU CA  CB   sing N N 177 
LEU CA  HA   sing N N 178 
LEU C   O    doub N N 179 
LEU C   OXT  sing N N 180 
LEU CB  CG   sing N N 181 
LEU CB  HB2  sing N N 182 
LEU CB  HB3  sing N N 183 
LEU CG  CD1  sing N N 184 
LEU CG  CD2  sing N N 185 
LEU CG  HG   sing N N 186 
LEU CD1 HD11 sing N N 187 
LEU CD1 HD12 sing N N 188 
LEU CD1 HD13 sing N N 189 
LEU CD2 HD21 sing N N 190 
LEU CD2 HD22 sing N N 191 
LEU CD2 HD23 sing N N 192 
LEU OXT HXT  sing N N 193 
LYS N   CA   sing N N 194 
LYS N   H    sing N N 195 
LYS N   H2   sing N N 196 
LYS CA  C    sing N N 197 
LYS CA  CB   sing N N 198 
LYS CA  HA   sing N N 199 
LYS C   O    doub N N 200 
LYS C   OXT  sing N N 201 
LYS CB  CG   sing N N 202 
LYS CB  HB2  sing N N 203 
LYS CB  HB3  sing N N 204 
LYS CG  CD   sing N N 205 
LYS CG  HG2  sing N N 206 
LYS CG  HG3  sing N N 207 
LYS CD  CE   sing N N 208 
LYS CD  HD2  sing N N 209 
LYS CD  HD3  sing N N 210 
LYS CE  NZ   sing N N 211 
LYS CE  HE2  sing N N 212 
LYS CE  HE3  sing N N 213 
LYS NZ  HZ1  sing N N 214 
LYS NZ  HZ2  sing N N 215 
LYS NZ  HZ3  sing N N 216 
LYS OXT HXT  sing N N 217 
MET N   CA   sing N N 218 
MET N   H    sing N N 219 
MET N   H2   sing N N 220 
MET CA  C    sing N N 221 
MET CA  CB   sing N N 222 
MET CA  HA   sing N N 223 
MET C   O    doub N N 224 
MET C   OXT  sing N N 225 
MET CB  CG   sing N N 226 
MET CB  HB2  sing N N 227 
MET CB  HB3  sing N N 228 
MET CG  SD   sing N N 229 
MET CG  HG2  sing N N 230 
MET CG  HG3  sing N N 231 
MET SD  CE   sing N N 232 
MET CE  HE1  sing N N 233 
MET CE  HE2  sing N N 234 
MET CE  HE3  sing N N 235 
MET OXT HXT  sing N N 236 
PHE N   CA   sing N N 237 
PHE N   H    sing N N 238 
PHE N   H2   sing N N 239 
PHE CA  C    sing N N 240 
PHE CA  CB   sing N N 241 
PHE CA  HA   sing N N 242 
PHE C   O    doub N N 243 
PHE C   OXT  sing N N 244 
PHE CB  CG   sing N N 245 
PHE CB  HB2  sing N N 246 
PHE CB  HB3  sing N N 247 
PHE CG  CD1  doub Y N 248 
PHE CG  CD2  sing Y N 249 
PHE CD1 CE1  sing Y N 250 
PHE CD1 HD1  sing N N 251 
PHE CD2 CE2  doub Y N 252 
PHE CD2 HD2  sing N N 253 
PHE CE1 CZ   doub Y N 254 
PHE CE1 HE1  sing N N 255 
PHE CE2 CZ   sing Y N 256 
PHE CE2 HE2  sing N N 257 
PHE CZ  HZ   sing N N 258 
PHE OXT HXT  sing N N 259 
REV O17 C02  sing N N 260 
REV O15 C16  sing N N 261 
REV O15 C01  sing N N 262 
REV C02 C01  doub Y N 263 
REV C02 C03  sing Y N 264 
REV C01 C06  sing Y N 265 
REV C03 C04  doub Y N 266 
REV C14 O13  sing N N 267 
REV C06 O13  sing N N 268 
REV C06 C05  doub Y N 269 
REV C21 C20  sing N N 270 
REV C04 C05  sing Y N 271 
REV C04 C19  sing N N 272 
REV C20 C19  sing N N 273 
REV C05 O18  sing N N 274 
REV C09 C10  doub Y N 275 
REV C09 C08  sing Y N 276 
REV C19 C08  sing N N 277 
REV C10 C11  sing Y N 278 
REV C08 C07  doub Y N 279 
REV C11 C12  doub Y N 280 
REV C07 C12  sing Y N 281 
REV C03 H1   sing N N 282 
REV C07 H2   sing N N 283 
REV C09 H3   sing N N 284 
REV C10 H4   sing N N 285 
REV C11 H5   sing N N 286 
REV C12 H6   sing N N 287 
REV C14 H7   sing N N 288 
REV C14 H8   sing N N 289 
REV C14 H9   sing N N 290 
REV C16 H10  sing N N 291 
REV C16 H11  sing N N 292 
REV C16 H12  sing N N 293 
REV O17 H13  sing N N 294 
REV O18 H14  sing N N 295 
REV C19 H15  sing N N 296 
REV C20 H16  sing N N 297 
REV C20 H17  sing N N 298 
REV C21 H18  sing N N 299 
REV C21 H19  sing N N 300 
REV C21 H20  sing N N 301 
SER N   CA   sing N N 302 
SER N   H    sing N N 303 
SER N   H2   sing N N 304 
SER CA  C    sing N N 305 
SER CA  CB   sing N N 306 
SER CA  HA   sing N N 307 
SER C   O    doub N N 308 
SER C   OXT  sing N N 309 
SER CB  OG   sing N N 310 
SER CB  HB2  sing N N 311 
SER CB  HB3  sing N N 312 
SER OG  HG   sing N N 313 
SER OXT HXT  sing N N 314 
THR N   CA   sing N N 315 
THR N   H    sing N N 316 
THR N   H2   sing N N 317 
THR CA  C    sing N N 318 
THR CA  CB   sing N N 319 
THR CA  HA   sing N N 320 
THR C   O    doub N N 321 
THR C   OXT  sing N N 322 
THR CB  OG1  sing N N 323 
THR CB  CG2  sing N N 324 
THR CB  HB   sing N N 325 
THR OG1 HG1  sing N N 326 
THR CG2 HG21 sing N N 327 
THR CG2 HG22 sing N N 328 
THR CG2 HG23 sing N N 329 
THR OXT HXT  sing N N 330 
TYR N   CA   sing N N 331 
TYR N   H    sing N N 332 
TYR N   H2   sing N N 333 
TYR CA  C    sing N N 334 
TYR CA  CB   sing N N 335 
TYR CA  HA   sing N N 336 
TYR C   O    doub N N 337 
TYR C   OXT  sing N N 338 
TYR CB  CG   sing N N 339 
TYR CB  HB2  sing N N 340 
TYR CB  HB3  sing N N 341 
TYR CG  CD1  doub Y N 342 
TYR CG  CD2  sing Y N 343 
TYR CD1 CE1  sing Y N 344 
TYR CD1 HD1  sing N N 345 
TYR CD2 CE2  doub Y N 346 
TYR CD2 HD2  sing N N 347 
TYR CE1 CZ   doub Y N 348 
TYR CE1 HE1  sing N N 349 
TYR CE2 CZ   sing Y N 350 
TYR CE2 HE2  sing N N 351 
TYR CZ  OH   sing N N 352 
TYR OH  HH   sing N N 353 
TYR OXT HXT  sing N N 354 
VAL N   CA   sing N N 355 
VAL N   H    sing N N 356 
VAL N   H2   sing N N 357 
VAL CA  C    sing N N 358 
VAL CA  CB   sing N N 359 
VAL CA  HA   sing N N 360 
VAL C   O    doub N N 361 
VAL C   OXT  sing N N 362 
VAL CB  CG1  sing N N 363 
VAL CB  CG2  sing N N 364 
VAL CB  HB   sing N N 365 
VAL CG1 HG11 sing N N 366 
VAL CG1 HG12 sing N N 367 
VAL CG1 HG13 sing N N 368 
VAL CG2 HG21 sing N N 369 
VAL CG2 HG22 sing N N 370 
VAL CG2 HG23 sing N N 371 
VAL OXT HXT  sing N N 372 
# 
loop_
_pdbx_audit_support.funding_organization 
_pdbx_audit_support.country 
_pdbx_audit_support.grant_number 
_pdbx_audit_support.ordinal 
'National Institutes of Health/National Institute of General Medical Sciences (NIH/NIGMS)' 'United States' GM58888  1 
'National Institutes of Health/National Cancer Institute (NIH/NCI)'                        'United States' CA107331 2 
'National Institutes of Health/National Cancer Institute (NIH/NCI)'                        'United States' CA154274 3 
# 
_atom_sites.entry_id                    4PE4 
_atom_sites.fract_transf_matrix[1][1]   0.00276081 
_atom_sites.fract_transf_matrix[1][2]   0.00282718 
_atom_sites.fract_transf_matrix[1][3]   -0.03038147 
_atom_sites.fract_transf_matrix[2][1]   0.01079949 
_atom_sites.fract_transf_matrix[2][2]   -0.01340489 
_atom_sites.fract_transf_matrix[2][3]   -0.00026604 
_atom_sites.fract_transf_matrix[3][1]   -0.01542131 
_atom_sites.fract_transf_matrix[3][2]   -0.01221132 
_atom_sites.fract_transf_matrix[3][3]   -0.01071574 
_atom_sites.fract_transf_vector[1]      1.256038 
_atom_sites.fract_transf_vector[2]      0.205576 
_atom_sites.fract_transf_vector[3]      0.541622 
# 
loop_
_atom_type.symbol 
C  
CA 
N  
O  
S  
# 
loop_
_atom_site.group_PDB 
_atom_site.id 
_atom_site.type_symbol 
_atom_site.label_atom_id 
_atom_site.label_alt_id 
_atom_site.label_comp_id 
_atom_site.label_asym_id 
_atom_site.label_entity_id 
_atom_site.label_seq_id 
_atom_site.pdbx_PDB_ins_code 
_atom_site.Cartn_x 
_atom_site.Cartn_y 
_atom_site.Cartn_z 
_atom_site.occupancy 
_atom_site.B_iso_or_equiv 
_atom_site.pdbx_formal_charge 
_atom_site.auth_seq_id 
_atom_site.auth_comp_id 
_atom_site.auth_asym_id 
_atom_site.auth_atom_id 
_atom_site.pdbx_PDB_model_num 
ATOM   1    N  N   . MET A 1 1  ? -15.316 -3.640  9.602   1.00 59.19  ? 0   MET X N   1 
ATOM   2    C  CA  . MET A 1 1  ? -14.250 -3.482  8.616   1.00 57.46  ? 0   MET X CA  1 
ATOM   3    C  C   . MET A 1 1  ? -13.496 -4.788  8.353   1.00 55.71  ? 0   MET X C   1 
ATOM   4    O  O   . MET A 1 1  ? -13.232 -5.567  9.278   1.00 58.84  ? 0   MET X O   1 
ATOM   5    C  CB  . MET A 1 1  ? -13.260 -2.389  9.043   1.00 60.84  ? 0   MET X CB  1 
ATOM   6    C  CG  . MET A 1 1  ? -13.682 -0.980  8.657   1.00 64.17  ? 0   MET X CG  1 
ATOM   7    S  SD  . MET A 1 1  ? -12.370 0.239   8.867   1.00 74.18  ? 0   MET X SD  1 
ATOM   8    C  CE  . MET A 1 1  ? -11.825 -0.099  10.554  1.00 54.10  ? 0   MET X CE  1 
ATOM   9    N  N   . SER A 1 2  ? -13.152 -5.022  7.088   1.00 46.26  ? 1   SER X N   1 
ATOM   10   C  CA  . SER A 1 2  ? -12.302 -6.150  6.722   1.00 50.59  ? 1   SER X CA  1 
ATOM   11   C  C   . SER A 1 2  ? -10.866 -5.869  7.143   1.00 41.85  ? 1   SER X C   1 
ATOM   12   O  O   . SER A 1 2  ? -10.535 -4.755  7.531   1.00 43.60  ? 1   SER X O   1 
ATOM   13   C  CB  . SER A 1 2  ? -12.343 -6.380  5.210   1.00 47.88  ? 1   SER X CB  1 
ATOM   14   O  OG  . SER A 1 2  ? -11.715 -5.307  4.519   1.00 43.56  ? 1   SER X OG  1 
ATOM   15   N  N   . GLU A 1 3  ? -10.016 -6.883  7.060   1.00 49.80  ? 2   GLU X N   1 
ATOM   16   C  CA  . GLU A 1 3  ? -8.601  -6.708  7.350   1.00 40.61  ? 2   GLU X CA  1 
ATOM   17   C  C   . GLU A 1 3  ? -7.999  -5.705  6.388   1.00 42.95  ? 2   GLU X C   1 
ATOM   18   O  O   . GLU A 1 3  ? -7.169  -4.885  6.780   1.00 41.54  ? 2   GLU X O   1 
ATOM   19   C  CB  . GLU A 1 3  ? -7.863  -8.037  7.207   1.00 49.78  ? 2   GLU X CB  1 
ATOM   20   C  CG  . GLU A 1 3  ? -8.386  -9.136  8.102   1.00 56.90  ? 2   GLU X CG  1 
ATOM   21   C  CD  . GLU A 1 3  ? -8.305  -8.764  9.570   1.00 78.59  ? 2   GLU X CD  1 
ATOM   22   O  OE1 . GLU A 1 3  ? -7.248  -8.243  9.995   1.00 79.84  ? 2   GLU X OE1 1 
ATOM   23   O  OE2 . GLU A 1 3  ? -9.300  -8.982  10.297  1.00 82.45  ? 2   GLU X OE2 1 
ATOM   24   N  N   . LEU A 1 4  ? -8.428  -5.768  5.128   1.00 32.21  ? 3   LEU X N   1 
ATOM   25   C  CA  . LEU A 1 4  ? -7.867  -4.908  4.095   1.00 39.17  ? 3   LEU X CA  1 
ATOM   26   C  C   . LEU A 1 4  ? -8.247  -3.445  4.330   1.00 39.78  ? 3   LEU X C   1 
ATOM   27   O  O   . LEU A 1 4  ? -7.404  -2.537  4.240   1.00 35.25  ? 3   LEU X O   1 
ATOM   28   C  CB  . LEU A 1 4  ? -8.304  -5.372  2.700   1.00 31.46  ? 3   LEU X CB  1 
ATOM   29   C  CG  . LEU A 1 4  ? -7.821  -4.498  1.535   1.00 34.31  ? 3   LEU X CG  1 
ATOM   30   C  CD1 . LEU A 1 4  ? -6.335  -4.376  1.628   1.00 31.56  ? 3   LEU X CD1 1 
ATOM   31   C  CD2 . LEU A 1 4  ? -8.190  -5.077  0.179   1.00 35.21  ? 3   LEU X CD2 1 
ATOM   32   N  N   . GLU A 1 5  ? -9.519  -3.227  4.629   1.00 34.97  ? 4   GLU X N   1 
ATOM   33   C  CA  . GLU A 1 5  ? -10.039 -1.883  4.920   1.00 44.26  ? 4   GLU X CA  1 
ATOM   34   C  C   . GLU A 1 5  ? -9.318  -1.259  6.116   1.00 42.07  ? 4   GLU X C   1 
ATOM   35   O  O   . GLU A 1 5  ? -8.887  -0.089  6.073   1.00 39.76  ? 4   GLU X O   1 
ATOM   36   C  CB  . GLU A 1 5  ? -11.550 -1.950  5.192   1.00 34.19  ? 4   GLU X CB  1 
ATOM   37   C  CG  . GLU A 1 5  ? -12.378 -2.135  3.941   1.00 47.09  ? 4   GLU X CG  1 
ATOM   38   C  CD  . GLU A 1 5  ? -13.782 -2.703  4.204   1.00 48.84  ? 4   GLU X CD  1 
ATOM   39   O  OE1 . GLU A 1 5  ? -14.020 -3.306  5.276   1.00 49.46  ? 4   GLU X OE1 1 
ATOM   40   O  OE2 . GLU A 1 5  ? -14.640 -2.549  3.315   1.00 46.46  ? 4   GLU X OE2 1 
ATOM   41   N  N   . LYS A 1 6  ? -9.219  -2.050  7.184   1.00 38.05  ? 5   LYS X N   1 
ATOM   42   C  CA  . LYS A 1 6  ? -8.379  -1.713  8.325   1.00 45.73  ? 5   LYS X CA  1 
ATOM   43   C  C   . LYS A 1 6  ? -6.961  -1.367  7.875   1.00 37.03  ? 5   LYS X C   1 
ATOM   44   O  O   . LYS A 1 6  ? -6.371  -0.425  8.385   1.00 40.01  ? 5   LYS X O   1 
ATOM   45   C  CB  . LYS A 1 6  ? -8.364  -2.855  9.350   1.00 46.23  ? 5   LYS X CB  1 
ATOM   46   C  CG  . LYS A 1 6  ? -9.633  -2.957  10.204  1.00 54.14  ? 5   LYS X CG  1 
ATOM   47   C  CD  . LYS A 1 6  ? -9.272  -3.255  11.662  1.00 66.65  ? 5   LYS X CD  1 
ATOM   48   C  CE  . LYS A 1 6  ? -10.451 -3.055  12.617  1.00 74.15  ? 5   LYS X CE  1 
ATOM   49   N  NZ  . LYS A 1 6  ? -11.379 -4.224  12.649  1.00 67.52  ? 5   LYS X NZ  1 
ATOM   50   N  N   . ALA A 1 7  ? -6.413  -2.105  6.911   1.00 36.15  ? 6   ALA X N   1 
ATOM   51   C  CA  . ALA A 1 7  ? -5.028  -1.836  6.489   1.00 38.31  ? 6   ALA X CA  1 
ATOM   52   C  C   . ALA A 1 7  ? -4.924  -0.457  5.826   1.00 37.80  ? 6   ALA X C   1 
ATOM   53   O  O   . ALA A 1 7  ? -4.036  0.335   6.149   1.00 31.60  ? 6   ALA X O   1 
ATOM   54   C  CB  . ALA A 1 7  ? -4.491  -2.944  5.585   1.00 34.36  ? 6   ALA X CB  1 
ATOM   55   N  N   . VAL A 1 8  ? -5.890  -0.149  4.960   1.00 36.83  ? 7   VAL X N   1 
ATOM   56   C  CA  . VAL A 1 8  ? -5.953  1.144   4.268   1.00 35.30  ? 7   VAL X CA  1 
ATOM   57   C  C   . VAL A 1 8  ? -6.072  2.333   5.241   1.00 30.71  ? 7   VAL X C   1 
ATOM   58   O  O   . VAL A 1 8  ? -5.348  3.359   5.118   1.00 36.69  ? 7   VAL X O   1 
ATOM   59   C  CB  . VAL A 1 8  ? -7.111  1.131   3.244   1.00 30.07  ? 7   VAL X CB  1 
ATOM   60   C  CG1 . VAL A 1 8  ? -7.371  2.529   2.672   1.00 45.58  ? 7   VAL X CG1 1 
ATOM   61   C  CG2 . VAL A 1 8  ? -6.797  0.149   2.137   1.00 29.40  ? 7   VAL X CG2 1 
ATOM   62   N  N   . VAL A 1 9  ? -6.962  2.184   6.226   1.00 29.80  ? 8   VAL X N   1 
ATOM   63   C  CA  . VAL A 1 9  ? -7.146  3.232   7.230   1.00 35.75  ? 8   VAL X CA  1 
ATOM   64   C  C   . VAL A 1 9  ? -5.890  3.391   8.086   1.00 36.55  ? 8   VAL X C   1 
ATOM   65   O  O   . VAL A 1 9  ? -5.496  4.500   8.396   1.00 44.35  ? 8   VAL X O   1 
ATOM   66   C  CB  . VAL A 1 9  ? -8.427  3.040   8.123   1.00 53.73  ? 8   VAL X CB  1 
ATOM   67   C  CG1 . VAL A 1 9  ? -9.672  2.758   7.265   1.00 30.95  ? 8   VAL X CG1 1 
ATOM   68   C  CG2 . VAL A 1 9  ? -8.232  1.959   9.180   1.00 54.60  ? 8   VAL X CG2 1 
ATOM   69   N  N   . ALA A 1 10 ? -5.253  2.280   8.437   1.00 35.00  ? 9   ALA X N   1 
ATOM   70   C  CA  . ALA A 1 10 ? -4.011  2.341   9.178   1.00 37.44  ? 9   ALA X CA  1 
ATOM   71   C  C   . ALA A 1 10 ? -2.918  3.076   8.377   1.00 41.59  ? 9   ALA X C   1 
ATOM   72   O  O   . ALA A 1 10 ? -2.220  3.910   8.931   1.00 33.81  ? 9   ALA X O   1 
ATOM   73   C  CB  . ALA A 1 10 ? -3.565  0.962   9.564   1.00 36.23  ? 9   ALA X CB  1 
ATOM   74   N  N   . LEU A 1 11 ? -2.771  2.781   7.082   1.00 35.98  ? 10  LEU X N   1 
ATOM   75   C  CA  . LEU A 1 11 ? -1.785  3.494   6.264   1.00 30.73  ? 10  LEU X CA  1 
ATOM   76   C  C   . LEU A 1 11 ? -2.001  5.005   6.328   1.00 36.56  ? 10  LEU X C   1 
ATOM   77   O  O   . LEU A 1 11 ? -1.068  5.789   6.637   1.00 33.80  ? 10  LEU X O   1 
ATOM   78   C  CB  . LEU A 1 11 ? -1.829  3.028   4.810   1.00 25.47  ? 10  LEU X CB  1 
ATOM   79   C  CG  . LEU A 1 11 ? -1.474  1.563   4.549   1.00 31.80  ? 10  LEU X CG  1 
ATOM   80   C  CD1 . LEU A 1 11 ? -1.752  1.197   3.094   1.00 32.75  ? 10  LEU X CD1 1 
ATOM   81   C  CD2 . LEU A 1 11 ? -0.026  1.257   4.911   1.00 34.02  ? 10  LEU X CD2 1 
ATOM   82   N  N   . ILE A 1 12 ? -3.242  5.400   6.044   1.00 35.21  ? 11  ILE X N   1 
ATOM   83   C  CA  . ILE A 1 12 ? -3.601  6.811   6.067   1.00 33.24  ? 11  ILE X CA  1 
ATOM   84   C  C   . ILE A 1 12 ? -3.339  7.435   7.437   1.00 37.37  ? 11  ILE X C   1 
ATOM   85   O  O   . ILE A 1 12 ? -2.774  8.529   7.542   1.00 38.44  ? 11  ILE X O   1 
ATOM   86   C  CB  . ILE A 1 12 ? -5.066  7.010   5.678   1.00 37.01  ? 11  ILE X CB  1 
ATOM   87   C  CG1 . ILE A 1 12 ? -5.291  6.486   4.260   1.00 36.55  ? 11  ILE X CG1 1 
ATOM   88   C  CG2 . ILE A 1 12 ? -5.457  8.484   5.814   1.00 28.42  ? 11  ILE X CG2 1 
ATOM   89   C  CD1 . ILE A 1 12 ? -6.732  6.512   3.843   1.00 45.13  ? 11  ILE X CD1 1 
ATOM   90   N  N   . ASP A 1 13 ? -3.746  6.715   8.478   1.00 37.25  ? 12  ASP X N   1 
ATOM   91   C  CA  . ASP A 1 13 ? -3.558  7.112   9.872   1.00 38.00  ? 12  ASP X CA  1 
ATOM   92   C  C   . ASP A 1 13 ? -2.088  7.341   10.254  1.00 40.13  ? 12  ASP X C   1 
ATOM   93   O  O   . ASP A 1 13 ? -1.734  8.409   10.774  1.00 33.18  ? 12  ASP X O   1 
ATOM   94   C  CB  . ASP A 1 13 ? -4.167  6.040   10.779  1.00 36.15  ? 12  ASP X CB  1 
ATOM   95   C  CG  . ASP A 1 13 ? -4.310  6.494   12.214  1.00 45.62  ? 12  ASP X CG  1 
ATOM   96   O  OD1 . ASP A 1 13 ? -4.395  7.716   12.447  1.00 56.21  ? 12  ASP X OD1 1 
ATOM   97   O  OD2 . ASP A 1 13 ? -4.370  5.624   13.108  1.00 55.28  ? 12  ASP X OD2 1 
ATOM   98   N  N   . VAL A 1 14 ? -1.227  6.355   10.008  1.00 28.31  ? 13  VAL X N   1 
ATOM   99   C  CA  . VAL A 1 14 ? 0.193   6.525   10.379  1.00 39.04  ? 13  VAL X CA  1 
ATOM   100  C  C   . VAL A 1 14 ? 0.814   7.681   9.590   1.00 37.01  ? 13  VAL X C   1 
ATOM   101  O  O   . VAL A 1 14 ? 1.571   8.511   10.160  1.00 40.85  ? 13  VAL X O   1 
ATOM   102  C  CB  . VAL A 1 14 ? 1.031   5.218   10.257  1.00 32.54  ? 13  VAL X CB  1 
ATOM   103  C  CG1 . VAL A 1 14 ? 1.209   4.837   8.827   1.00 38.33  ? 13  VAL X CG1 1 
ATOM   104  C  CG2 . VAL A 1 14 ? 2.414   5.402   10.886  1.00 35.34  ? 13  VAL X CG2 1 
ATOM   105  N  N   . PHE A 1 15 ? 0.471   7.780   8.301   1.00 29.39  ? 14  PHE X N   1 
ATOM   106  C  CA  . PHE A 1 15 ? 1.020   8.889   7.530   1.00 35.87  ? 14  PHE X CA  1 
ATOM   107  C  C   . PHE A 1 15 ? 0.603   10.217  8.160   1.00 44.32  ? 14  PHE X C   1 
ATOM   108  O  O   . PHE A 1 15 ? 1.397   11.148  8.234   1.00 40.07  ? 14  PHE X O   1 
ATOM   109  C  CB  . PHE A 1 15 ? 0.599   8.876   6.064   1.00 28.76  ? 14  PHE X CB  1 
ATOM   110  C  CG  . PHE A 1 15 ? 1.156   10.045  5.267   1.00 36.24  ? 14  PHE X CG  1 
ATOM   111  C  CD1 . PHE A 1 15 ? 2.406   9.960   4.657   1.00 30.16  ? 14  PHE X CD1 1 
ATOM   112  C  CD2 . PHE A 1 15 ? 0.439   11.232  5.145   1.00 38.74  ? 14  PHE X CD2 1 
ATOM   113  C  CE1 . PHE A 1 15 ? 2.920   11.025  3.928   1.00 32.64  ? 14  PHE X CE1 1 
ATOM   114  C  CE2 . PHE A 1 15 ? 0.948   12.304  4.422   1.00 33.34  ? 14  PHE X CE2 1 
ATOM   115  C  CZ  . PHE A 1 15 ? 2.186   12.198  3.804   1.00 36.65  ? 14  PHE X CZ  1 
ATOM   116  N  N   . HIS A 1 16 ? -0.647  10.291  8.608   1.00 40.47  ? 15  HIS X N   1 
ATOM   117  C  CA  . HIS A 1 16 ? -1.172  11.534  9.169   1.00 50.14  ? 15  HIS X CA  1 
ATOM   118  C  C   . HIS A 1 16 ? -0.444  11.881  10.471  1.00 47.61  ? 15  HIS X C   1 
ATOM   119  O  O   . HIS A 1 16 ? -0.055  13.050  10.693  1.00 51.06  ? 15  HIS X O   1 
ATOM   120  C  CB  . HIS A 1 16 ? -2.686  11.426  9.406   1.00 43.50  ? 15  HIS X CB  1 
ATOM   121  C  CG  . HIS A 1 16 ? -3.398  12.746  9.445   1.00 64.42  ? 15  HIS X CG  1 
ATOM   122  N  ND1 . HIS A 1 16 ? -3.776  13.425  8.305   1.00 62.36  ? 15  HIS X ND1 1 
ATOM   123  C  CD2 . HIS A 1 16 ? -3.817  13.503  10.490  1.00 68.24  ? 15  HIS X CD2 1 
ATOM   124  C  CE1 . HIS A 1 16 ? -4.390  14.545  8.645   1.00 68.88  ? 15  HIS X CE1 1 
ATOM   125  N  NE2 . HIS A 1 16 ? -4.426  14.616  9.965   1.00 73.51  ? 15  HIS X NE2 1 
ATOM   126  N  N   . GLN A 1 17 ? -0.264  10.858  11.312  1.00 41.78  ? 16  GLN X N   1 
ATOM   127  C  CA  . GLN A 1 17 ? 0.427   10.997  12.594  1.00 47.26  ? 16  GLN X CA  1 
ATOM   128  C  C   . GLN A 1 17 ? 1.750   11.681  12.380  1.00 47.40  ? 16  GLN X C   1 
ATOM   129  O  O   . GLN A 1 17 ? 2.063   12.658  13.054  1.00 52.69  ? 16  GLN X O   1 
ATOM   130  C  CB  . GLN A 1 17 ? 0.692   9.638   13.263  1.00 42.36  ? 16  GLN X CB  1 
ATOM   131  C  CG  . GLN A 1 17 ? -0.543  8.826   13.648  1.00 62.15  ? 16  GLN X CG  1 
ATOM   132  C  CD  . GLN A 1 17 ? -1.132  9.203   14.998  1.00 78.00  ? 16  GLN X CD  1 
ATOM   133  O  OE1 . GLN A 1 17 ? -0.609  10.070  15.703  1.00 80.91  ? 16  GLN X OE1 1 
ATOM   134  N  NE2 . GLN A 1 17 ? -2.232  8.545   15.367  1.00 82.85  ? 16  GLN X NE2 1 
ATOM   135  N  N   . TYR A 1 18 ? 2.533   11.174  11.434  1.00 45.12  ? 17  TYR X N   1 
ATOM   136  C  CA  . TYR A 1 18 ? 3.876   11.736  11.265  1.00 44.65  ? 17  TYR X CA  1 
ATOM   137  C  C   . TYR A 1 18 ? 3.980   13.026  10.431  1.00 45.85  ? 17  TYR X C   1 
ATOM   138  O  O   . TYR A 1 18 ? 4.826   13.887  10.711  1.00 36.66  ? 17  TYR X O   1 
ATOM   139  C  CB  . TYR A 1 18 ? 4.864   10.646  10.829  1.00 40.21  ? 17  TYR X CB  1 
ATOM   140  C  CG  . TYR A 1 18 ? 5.105   9.684   11.969  1.00 40.96  ? 17  TYR X CG  1 
ATOM   141  C  CD1 . TYR A 1 18 ? 4.257   8.595   12.194  1.00 28.80  ? 17  TYR X CD1 1 
ATOM   142  C  CD2 . TYR A 1 18 ? 6.130   9.909   12.867  1.00 34.76  ? 17  TYR X CD2 1 
ATOM   143  C  CE1 . TYR A 1 18 ? 4.457   7.750   13.273  1.00 36.74  ? 17  TYR X CE1 1 
ATOM   144  C  CE2 . TYR A 1 18 ? 6.344   9.061   13.937  1.00 33.18  ? 17  TYR X CE2 1 
ATOM   145  C  CZ  . TYR A 1 18 ? 5.515   7.995   14.139  1.00 34.59  ? 17  TYR X CZ  1 
ATOM   146  O  OH  . TYR A 1 18 ? 5.761   7.185   15.219  1.00 42.96  ? 17  TYR X OH  1 
ATOM   147  N  N   . SER A 1 19 ? 3.107   13.167  9.436   1.00 40.30  ? 18  SER X N   1 
ATOM   148  C  CA  . SER A 1 19 ? 3.139   14.329  8.548   1.00 44.58  ? 18  SER X CA  1 
ATOM   149  C  C   . SER A 1 19 ? 2.630   15.610  9.223   1.00 48.51  ? 18  SER X C   1 
ATOM   150  O  O   . SER A 1 19 ? 3.140   16.699  8.954   1.00 44.63  ? 18  SER X O   1 
ATOM   151  C  CB  . SER A 1 19 ? 2.337   14.060  7.273   1.00 40.06  ? 18  SER X CB  1 
ATOM   152  O  OG  . SER A 1 19 ? 0.975   13.834  7.575   1.00 46.47  ? 18  SER X OG  1 
ATOM   153  N  N   . GLY A 1 20 ? 1.635   15.488  10.101  1.00 49.61  ? 19  GLY X N   1 
ATOM   154  C  CA  . GLY A 1 20 ? 1.058   16.675  10.719  1.00 51.43  ? 19  GLY X CA  1 
ATOM   155  C  C   . GLY A 1 20 ? 1.944   17.390  11.734  1.00 53.39  ? 19  GLY X C   1 
ATOM   156  O  O   . GLY A 1 20 ? 1.677   18.536  12.109  1.00 50.87  ? 19  GLY X O   1 
ATOM   157  N  N   . ARG A 1 21 ? 3.006   16.720  12.172  1.00 50.28  ? 20  ARG X N   1 
ATOM   158  C  CA  . ARG A 1 21 ? 3.823   17.207  13.275  1.00 46.48  ? 20  ARG X CA  1 
ATOM   159  C  C   . ARG A 1 21 ? 4.406   18.600  13.050  1.00 50.29  ? 20  ARG X C   1 
ATOM   160  O  O   . ARG A 1 21 ? 4.265   19.479  13.894  1.00 52.13  ? 20  ARG X O   1 
ATOM   161  C  CB  . ARG A 1 21 ? 4.949   16.220  13.575  1.00 44.83  ? 20  ARG X CB  1 
ATOM   162  C  CG  . ARG A 1 21 ? 4.511   14.971  14.314  1.00 43.35  ? 20  ARG X CG  1 
ATOM   163  C  CD  . ARG A 1 21 ? 5.691   14.030  14.489  1.00 45.03  ? 20  ARG X CD  1 
ATOM   164  N  NE  . ARG A 1 21 ? 5.328   12.810  15.210  1.00 44.57  ? 20  ARG X NE  1 
ATOM   165  C  CZ  . ARG A 1 21 ? 6.220   11.957  15.707  1.00 48.41  ? 20  ARG X CZ  1 
ATOM   166  N  NH1 . ARG A 1 21 ? 7.513   12.197  15.553  1.00 42.28  ? 20  ARG X NH1 1 
ATOM   167  N  NH2 . ARG A 1 21 ? 5.827   10.872  16.362  1.00 43.65  ? 20  ARG X NH2 1 
ATOM   168  N  N   . GLU A 1 22 ? 5.065   18.788  11.911  1.00 50.70  ? 21  GLU X N   1 
ATOM   169  C  CA  . GLU A 1 22 ? 5.840   19.998  11.666  1.00 46.80  ? 21  GLU X CA  1 
ATOM   170  C  C   . GLU A 1 22 ? 5.750   20.427  10.211  1.00 50.63  ? 21  GLU X C   1 
ATOM   171  O  O   . GLU A 1 22 ? 5.707   19.589  9.304   1.00 50.48  ? 21  GLU X O   1 
ATOM   172  C  CB  . GLU A 1 22 ? 7.313   19.778  12.049  1.00 49.79  ? 21  GLU X CB  1 
ATOM   173  C  CG  . GLU A 1 22 ? 7.525   19.312  13.477  1.00 51.03  ? 21  GLU X CG  1 
ATOM   174  C  CD  . GLU A 1 22 ? 8.977   19.226  13.856  1.00 63.52  ? 21  GLU X CD  1 
ATOM   175  O  OE1 . GLU A 1 22 ? 9.831   19.198  12.940  1.00 63.68  ? 21  GLU X OE1 1 
ATOM   176  O  OE2 . GLU A 1 22 ? 9.255   19.195  15.075  1.00 69.88  ? 21  GLU X OE2 1 
ATOM   177  N  N   . GLY A 1 23 ? 5.727   21.738  10.000  1.00 44.01  ? 22  GLY X N   1 
ATOM   178  C  CA  . GLY A 1 23 ? 5.721   22.299  8.665   1.00 45.09  ? 22  GLY X CA  1 
ATOM   179  C  C   . GLY A 1 23 ? 4.464   21.906  7.929   1.00 49.14  ? 22  GLY X C   1 
ATOM   180  O  O   . GLY A 1 23 ? 3.378   21.884  8.511   1.00 48.41  ? 22  GLY X O   1 
ATOM   181  N  N   . ASP A 1 24 ? 4.617   21.604  6.645   1.00 49.09  ? 23  ASP X N   1 
ATOM   182  C  CA  . ASP A 1 24 ? 3.531   21.067  5.849   1.00 52.69  ? 23  ASP X CA  1 
ATOM   183  C  C   . ASP A 1 24 ? 2.948   19.828  6.546   1.00 53.39  ? 23  ASP X C   1 
ATOM   184  O  O   . ASP A 1 24 ? 3.614   18.788  6.643   1.00 47.05  ? 23  ASP X O   1 
ATOM   185  C  CB  . ASP A 1 24 ? 4.046   20.707  4.456   1.00 58.34  ? 23  ASP X CB  1 
ATOM   186  C  CG  . ASP A 1 24 ? 2.926   20.426  3.474   1.00 57.91  ? 23  ASP X CG  1 
ATOM   187  O  OD1 . ASP A 1 24 ? 1.865   19.916  3.899   1.00 60.20  ? 23  ASP X OD1 1 
ATOM   188  O  OD2 . ASP A 1 24 ? 3.109   20.715  2.272   1.00 70.44  ? 23  ASP X OD2 1 
ATOM   189  N  N   . LYS A 1 25 ? 1.715   19.954  7.040   1.00 49.73  ? 24  LYS X N   1 
ATOM   190  C  CA  . LYS A 1 25 ? 1.066   18.892  7.814   1.00 53.93  ? 24  LYS X CA  1 
ATOM   191  C  C   . LYS A 1 25 ? 0.607   17.715  6.949   1.00 53.93  ? 24  LYS X C   1 
ATOM   192  O  O   . LYS A 1 25 ? 0.156   16.696  7.472   1.00 52.65  ? 24  LYS X O   1 
ATOM   193  C  CB  . LYS A 1 25 ? -0.110  19.445  8.636   1.00 59.20  ? 24  LYS X CB  1 
ATOM   194  C  CG  . LYS A 1 25 ? 0.292   20.378  9.795   1.00 59.87  ? 24  LYS X CG  1 
ATOM   195  C  CD  . LYS A 1 25 ? -0.817  20.485  10.859  1.00 61.84  ? 24  LYS X CD  1 
ATOM   196  C  CE  . LYS A 1 25 ? -0.492  21.506  11.963  1.00 69.66  ? 24  LYS X CE  1 
ATOM   197  N  NZ  . LYS A 1 25 ? 0.606   21.090  12.904  1.00 62.47  ? 24  LYS X NZ  1 
ATOM   198  N  N   . HIS A 1 26 ? 0.730   17.858  5.630   1.00 51.67  ? 25  HIS X N   1 
ATOM   199  C  CA  . HIS A 1 26 ? 0.408   16.773  4.706   1.00 56.28  ? 25  HIS X CA  1 
ATOM   200  C  C   . HIS A 1 26 ? 1.650   16.182  4.022   1.00 49.95  ? 25  HIS X C   1 
ATOM   201  O  O   . HIS A 1 26 ? 1.525   15.399  3.087   1.00 46.42  ? 25  HIS X O   1 
ATOM   202  C  CB  . HIS A 1 26 ? -0.605  17.231  3.639   1.00 65.43  ? 25  HIS X CB  1 
ATOM   203  C  CG  . HIS A 1 26 ? -1.809  17.932  4.197   1.00 70.44  ? 25  HIS X CG  1 
ATOM   204  N  ND1 . HIS A 1 26 ? -2.731  17.301  5.000   1.00 73.71  ? 25  HIS X ND1 1 
ATOM   205  C  CD2 . HIS A 1 26 ? -2.240  19.207  4.047   1.00 72.57  ? 25  HIS X CD2 1 
ATOM   206  C  CE1 . HIS A 1 26 ? -3.680  18.163  5.334   1.00 75.85  ? 25  HIS X CE1 1 
ATOM   207  N  NE2 . HIS A 1 26 ? -3.405  19.324  4.768   1.00 75.09  ? 25  HIS X NE2 1 
ATOM   208  N  N   . LYS A 1 27 ? 2.844   16.555  4.477   1.00 49.60  ? 26  LYS X N   1 
ATOM   209  C  CA  . LYS A 1 27 ? 4.075   15.964  3.931   1.00 45.42  ? 26  LYS X CA  1 
ATOM   210  C  C   . LYS A 1 27 ? 5.058   15.528  5.028   1.00 42.18  ? 26  LYS X C   1 
ATOM   211  O  O   . LYS A 1 27 ? 5.042   16.060  6.139   1.00 38.95  ? 26  LYS X O   1 
ATOM   212  C  CB  . LYS A 1 27 ? 4.748   16.912  2.924   1.00 49.69  ? 26  LYS X CB  1 
ATOM   213  C  CG  . LYS A 1 27 ? 3.962   17.128  1.624   1.00 52.76  ? 26  LYS X CG  1 
ATOM   214  C  CD  . LYS A 1 27 ? 4.544   18.302  0.822   1.00 57.94  ? 26  LYS X CD  1 
ATOM   215  C  CE  . LYS A 1 27 ? 3.668   18.662  -0.377  1.00 68.25  ? 26  LYS X CE  1 
ATOM   216  N  NZ  . LYS A 1 27 ? 3.954   20.038  -0.886  1.00 74.57  ? 26  LYS X NZ  1 
ATOM   217  N  N   . LEU A 1 28 ? 5.895   14.543  4.714   1.00 41.50  ? 27  LEU X N   1 
ATOM   218  C  CA  . LEU A 1 28 ? 6.891   14.059  5.667   1.00 39.38  ? 27  LEU X CA  1 
ATOM   219  C  C   . LEU A 1 28 ? 8.223   14.707  5.340   1.00 35.02  ? 27  LEU X C   1 
ATOM   220  O  O   . LEU A 1 28 ? 8.824   14.401  4.310   1.00 39.75  ? 27  LEU X O   1 
ATOM   221  C  CB  . LEU A 1 28 ? 7.028   12.531  5.588   1.00 41.62  ? 27  LEU X CB  1 
ATOM   222  C  CG  . LEU A 1 28 ? 5.879   11.651  6.084   1.00 35.73  ? 27  LEU X CG  1 
ATOM   223  C  CD1 . LEU A 1 28 ? 6.115   10.176  5.730   1.00 29.44  ? 27  LEU X CD1 1 
ATOM   224  C  CD2 . LEU A 1 28 ? 5.692   11.810  7.588   1.00 29.11  ? 27  LEU X CD2 1 
ATOM   225  N  N   . LYS A 1 29 ? 8.682   15.618  6.194   1.00 36.27  ? 28  LYS X N   1 
ATOM   226  C  CA  . LYS A 1 29 ? 10.065  16.111  6.084   1.00 45.09  ? 28  LYS X CA  1 
ATOM   227  C  C   . LYS A 1 29 ? 11.013  15.034  6.631   1.00 41.91  ? 28  LYS X C   1 
ATOM   228  O  O   . LYS A 1 29 ? 10.546  14.005  7.145   1.00 35.11  ? 28  LYS X O   1 
ATOM   229  C  CB  . LYS A 1 29 ? 10.251  17.438  6.828   1.00 39.70  ? 28  LYS X CB  1 
ATOM   230  C  CG  . LYS A 1 29 ? 9.982   17.368  8.329   1.00 44.32  ? 28  LYS X CG  1 
ATOM   231  C  CD  . LYS A 1 29 ? 10.581  18.582  9.083   1.00 52.52  ? 28  LYS X CD  1 
ATOM   232  C  CE  . LYS A 1 29 ? 9.871   19.879  8.735   1.00 55.31  ? 28  LYS X CE  1 
ATOM   233  N  NZ  . LYS A 1 29 ? 10.240  20.973  9.690   1.00 66.26  ? 28  LYS X NZ  1 
ATOM   234  N  N   . LYS A 1 30 ? 12.324  15.250  6.526   1.00 38.12  ? 29  LYS X N   1 
ATOM   235  C  CA  . LYS A 1 30 ? 13.285  14.197  6.896   1.00 41.07  ? 29  LYS X CA  1 
ATOM   236  C  C   . LYS A 1 30 ? 13.109  13.668  8.324   1.00 38.32  ? 29  LYS X C   1 
ATOM   237  O  O   . LYS A 1 30 ? 13.109  12.458  8.539   1.00 32.93  ? 29  LYS X O   1 
ATOM   238  C  CB  . LYS A 1 30 ? 14.731  14.637  6.680   1.00 31.16  ? 29  LYS X CB  1 
ATOM   239  C  CG  . LYS A 1 30 ? 15.177  14.698  5.231   1.00 40.22  ? 29  LYS X CG  1 
ATOM   240  C  CD  . LYS A 1 30 ? 16.623  15.202  5.177   1.00 54.77  ? 29  LYS X CD  1 
ATOM   241  C  CE  . LYS A 1 30 ? 17.128  15.469  3.771   1.00 50.93  ? 29  LYS X CE  1 
ATOM   242  N  NZ  . LYS A 1 30 ? 18.340  16.341  3.848   1.00 39.76  ? 29  LYS X NZ  1 
ATOM   243  N  N   . SER A 1 31 ? 12.928  14.570  9.286   1.00 37.46  ? 30  SER X N   1 
ATOM   244  C  CA  . SER A 1 31 ? 12.850  14.187  10.701  1.00 33.64  ? 30  SER X CA  1 
ATOM   245  C  C   . SER A 1 31 ? 11.606  13.365  10.952  1.00 38.26  ? 30  SER X C   1 
ATOM   246  O  O   . SER A 1 31 ? 11.650  12.385  11.698  1.00 44.68  ? 30  SER X O   1 
ATOM   247  C  CB  . SER A 1 31 ? 12.867  15.428  11.615  1.00 44.78  ? 30  SER X CB  1 
ATOM   248  O  OG  . SER A 1 31 ? 11.679  16.200  11.482  1.00 40.55  ? 30  SER X OG  1 
ATOM   249  N  N   . GLU A 1 32 ? 10.505  13.741  10.301  1.00 34.74  ? 31  GLU X N   1 
ATOM   250  C  CA  . GLU A 1 32 ? 9.248   13.014  10.443  1.00 41.58  ? 31  GLU X CA  1 
ATOM   251  C  C   . GLU A 1 32 ? 9.336   11.609  9.853   1.00 34.99  ? 31  GLU X C   1 
ATOM   252  O  O   . GLU A 1 32 ? 8.866   10.647  10.455  1.00 29.75  ? 31  GLU X O   1 
ATOM   253  C  CB  . GLU A 1 32 ? 8.108   13.785  9.770   1.00 38.02  ? 31  GLU X CB  1 
ATOM   254  C  CG  . GLU A 1 32 ? 7.805   15.116  10.412  1.00 35.60  ? 31  GLU X CG  1 
ATOM   255  C  CD  . GLU A 1 32 ? 6.876   15.948  9.563   1.00 41.48  ? 31  GLU X CD  1 
ATOM   256  O  OE1 . GLU A 1 32 ? 7.037   15.933  8.327   1.00 38.94  ? 31  GLU X OE1 1 
ATOM   257  O  OE2 . GLU A 1 32 ? 5.987   16.614  10.125  1.00 45.88  ? 31  GLU X OE2 1 
ATOM   258  N  N   . LEU A 1 33 ? 9.933   11.511  8.670   1.00 36.55  ? 32  LEU X N   1 
ATOM   259  C  CA  . LEU A 1 33 ? 10.118  10.229  7.993   1.00 38.58  ? 32  LEU X CA  1 
ATOM   260  C  C   . LEU A 1 33 ? 11.008  9.326   8.837   1.00 33.68  ? 32  LEU X C   1 
ATOM   261  O  O   . LEU A 1 33 ? 10.709  8.147   9.028   1.00 26.71  ? 32  LEU X O   1 
ATOM   262  C  CB  . LEU A 1 33 ? 10.738  10.450  6.608   1.00 28.93  ? 32  LEU X CB  1 
ATOM   263  C  CG  . LEU A 1 33 ? 11.138  9.242   5.770   1.00 37.82  ? 32  LEU X CG  1 
ATOM   264  C  CD1 . LEU A 1 33 ? 9.919   8.366   5.423   1.00 26.67  ? 32  LEU X CD1 1 
ATOM   265  C  CD2 . LEU A 1 33 ? 11.821  9.713   4.507   1.00 31.91  ? 32  LEU X CD2 1 
ATOM   266  N  N   . LYS A 1 34 ? 12.089  9.899   9.366   1.00 37.98  ? 33  LYS X N   1 
ATOM   267  C  CA  . LYS A 1 34 ? 13.009  9.149   10.227  1.00 35.39  ? 33  LYS X CA  1 
ATOM   268  C  C   . LYS A 1 34 ? 12.275  8.598   11.436  1.00 32.96  ? 33  LYS X C   1 
ATOM   269  O  O   . LYS A 1 34 ? 12.441  7.423   11.786  1.00 31.40  ? 33  LYS X O   1 
ATOM   270  C  CB  . LYS A 1 34 ? 14.180  10.019  10.689  1.00 34.24  ? 33  LYS X CB  1 
ATOM   271  C  CG  . LYS A 1 34 ? 14.965  9.394   11.841  1.00 45.37  ? 33  LYS X CG  1 
ATOM   272  C  CD  . LYS A 1 34 ? 15.885  10.425  12.524  1.00 44.65  ? 33  LYS X CD  1 
ATOM   273  C  CE  . LYS A 1 34 ? 16.333  9.977   13.913  1.00 55.44  ? 33  LYS X CE  1 
ATOM   274  N  NZ  . LYS A 1 34 ? 17.174  11.032  14.588  1.00 71.47  ? 33  LYS X NZ  1 
ATOM   275  N  N   . GLU A 1 35 ? 11.439  9.430   12.057  1.00 34.62  ? 34  GLU X N   1 
ATOM   276  C  CA  . GLU A 1 35 ? 10.691  8.968   13.223  1.00 34.81  ? 34  GLU X CA  1 
ATOM   277  C  C   . GLU A 1 35 ? 9.656   7.887   12.852  1.00 35.17  ? 34  GLU X C   1 
ATOM   278  O  O   . GLU A 1 35 ? 9.412   6.950   13.620  1.00 30.21  ? 34  GLU X O   1 
ATOM   279  C  CB  . GLU A 1 35 ? 10.023  10.136  13.965  1.00 36.90  ? 34  GLU X CB  1 
ATOM   280  C  CG  . GLU A 1 35 ? 10.925  11.320  14.387  1.00 35.30  ? 34  GLU X CG  1 
ATOM   281  C  CD  . GLU A 1 35 ? 12.133  10.953  15.288  1.00 57.20  ? 34  GLU X CD  1 
ATOM   282  O  OE1 . GLU A 1 35 ? 12.108  9.898   15.963  1.00 54.17  ? 34  GLU X OE1 1 
ATOM   283  O  OE2 . GLU A 1 35 ? 13.117  11.739  15.327  1.00 57.84  ? 34  GLU X OE2 1 
ATOM   284  N  N   . LEU A 1 36 ? 9.049   8.019   11.677  1.00 35.39  ? 35  LEU X N   1 
ATOM   285  C  CA  . LEU A 1 36 ? 8.062   7.040   11.249  1.00 32.05  ? 35  LEU X CA  1 
ATOM   286  C  C   . LEU A 1 36 ? 8.758   5.697   11.114  1.00 31.19  ? 35  LEU X C   1 
ATOM   287  O  O   . LEU A 1 36 ? 8.273   4.675   11.603  1.00 29.63  ? 35  LEU X O   1 
ATOM   288  C  CB  . LEU A 1 36 ? 7.453   7.443   9.907   1.00 27.38  ? 35  LEU X CB  1 
ATOM   289  C  CG  . LEU A 1 36 ? 6.278   6.604   9.396   1.00 31.25  ? 35  LEU X CG  1 
ATOM   290  C  CD1 . LEU A 1 36 ? 5.387   7.491   8.532   1.00 31.68  ? 35  LEU X CD1 1 
ATOM   291  C  CD2 . LEU A 1 36 ? 6.757   5.381   8.617   1.00 26.98  ? 35  LEU X CD2 1 
ATOM   292  N  N   . ILE A 1 37 ? 9.900   5.702   10.439  1.00 26.82  ? 36  ILE X N   1 
ATOM   293  C  CA  . ILE A 1 37 ? 10.583  4.445   10.147  1.00 34.44  ? 36  ILE X CA  1 
ATOM   294  C  C   . ILE A 1 37 ? 11.062  3.813   11.448  1.00 35.19  ? 36  ILE X C   1 
ATOM   295  O  O   . ILE A 1 37 ? 10.773  2.643   11.721  1.00 31.25  ? 36  ILE X O   1 
ATOM   296  C  CB  . ILE A 1 37 ? 11.745  4.678   9.172   1.00 35.21  ? 36  ILE X CB  1 
ATOM   297  C  CG1 . ILE A 1 37 ? 11.194  4.933   7.760   1.00 28.34  ? 36  ILE X CG1 1 
ATOM   298  C  CG2 . ILE A 1 37 ? 12.741  3.530   9.211   1.00 28.27  ? 36  ILE X CG2 1 
ATOM   299  C  CD1 . ILE A 1 37 ? 12.250  5.482   6.800   1.00 29.69  ? 36  ILE X CD1 1 
ATOM   300  N  N   . ASN A 1 38 ? 11.752  4.610   12.262  1.00 33.99  ? 37  ASN X N   1 
ATOM   301  C  CA  . ASN A 1 38 ? 12.254  4.159   13.568  1.00 31.69  ? 37  ASN X CA  1 
ATOM   302  C  C   . ASN A 1 38 ? 11.199  3.650   14.556  1.00 38.69  ? 37  ASN X C   1 
ATOM   303  O  O   . ASN A 1 38 ? 11.448  2.678   15.258  1.00 36.47  ? 37  ASN X O   1 
ATOM   304  C  CB  . ASN A 1 38 ? 13.128  5.237   14.204  1.00 30.39  ? 37  ASN X CB  1 
ATOM   305  C  CG  . ASN A 1 38 ? 14.482  5.328   13.541  1.00 45.63  ? 37  ASN X CG  1 
ATOM   306  O  OD1 . ASN A 1 38 ? 14.819  4.482   12.709  1.00 40.43  ? 37  ASN X OD1 1 
ATOM   307  N  ND2 . ASN A 1 38 ? 15.276  6.338   13.911  1.00 43.01  ? 37  ASN X ND2 1 
ATOM   308  N  N   . ASN A 1 39 ? 10.023  4.280   14.593  1.00 33.39  ? 38  ASN X N   1 
ATOM   309  C  CA  . ASN A 1 39 ? 8.993   3.913   15.560  1.00 29.93  ? 38  ASN X CA  1 
ATOM   310  C  C   . ASN A 1 39 ? 7.994   2.857   15.041  1.00 42.99  ? 38  ASN X C   1 
ATOM   311  O  O   . ASN A 1 39 ? 7.471   2.066   15.826  1.00 41.29  ? 38  ASN X O   1 
ATOM   312  C  CB  . ASN A 1 39 ? 8.189   5.157   16.008  1.00 40.20  ? 38  ASN X CB  1 
ATOM   313  C  CG  . ASN A 1 39 ? 9.058   6.247   16.632  1.00 41.43  ? 38  ASN X CG  1 
ATOM   314  O  OD1 . ASN A 1 39 ? 10.171  6.000   17.066  1.00 40.40  ? 38  ASN X OD1 1 
ATOM   315  N  ND2 . ASN A 1 39 ? 8.534   7.460   16.680  1.00 40.76  ? 38  ASN X ND2 1 
ATOM   316  N  N   . GLU A 1 40 ? 7.741   2.855   13.727  1.00 36.45  ? 39  GLU X N   1 
ATOM   317  C  CA  . GLU A 1 40 ? 6.670   2.054   13.119  1.00 42.96  ? 39  GLU X CA  1 
ATOM   318  C  C   . GLU A 1 40 ? 7.130   0.893   12.244  1.00 42.06  ? 39  GLU X C   1 
ATOM   319  O  O   . GLU A 1 40 ? 6.317   0.043   11.878  1.00 42.25  ? 39  GLU X O   1 
ATOM   320  C  CB  . GLU A 1 40 ? 5.717   2.930   12.288  1.00 42.35  ? 39  GLU X CB  1 
ATOM   321  C  CG  . GLU A 1 40 ? 5.224   4.163   12.996  1.00 47.54  ? 39  GLU X CG  1 
ATOM   322  C  CD  . GLU A 1 40 ? 4.475   3.835   14.265  1.00 55.80  ? 39  GLU X CD  1 
ATOM   323  O  OE1 . GLU A 1 40 ? 3.632   2.911   14.224  1.00 53.40  ? 39  GLU X OE1 1 
ATOM   324  O  OE2 . GLU A 1 40 ? 4.727   4.520   15.293  1.00 53.90  ? 39  GLU X OE2 1 
ATOM   325  N  N   . LEU A 1 41 ? 8.412   0.858   11.895  1.00 37.50  ? 40  LEU X N   1 
ATOM   326  C  CA  . LEU A 1 41 ? 8.954   -0.251  11.102  1.00 36.99  ? 40  LEU X CA  1 
ATOM   327  C  C   . LEU A 1 41 ? 10.185  -0.860  11.778  1.00 36.50  ? 40  LEU X C   1 
ATOM   328  O  O   . LEU A 1 41 ? 11.105  -1.340  11.114  1.00 31.52  ? 40  LEU X O   1 
ATOM   329  C  CB  . LEU A 1 41 ? 9.301   0.218   9.684   1.00 23.88  ? 40  LEU X CB  1 
ATOM   330  C  CG  . LEU A 1 41 ? 8.099   0.686   8.870   1.00 33.33  ? 40  LEU X CG  1 
ATOM   331  C  CD1 . LEU A 1 41 ? 8.543   1.455   7.638   1.00 26.47  ? 40  LEU X CD1 1 
ATOM   332  C  CD2 . LEU A 1 41 ? 7.240   -0.535  8.477   1.00 31.35  ? 40  LEU X CD2 1 
ATOM   333  N  N   . SER A 1 42 ? 10.189  -0.847  13.106  1.00 41.99  ? 41  SER X N   1 
ATOM   334  C  CA  . SER A 1 42 ? 11.357  -1.285  13.872  1.00 44.16  ? 41  SER X CA  1 
ATOM   335  C  C   . SER A 1 42 ? 11.610  -2.785  13.721  1.00 48.72  ? 41  SER X C   1 
ATOM   336  O  O   . SER A 1 42 ? 12.698  -3.261  14.040  1.00 49.36  ? 41  SER X O   1 
ATOM   337  C  CB  . SER A 1 42 ? 11.209  -0.918  15.355  1.00 42.95  ? 41  SER X CB  1 
ATOM   338  O  OG  . SER A 1 42 ? 10.119  -1.608  15.961  1.00 42.55  ? 41  SER X OG  1 
ATOM   339  N  N   . HIS A 1 43 ? 10.615  -3.520  13.223  1.00 37.13  ? 42  HIS X N   1 
ATOM   340  C  CA  . HIS A 1 43 ? 10.784  -4.963  12.993  1.00 49.22  ? 42  HIS X CA  1 
ATOM   341  C  C   . HIS A 1 43 ? 11.131  -5.323  11.544  1.00 47.36  ? 42  HIS X C   1 
ATOM   342  O  O   . HIS A 1 43 ? 11.543  -6.450  11.268  1.00 60.13  ? 42  HIS X O   1 
ATOM   343  C  CB  . HIS A 1 43 ? 9.547   -5.754  13.463  1.00 47.47  ? 42  HIS X CB  1 
ATOM   344  C  CG  . HIS A 1 43 ? 9.115   -5.418  14.855  1.00 45.68  ? 42  HIS X CG  1 
ATOM   345  N  ND1 . HIS A 1 43 ? 7.948   -4.735  15.127  1.00 53.32  ? 42  HIS X ND1 1 
ATOM   346  C  CD2 . HIS A 1 43 ? 9.702   -5.650  16.053  1.00 54.45  ? 42  HIS X CD2 1 
ATOM   347  C  CE1 . HIS A 1 43 ? 7.831   -4.568  16.431  1.00 56.37  ? 42  HIS X CE1 1 
ATOM   348  N  NE2 . HIS A 1 43 ? 8.884   -5.113  17.017  1.00 57.77  ? 42  HIS X NE2 1 
ATOM   349  N  N   . PHE A 1 44 ? 10.972  -4.374  10.624  1.00 43.17  ? 43  PHE X N   1 
ATOM   350  C  CA  . PHE A 1 44 ? 11.209  -4.635  9.203   1.00 46.42  ? 43  PHE X CA  1 
ATOM   351  C  C   . PHE A 1 44 ? 12.497  -3.985  8.730   1.00 48.07  ? 43  PHE X C   1 
ATOM   352  O  O   . PHE A 1 44 ? 13.240  -4.553  7.929   1.00 42.61  ? 43  PHE X O   1 
ATOM   353  C  CB  . PHE A 1 44 ? 10.068  -4.084  8.333   1.00 47.60  ? 43  PHE X CB  1 
ATOM   354  C  CG  . PHE A 1 44 ? 8.738   -4.765  8.536   1.00 50.35  ? 43  PHE X CG  1 
ATOM   355  C  CD1 . PHE A 1 44 ? 8.563   -5.743  9.507   1.00 55.40  ? 43  PHE X CD1 1 
ATOM   356  C  CD2 . PHE A 1 44 ? 7.653   -4.423  7.732   1.00 59.60  ? 43  PHE X CD2 1 
ATOM   357  C  CE1 . PHE A 1 44 ? 7.324   -6.361  9.682   1.00 69.75  ? 43  PHE X CE1 1 
ATOM   358  C  CE2 . PHE A 1 44 ? 6.415   -5.037  7.900   1.00 56.75  ? 43  PHE X CE2 1 
ATOM   359  C  CZ  . PHE A 1 44 ? 6.254   -6.005  8.877   1.00 57.37  ? 43  PHE X CZ  1 
ATOM   360  N  N   . LEU A 1 45 ? 12.734  -2.767  9.207   1.00 41.70  ? 44  LEU X N   1 
ATOM   361  C  CA  . LEU A 1 45 ? 13.868  -1.979  8.760   1.00 41.84  ? 44  LEU X CA  1 
ATOM   362  C  C   . LEU A 1 45 ? 14.837  -1.708  9.902   1.00 45.23  ? 44  LEU X C   1 
ATOM   363  O  O   . LEU A 1 45 ? 14.432  -1.564  11.058  1.00 38.37  ? 44  LEU X O   1 
ATOM   364  C  CB  . LEU A 1 45 ? 13.413  -0.639  8.170   1.00 37.49  ? 44  LEU X CB  1 
ATOM   365  C  CG  . LEU A 1 45 ? 12.548  -0.684  6.915   1.00 51.60  ? 44  LEU X CG  1 
ATOM   366  C  CD1 . LEU A 1 45 ? 12.334  0.721   6.371   1.00 43.24  ? 44  LEU X CD1 1 
ATOM   367  C  CD2 . LEU A 1 45 ? 13.175  -1.589  5.872   1.00 54.06  ? 44  LEU X CD2 1 
ATOM   368  N  N   . GLU A 1 46 ? 16.117  -1.637  9.548   1.00 42.47  ? 45  GLU X N   1 
ATOM   369  C  CA  . GLU A 1 46 ? 17.165  -1.241  10.456  1.00 57.27  ? 45  GLU X CA  1 
ATOM   370  C  C   . GLU A 1 46 ? 16.827  0.149   10.954  1.00 53.65  ? 45  GLU X C   1 
ATOM   371  O  O   . GLU A 1 46 ? 16.305  0.973   10.197  1.00 49.37  ? 45  GLU X O   1 
ATOM   372  C  CB  . GLU A 1 46 ? 18.496  -1.194  9.703   1.00 62.55  ? 45  GLU X CB  1 
ATOM   373  C  CG  . GLU A 1 46 ? 19.719  -1.229  10.584  1.00 64.79  ? 45  GLU X CG  1 
ATOM   374  C  CD  . GLU A 1 46 ? 20.207  -2.643  10.828  1.00 72.81  ? 45  GLU X CD  1 
ATOM   375  O  OE1 . GLU A 1 46 ? 21.413  -2.806  11.116  1.00 80.35  ? 45  GLU X OE1 1 
ATOM   376  O  OE2 . GLU A 1 46 ? 19.390  -3.586  10.727  1.00 62.32  ? 45  GLU X OE2 1 
ATOM   377  N  N   . GLU A 1 47 ? 17.119  0.416   12.221  1.00 55.44  ? 46  GLU X N   1 
ATOM   378  C  CA  . GLU A 1 47 ? 16.900  1.742   12.775  1.00 50.64  ? 46  GLU X CA  1 
ATOM   379  C  C   . GLU A 1 47 ? 17.872  2.740   12.137  1.00 55.10  ? 46  GLU X C   1 
ATOM   380  O  O   . GLU A 1 47 ? 19.063  2.455   12.001  1.00 57.58  ? 46  GLU X O   1 
ATOM   381  C  CB  . GLU A 1 47 ? 17.062  1.726   14.290  1.00 47.63  ? 46  GLU X CB  1 
ATOM   382  C  CG  . GLU A 1 47 ? 16.991  3.113   14.906  1.00 51.72  ? 46  GLU X CG  1 
ATOM   383  C  CD  . GLU A 1 47 ? 17.189  3.099   16.399  1.00 59.89  ? 46  GLU X CD  1 
ATOM   384  O  OE1 . GLU A 1 47 ? 16.983  2.033   17.014  1.00 77.18  ? 46  GLU X OE1 1 
ATOM   385  O  OE2 . GLU A 1 47 ? 17.549  4.158   16.954  1.00 61.12  ? 46  GLU X OE2 1 
ATOM   386  N  N   . ILE A 1 48 ? 17.356  3.898   11.728  1.00 43.45  ? 47  ILE X N   1 
ATOM   387  C  CA  . ILE A 1 48 ? 18.186  4.928   11.118  1.00 48.95  ? 47  ILE X CA  1 
ATOM   388  C  C   . ILE A 1 48 ? 18.843  5.779   12.206  1.00 48.63  ? 47  ILE X C   1 
ATOM   389  O  O   . ILE A 1 48 ? 18.151  6.419   13.001  1.00 46.88  ? 47  ILE X O   1 
ATOM   390  C  CB  . ILE A 1 48 ? 17.370  5.841   10.171  1.00 47.04  ? 47  ILE X CB  1 
ATOM   391  C  CG1 . ILE A 1 48 ? 16.726  5.021   9.047   1.00 47.79  ? 47  ILE X CG1 1 
ATOM   392  C  CG2 . ILE A 1 48 ? 18.254  6.924   9.572   1.00 47.68  ? 47  ILE X CG2 1 
ATOM   393  C  CD1 . ILE A 1 48 ? 15.576  5.737   8.328   1.00 39.54  ? 47  ILE X CD1 1 
ATOM   394  N  N   . LYS A 1 49 ? 20.170  5.793   12.237  1.00 47.22  ? 48  LYS X N   1 
ATOM   395  C  CA  . LYS A 1 49 ? 20.884  6.638   13.203  1.00 55.26  ? 48  LYS X CA  1 
ATOM   396  C  C   . LYS A 1 49 ? 21.690  7.762   12.529  1.00 62.69  ? 48  LYS X C   1 
ATOM   397  O  O   . LYS A 1 49 ? 21.900  8.831   13.113  1.00 65.88  ? 48  LYS X O   1 
ATOM   398  C  CB  . LYS A 1 49 ? 21.785  5.788   14.104  1.00 46.33  ? 48  LYS X CB  1 
ATOM   399  C  CG  . LYS A 1 49 ? 21.053  4.741   14.935  1.00 45.15  ? 48  LYS X CG  1 
ATOM   400  C  CD  . LYS A 1 49 ? 22.005  3.656   15.430  1.00 54.23  ? 48  LYS X CD  1 
ATOM   401  C  CE  . LYS A 1 49 ? 21.307  2.632   16.313  1.00 52.23  ? 48  LYS X CE  1 
ATOM   402  N  NZ  . LYS A 1 49 ? 20.855  3.224   17.603  1.00 61.94  ? 48  LYS X NZ  1 
ATOM   403  N  N   . GLU A 1 50 ? 22.118  7.526   11.293  1.00 58.87  ? 49  GLU X N   1 
ATOM   404  C  CA  . GLU A 1 50 ? 22.973  8.483   10.589  1.00 56.67  ? 49  GLU X CA  1 
ATOM   405  C  C   . GLU A 1 50 ? 22.187  9.396   9.638   1.00 54.43  ? 49  GLU X C   1 
ATOM   406  O  O   . GLU A 1 50 ? 21.204  8.976   9.015   1.00 42.57  ? 49  GLU X O   1 
ATOM   407  C  CB  . GLU A 1 50 ? 24.087  7.757   9.815   1.00 57.20  ? 49  GLU X CB  1 
ATOM   408  C  CG  . GLU A 1 50 ? 24.437  6.366   10.331  1.00 63.44  ? 49  GLU X CG  1 
ATOM   409  C  CD  . GLU A 1 50 ? 24.962  6.379   11.749  1.00 69.74  ? 49  GLU X CD  1 
ATOM   410  O  OE1 . GLU A 1 50 ? 25.472  7.435   12.183  1.00 70.60  ? 49  GLU X OE1 1 
ATOM   411  O  OE2 . GLU A 1 50 ? 24.863  5.333   12.432  1.00 68.41  ? 49  GLU X OE2 1 
ATOM   412  N  N   . GLN A 1 51 ? 22.643  10.644  9.541   1.00 43.08  ? 50  GLN X N   1 
ATOM   413  C  CA  . GLN A 1 51 ? 22.088  11.629  8.622   1.00 48.42  ? 50  GLN X CA  1 
ATOM   414  C  C   . GLN A 1 51 ? 22.200  11.163  7.172   1.00 46.63  ? 50  GLN X C   1 
ATOM   415  O  O   . GLN A 1 51 ? 21.280  11.370  6.367   1.00 40.71  ? 50  GLN X O   1 
ATOM   416  C  CB  . GLN A 1 51 ? 22.797  12.982  8.800   1.00 44.10  ? 50  GLN X CB  1 
ATOM   417  C  CG  . GLN A 1 51 ? 22.060  14.143  8.142   1.00 43.86  ? 50  GLN X CG  1 
ATOM   418  C  CD  . GLN A 1 51 ? 20.663  14.332  8.713   1.00 54.90  ? 50  GLN X CD  1 
ATOM   419  O  OE1 . GLN A 1 51 ? 20.491  14.427  9.931   1.00 60.18  ? 50  GLN X OE1 1 
ATOM   420  N  NE2 . GLN A 1 51 ? 19.655  14.368  7.835   1.00 45.78  ? 50  GLN X NE2 1 
ATOM   421  N  N   . GLU A 1 52 ? 23.338  10.553  6.851   1.00 41.03  ? 51  GLU X N   1 
ATOM   422  C  CA  . GLU A 1 52 ? 23.576  9.955   5.534   1.00 49.42  ? 51  GLU X CA  1 
ATOM   423  C  C   . GLU A 1 52 ? 22.438  9.020   5.108   1.00 40.47  ? 51  GLU X C   1 
ATOM   424  O  O   . GLU A 1 52 ? 22.004  9.041   3.947   1.00 47.30  ? 51  GLU X O   1 
ATOM   425  C  CB  . GLU A 1 52 ? 24.920  9.203   5.524   1.00 49.56  ? 51  GLU X CB  1 
ATOM   426  C  CG  . GLU A 1 52 ? 25.176  8.396   4.249   1.00 63.24  ? 51  GLU X CG  1 
ATOM   427  C  CD  . GLU A 1 52 ? 26.472  7.586   4.292   1.00 69.68  ? 51  GLU X CD  1 
ATOM   428  O  OE1 . GLU A 1 52 ? 27.192  7.670   5.317   1.00 63.86  ? 51  GLU X OE1 1 
ATOM   429  O  OE2 . GLU A 1 52 ? 26.763  6.869   3.301   1.00 63.98  ? 51  GLU X OE2 1 
ATOM   430  N  N   . VAL A 1 53 ? 21.940  8.219   6.050   1.00 41.31  ? 52  VAL X N   1 
ATOM   431  C  CA  . VAL A 1 53 ? 20.860  7.271   5.747   1.00 43.95  ? 52  VAL X CA  1 
ATOM   432  C  C   . VAL A 1 53 ? 19.517  7.978   5.579   1.00 43.59  ? 52  VAL X C   1 
ATOM   433  O  O   . VAL A 1 53 ? 18.788  7.684   4.638   1.00 34.04  ? 52  VAL X O   1 
ATOM   434  C  CB  . VAL A 1 53 ? 20.751  6.153   6.806   1.00 49.82  ? 52  VAL X CB  1 
ATOM   435  C  CG1 . VAL A 1 53 ? 19.583  5.218   6.485   1.00 38.13  ? 52  VAL X CG1 1 
ATOM   436  C  CG2 . VAL A 1 53 ? 22.078  5.374   6.905   1.00 51.89  ? 52  VAL X CG2 1 
ATOM   437  N  N   . VAL A 1 54 ? 19.209  8.920   6.479   1.00 43.56  ? 53  VAL X N   1 
ATOM   438  C  CA  . VAL A 1 54 ? 17.989  9.722   6.365   1.00 47.57  ? 53  VAL X CA  1 
ATOM   439  C  C   . VAL A 1 54 ? 17.934  10.413  4.996   1.00 48.03  ? 53  VAL X C   1 
ATOM   440  O  O   . VAL A 1 54 ? 16.882  10.466  4.347   1.00 43.78  ? 53  VAL X O   1 
ATOM   441  C  CB  . VAL A 1 54 ? 17.908  10.829  7.448   1.00 54.14  ? 53  VAL X CB  1 
ATOM   442  C  CG1 . VAL A 1 54 ? 16.476  11.359  7.565   1.00 54.30  ? 53  VAL X CG1 1 
ATOM   443  C  CG2 . VAL A 1 54 ? 18.384  10.323  8.793   1.00 42.95  ? 53  VAL X CG2 1 
ATOM   444  N  N   . ASP A 1 55 ? 19.084  10.941  4.577   1.00 45.22  ? 54  ASP X N   1 
ATOM   445  C  CA  . ASP A 1 55 ? 19.217  11.678  3.325   1.00 41.24  ? 54  ASP X CA  1 
ATOM   446  C  C   . ASP A 1 55 ? 19.053  10.749  2.125   1.00 40.49  ? 54  ASP X C   1 
ATOM   447  O  O   . ASP A 1 55 ? 18.408  11.105  1.135   1.00 34.23  ? 54  ASP X O   1 
ATOM   448  C  CB  . ASP A 1 55 ? 20.605  12.347  3.244   1.00 38.17  ? 54  ASP X CB  1 
ATOM   449  C  CG  . ASP A 1 55 ? 20.822  13.427  4.316   1.00 47.39  ? 54  ASP X CG  1 
ATOM   450  O  OD1 . ASP A 1 55 ? 19.849  13.951  4.897   1.00 45.87  ? 54  ASP X OD1 1 
ATOM   451  O  OD2 . ASP A 1 55 ? 21.993  13.777  4.565   1.00 47.41  ? 54  ASP X OD2 1 
ATOM   452  N  N   . LYS A 1 56 ? 19.684  9.581   2.197   1.00 43.30  ? 55  LYS X N   1 
ATOM   453  C  CA  . LYS A 1 56 ? 19.582  8.601   1.117   1.00 48.23  ? 55  LYS X CA  1 
ATOM   454  C  C   . LYS A 1 56 ? 18.122  8.158   0.956   1.00 44.44  ? 55  LYS X C   1 
ATOM   455  O  O   . LYS A 1 56 ? 17.570  8.177   -0.146  1.00 43.54  ? 55  LYS X O   1 
ATOM   456  C  CB  . LYS A 1 56 ? 20.498  7.397   1.386   1.00 43.15  ? 55  LYS X CB  1 
ATOM   457  C  CG  . LYS A 1 56 ? 20.578  6.395   0.239   1.00 57.00  ? 55  LYS X CG  1 
ATOM   458  C  CD  . LYS A 1 56 ? 21.261  5.087   0.669   1.00 75.16  ? 55  LYS X CD  1 
ATOM   459  C  CE  . LYS A 1 56 ? 20.365  4.206   1.564   1.00 76.81  ? 55  LYS X CE  1 
ATOM   460  N  NZ  . LYS A 1 56 ? 19.242  3.516   0.848   1.00 67.36  ? 55  LYS X NZ  1 
ATOM   461  N  N   . VAL A 1 57 ? 17.490  7.790   2.069   1.00 45.80  ? 56  VAL X N   1 
ATOM   462  C  CA  . VAL A 1 57 ? 16.092  7.333   2.068   1.00 34.60  ? 56  VAL X CA  1 
ATOM   463  C  C   . VAL A 1 57 ? 15.179  8.404   1.489   1.00 40.86  ? 56  VAL X C   1 
ATOM   464  O  O   . VAL A 1 57 ? 14.363  8.113   0.613   1.00 36.01  ? 56  VAL X O   1 
ATOM   465  C  CB  . VAL A 1 57 ? 15.627  6.954   3.495   1.00 31.99  ? 56  VAL X CB  1 
ATOM   466  C  CG1 . VAL A 1 57 ? 14.105  6.690   3.542   1.00 27.15  ? 56  VAL X CG1 1 
ATOM   467  C  CG2 . VAL A 1 57 ? 16.439  5.772   4.031   1.00 33.95  ? 56  VAL X CG2 1 
ATOM   468  N  N   . MET A 1 58 ? 15.332  9.644   1.965   1.00 40.66  ? 57  MET X N   1 
ATOM   469  C  CA  . MET A 1 58 ? 14.504  10.740  1.469   1.00 35.72  ? 57  MET X CA  1 
ATOM   470  C  C   . MET A 1 58 ? 14.709  10.949  -0.026  1.00 43.44  ? 57  MET X C   1 
ATOM   471  O  O   . MET A 1 58 ? 13.756  11.088  -0.778  1.00 45.53  ? 57  MET X O   1 
ATOM   472  C  CB  . MET A 1 58 ? 14.800  12.043  2.202   1.00 40.79  ? 57  MET X CB  1 
ATOM   473  C  CG  . MET A 1 58 ? 13.983  13.191  1.646   1.00 47.13  ? 57  MET X CG  1 
ATOM   474  S  SD  . MET A 1 58 ? 12.224  12.827  1.763   1.00 42.12  ? 57  MET X SD  1 
ATOM   475  C  CE  . MET A 1 58 ? 11.922  13.340  3.465   1.00 33.48  ? 57  MET X CE  1 
ATOM   476  N  N   . GLU A 1 59 ? 15.965  10.948  -0.444  1.00 36.75  ? 58  GLU X N   1 
ATOM   477  C  CA  . GLU A 1 59 ? 16.321  11.111  -1.845  1.00 44.10  ? 58  GLU X CA  1 
ATOM   478  C  C   . GLU A 1 59 ? 15.629  10.033  -2.692  1.00 49.75  ? 58  GLU X C   1 
ATOM   479  O  O   . GLU A 1 59 ? 15.018  10.332  -3.716  1.00 51.88  ? 58  GLU X O   1 
ATOM   480  C  CB  . GLU A 1 59 ? 17.850  11.027  -1.986  1.00 51.26  ? 58  GLU X CB  1 
ATOM   481  C  CG  . GLU A 1 59 ? 18.407  11.483  -3.326  1.00 63.28  ? 58  GLU X CG  1 
ATOM   482  C  CD  . GLU A 1 59 ? 19.920  11.346  -3.412  1.00 64.61  ? 58  GLU X CD  1 
ATOM   483  O  OE1 . GLU A 1 59 ? 20.545  10.983  -2.390  1.00 68.04  ? 58  GLU X OE1 1 
ATOM   484  O  OE2 . GLU A 1 59 ? 20.481  11.600  -4.502  1.00 61.12  ? 58  GLU X OE2 1 
ATOM   485  N  N   . THR A 1 60 ? 15.707  8.786   -2.240  1.00 42.90  ? 59  THR X N   1 
ATOM   486  C  CA  . THR A 1 60 ? 15.070  7.673   -2.942  1.00 53.67  ? 59  THR X CA  1 
ATOM   487  C  C   . THR A 1 60 ? 13.548  7.860   -3.061  1.00 49.99  ? 59  THR X C   1 
ATOM   488  O  O   . THR A 1 60 ? 12.976  7.638   -4.122  1.00 47.78  ? 59  THR X O   1 
ATOM   489  C  CB  . THR A 1 60 ? 15.370  6.311   -2.261  1.00 51.75  ? 59  THR X CB  1 
ATOM   490  O  OG1 . THR A 1 60 ? 16.790  6.123   -2.143  1.00 53.34  ? 59  THR X OG1 1 
ATOM   491  C  CG2 . THR A 1 60 ? 14.768  5.172   -3.065  1.00 49.85  ? 59  THR X CG2 1 
ATOM   492  N  N   . LEU A 1 61 ? 12.899  8.285   -1.980  1.00 44.61  ? 60  LEU X N   1 
ATOM   493  C  CA  . LEU A 1 61 ? 11.442  8.406   -1.990  1.00 39.39  ? 60  LEU X CA  1 
ATOM   494  C  C   . LEU A 1 61 ? 10.901  9.696   -2.612  1.00 47.82  ? 60  LEU X C   1 
ATOM   495  O  O   . LEU A 1 61 ? 9.707   9.788   -2.904  1.00 37.65  ? 60  LEU X O   1 
ATOM   496  C  CB  . LEU A 1 61 ? 10.899  8.262   -0.564  1.00 36.49  ? 60  LEU X CB  1 
ATOM   497  C  CG  . LEU A 1 61 ? 11.403  7.060   0.233   1.00 43.46  ? 60  LEU X CG  1 
ATOM   498  C  CD1 . LEU A 1 61 ? 10.769  7.060   1.616   1.00 41.59  ? 60  LEU X CD1 1 
ATOM   499  C  CD2 . LEU A 1 61 ? 11.095  5.772   -0.501  1.00 50.36  ? 60  LEU X CD2 1 
ATOM   500  N  N   . ASP A 1 62 ? 11.770  10.695  -2.794  1.00 47.27  ? 61  ASP X N   1 
ATOM   501  C  CA  . ASP A 1 62 ? 11.324  12.031  -3.197  1.00 47.82  ? 61  ASP X CA  1 
ATOM   502  C  C   . ASP A 1 62 ? 11.256  12.166  -4.716  1.00 57.16  ? 61  ASP X C   1 
ATOM   503  O  O   . ASP A 1 62 ? 12.168  12.695  -5.348  1.00 64.08  ? 61  ASP X O   1 
ATOM   504  C  CB  . ASP A 1 62 ? 12.227  13.122  -2.600  1.00 52.17  ? 61  ASP X CB  1 
ATOM   505  C  CG  . ASP A 1 62 ? 11.683  14.523  -2.836  1.00 59.16  ? 61  ASP X CG  1 
ATOM   506  O  OD1 . ASP A 1 62 ? 10.476  14.641  -3.140  1.00 58.76  ? 61  ASP X OD1 1 
ATOM   507  O  OD2 . ASP A 1 62 ? 12.449  15.503  -2.713  1.00 56.59  ? 61  ASP X OD2 1 
ATOM   508  N  N   . SER A 1 63 ? 10.151  11.702  -5.289  1.00 61.70  ? 62  SER X N   1 
ATOM   509  C  CA  . SER A 1 63 ? 10.016  11.597  -6.740  1.00 63.40  ? 62  SER X CA  1 
ATOM   510  C  C   . SER A 1 63 ? 9.863   12.948  -7.428  1.00 59.21  ? 62  SER X C   1 
ATOM   511  O  O   . SER A 1 63 ? 10.383  13.145  -8.524  1.00 66.68  ? 62  SER X O   1 
ATOM   512  C  CB  . SER A 1 63 ? 8.843   10.672  -7.095  1.00 64.53  ? 62  SER X CB  1 
ATOM   513  O  OG  . SER A 1 63 ? 9.055   9.386   -6.541  1.00 53.50  ? 62  SER X OG  1 
ATOM   514  N  N   . ASP A 1 64 ? 9.155   13.871  -6.779  1.00 61.49  ? 63  ASP X N   1 
ATOM   515  C  CA  . ASP A 1 64 ? 8.920   15.199  -7.343  1.00 58.41  ? 63  ASP X CA  1 
ATOM   516  C  C   . ASP A 1 64 ? 9.985   16.228  -6.935  1.00 70.05  ? 63  ASP X C   1 
ATOM   517  O  O   . ASP A 1 64 ? 9.937   17.389  -7.350  1.00 78.10  ? 63  ASP X O   1 
ATOM   518  C  CB  . ASP A 1 64 ? 7.508   15.700  -6.997  1.00 64.35  ? 63  ASP X CB  1 
ATOM   519  C  CG  . ASP A 1 64 ? 7.302   15.912  -5.502  1.00 64.50  ? 63  ASP X CG  1 
ATOM   520  O  OD1 . ASP A 1 64 ? 8.193   15.532  -4.712  1.00 56.48  ? 63  ASP X OD1 1 
ATOM   521  O  OD2 . ASP A 1 64 ? 6.239   16.454  -5.117  1.00 66.54  ? 63  ASP X OD2 1 
ATOM   522  N  N   . GLY A 1 65 ? 10.935  15.802  -6.110  1.00 59.68  ? 64  GLY X N   1 
ATOM   523  C  CA  . GLY A 1 65 ? 12.056  16.646  -5.743  1.00 56.89  ? 64  GLY X CA  1 
ATOM   524  C  C   . GLY A 1 65 ? 11.814  17.824  -4.810  1.00 66.33  ? 64  GLY X C   1 
ATOM   525  O  O   . GLY A 1 65 ? 12.681  18.696  -4.697  1.00 67.32  ? 64  GLY X O   1 
ATOM   526  N  N   . ASP A 1 66 ? 10.672  17.863  -4.124  1.00 60.99  ? 65  ASP X N   1 
ATOM   527  C  CA  . ASP A 1 66 ? 10.399  18.977  -3.206  1.00 53.63  ? 65  ASP X CA  1 
ATOM   528  C  C   . ASP A 1 66 ? 11.048  18.840  -1.807  1.00 50.72  ? 65  ASP X C   1 
ATOM   529  O  O   . ASP A 1 66 ? 10.724  19.582  -0.879  1.00 51.70  ? 65  ASP X O   1 
ATOM   530  C  CB  . ASP A 1 66 ? 8.887   19.255  -3.114  1.00 59.86  ? 65  ASP X CB  1 
ATOM   531  C  CG  . ASP A 1 66 ? 8.122   18.150  -2.403  1.00 62.87  ? 65  ASP X CG  1 
ATOM   532  O  OD1 . ASP A 1 66 ? 8.754   17.134  -2.027  1.00 53.71  ? 65  ASP X OD1 1 
ATOM   533  O  OD2 . ASP A 1 66 ? 6.888   18.299  -2.232  1.00 58.71  ? 65  ASP X OD2 1 
ATOM   534  N  N   . GLY A 1 67 ? 11.956  17.881  -1.660  1.00 56.54  ? 66  GLY X N   1 
ATOM   535  C  CA  . GLY A 1 67 ? 12.642  17.661  -0.396  1.00 50.90  ? 66  GLY X CA  1 
ATOM   536  C  C   . GLY A 1 67 ? 11.868  16.941  0.707   1.00 54.94  ? 66  GLY X C   1 
ATOM   537  O  O   . GLY A 1 67 ? 12.407  16.682  1.784   1.00 53.29  ? 66  GLY X O   1 
ATOM   538  N  N   . GLU A 1 68 ? 10.605  16.613  0.447   1.00 50.11  ? 67  GLU X N   1 
ATOM   539  C  CA  . GLU A 1 68 ? 9.747   15.970  1.440   1.00 46.49  ? 67  GLU X CA  1 
ATOM   540  C  C   . GLU A 1 68 ? 9.088   14.727  0.837   1.00 41.37  ? 67  GLU X C   1 
ATOM   541  O  O   . GLU A 1 68 ? 9.186   14.494  -0.363  1.00 39.04  ? 67  GLU X O   1 
ATOM   542  C  CB  . GLU A 1 68 ? 8.694   16.963  1.952   1.00 34.60  ? 67  GLU X CB  1 
ATOM   543  C  CG  . GLU A 1 68 ? 9.304   18.168  2.667   1.00 51.13  ? 67  GLU X CG  1 
ATOM   544  C  CD  . GLU A 1 68 ? 8.378   18.799  3.703   1.00 52.24  ? 67  GLU X CD  1 
ATOM   545  O  OE1 . GLU A 1 68 ? 7.632   18.064  4.382   1.00 53.23  ? 67  GLU X OE1 1 
ATOM   546  O  OE2 . GLU A 1 68 ? 8.401   20.037  3.847   1.00 64.67  ? 67  GLU X OE2 1 
ATOM   547  N  N   . CYS A 1 69 ? 8.433   13.922  1.662   1.00 34.66  ? 68  CYS X N   1 
ATOM   548  C  CA  . CYS A 1 69 ? 7.749   12.722  1.159   1.00 42.54  ? 68  CYS X CA  1 
ATOM   549  C  C   . CYS A 1 69 ? 6.239   12.904  1.283   1.00 35.82  ? 68  CYS X C   1 
ATOM   550  O  O   . CYS A 1 69 ? 5.716   12.927  2.400   1.00 40.28  ? 68  CYS X O   1 
ATOM   551  C  CB  . CYS A 1 69 ? 8.182   11.477  1.941   1.00 37.50  ? 68  CYS X CB  1 
ATOM   552  S  SG  . CYS A 1 69 ? 7.261   9.942   1.497   1.00 41.45  ? 68  CYS X SG  1 
ATOM   553  N  N   . ASP A 1 70 ? 5.537   13.080  0.163   1.00 37.12  ? 69  ASP X N   1 
ATOM   554  C  CA  . ASP A 1 70 ? 4.070   13.239  0.237   1.00 41.94  ? 69  ASP X CA  1 
ATOM   555  C  C   . ASP A 1 70 ? 3.341   11.892  0.376   1.00 40.79  ? 69  ASP X C   1 
ATOM   556  O  O   . ASP A 1 70 ? 3.992   10.845  0.525   1.00 35.74  ? 69  ASP X O   1 
ATOM   557  C  CB  . ASP A 1 70 ? 3.522   14.056  -0.941  1.00 40.77  ? 69  ASP X CB  1 
ATOM   558  C  CG  . ASP A 1 70 ? 3.704   13.373  -2.277  1.00 39.22  ? 69  ASP X CG  1 
ATOM   559  O  OD1 . ASP A 1 70 ? 3.803   12.131  -2.330  1.00 41.49  ? 69  ASP X OD1 1 
ATOM   560  O  OD2 . ASP A 1 70 ? 3.728   14.083  -3.301  1.00 50.54  ? 69  ASP X OD2 1 
ATOM   561  N  N   . PHE A 1 71 ? 2.009   11.905  0.308   1.00 39.08  ? 70  PHE X N   1 
ATOM   562  C  CA  . PHE A 1 71 ? 1.265   10.676  0.523   1.00 41.78  ? 70  PHE X CA  1 
ATOM   563  C  C   . PHE A 1 71 ? 1.502   9.637   -0.569  1.00 40.22  ? 70  PHE X C   1 
ATOM   564  O  O   . PHE A 1 71 ? 1.494   8.426   -0.310  1.00 42.01  ? 70  PHE X O   1 
ATOM   565  C  CB  . PHE A 1 71 ? -0.231  10.920  0.677   1.00 40.69  ? 70  PHE X CB  1 
ATOM   566  C  CG  . PHE A 1 71 ? -0.966  9.695   1.081   1.00 40.46  ? 70  PHE X CG  1 
ATOM   567  C  CD1 . PHE A 1 71 ? -0.909  9.243   2.391   1.00 41.54  ? 70  PHE X CD1 1 
ATOM   568  C  CD2 . PHE A 1 71 ? -1.644  8.937   0.140   1.00 48.33  ? 70  PHE X CD2 1 
ATOM   569  C  CE1 . PHE A 1 71 ? -1.556  8.082   2.765   1.00 47.60  ? 70  PHE X CE1 1 
ATOM   570  C  CE2 . PHE A 1 71 ? -2.297  7.782   0.511   1.00 42.27  ? 70  PHE X CE2 1 
ATOM   571  C  CZ  . PHE A 1 71 ? -2.253  7.354   1.818   1.00 42.84  ? 70  PHE X CZ  1 
ATOM   572  N  N   . GLN A 1 72 ? 1.713   10.114  -1.790  1.00 45.98  ? 71  GLN X N   1 
ATOM   573  C  CA  . GLN A 1 72 ? 1.890   9.224   -2.924  1.00 47.99  ? 71  GLN X CA  1 
ATOM   574  C  C   . GLN A 1 72 ? 3.257   8.582   -2.847  1.00 40.11  ? 71  GLN X C   1 
ATOM   575  O  O   . GLN A 1 72 ? 3.401   7.372   -3.016  1.00 37.15  ? 71  GLN X O   1 
ATOM   576  C  CB  . GLN A 1 72 ? 1.758   9.997   -4.228  1.00 50.93  ? 71  GLN X CB  1 
ATOM   577  C  CG  . GLN A 1 72 ? 1.460   9.131   -5.428  1.00 56.89  ? 71  GLN X CG  1 
ATOM   578  C  CD  . GLN A 1 72 ? 0.810   9.925   -6.536  1.00 73.43  ? 71  GLN X CD  1 
ATOM   579  O  OE1 . GLN A 1 72 ? -0.296  9.615   -6.970  1.00 75.85  ? 71  GLN X OE1 1 
ATOM   580  N  NE2 . GLN A 1 72 ? 1.491   10.968  -6.994  1.00 82.09  ? 71  GLN X NE2 1 
ATOM   581  N  N   . GLU A 1 73 ? 4.263   9.405   -2.586  1.00 38.48  ? 72  GLU X N   1 
ATOM   582  C  CA  . GLU A 1 73 ? 5.628   8.917   -2.423  1.00 38.44  ? 72  GLU X CA  1 
ATOM   583  C  C   . GLU A 1 73 ? 5.713   7.976   -1.220  1.00 33.08  ? 72  GLU X C   1 
ATOM   584  O  O   . GLU A 1 73 ? 6.479   6.993   -1.222  1.00 40.55  ? 72  GLU X O   1 
ATOM   585  C  CB  . GLU A 1 73 ? 6.595   10.091  -2.263  1.00 38.74  ? 72  GLU X CB  1 
ATOM   586  C  CG  . GLU A 1 73 ? 6.661   11.002  -3.483  1.00 43.18  ? 72  GLU X CG  1 
ATOM   587  C  CD  . GLU A 1 73 ? 7.189   12.395  -3.137  1.00 48.56  ? 72  GLU X CD  1 
ATOM   588  O  OE1 . GLU A 1 73 ? 6.951   12.855  -1.996  1.00 38.76  ? 72  GLU X OE1 1 
ATOM   589  O  OE2 . GLU A 1 73 ? 7.848   13.022  -3.996  1.00 48.82  ? 72  GLU X OE2 1 
ATOM   590  N  N   . PHE A 1 74 ? 4.923   8.275   -0.195  1.00 31.18  ? 73  PHE X N   1 
ATOM   591  C  CA  . PHE A 1 74 ? 4.802   7.361   0.932   1.00 35.74  ? 73  PHE X CA  1 
ATOM   592  C  C   . PHE A 1 74 ? 4.205   6.005   0.487   1.00 32.05  ? 73  PHE X C   1 
ATOM   593  O  O   . PHE A 1 74 ? 4.751   4.948   0.815   1.00 27.46  ? 73  PHE X O   1 
ATOM   594  C  CB  . PHE A 1 74 ? 3.977   7.982   2.054   1.00 32.87  ? 73  PHE X CB  1 
ATOM   595  C  CG  . PHE A 1 74 ? 3.792   7.074   3.225   1.00 39.95  ? 73  PHE X CG  1 
ATOM   596  C  CD1 . PHE A 1 74 ? 4.864   6.774   4.066   1.00 36.52  ? 73  PHE X CD1 1 
ATOM   597  C  CD2 . PHE A 1 74 ? 2.547   6.507   3.491   1.00 39.21  ? 73  PHE X CD2 1 
ATOM   598  C  CE1 . PHE A 1 74 ? 4.699   5.907   5.158   1.00 41.91  ? 73  PHE X CE1 1 
ATOM   599  C  CE2 . PHE A 1 74 ? 2.367   5.648   4.582   1.00 32.79  ? 73  PHE X CE2 1 
ATOM   600  C  CZ  . PHE A 1 74 ? 3.439   5.342   5.410   1.00 37.59  ? 73  PHE X CZ  1 
ATOM   601  N  N   . MET A 1 75 ? 3.105   6.031   -0.274  1.00 32.05  ? 74  MET X N   1 
ATOM   602  C  CA  . MET A 1 75 ? 2.489   4.780   -0.782  1.00 37.17  ? 74  MET X CA  1 
ATOM   603  C  C   . MET A 1 75 ? 3.447   3.988   -1.671  1.00 30.36  ? 74  MET X C   1 
ATOM   604  O  O   . MET A 1 75 ? 3.455   2.763   -1.647  1.00 38.54  ? 74  MET X O   1 
ATOM   605  C  CB  . MET A 1 75 ? 1.168   5.039   -1.531  1.00 40.26  ? 74  MET X CB  1 
ATOM   606  C  CG  . MET A 1 75 ? -0.024  5.320   -0.625  1.00 36.53  ? 74  MET X CG  1 
ATOM   607  S  SD  . MET A 1 75 ? -0.199  4.091   0.686   1.00 50.68  ? 74  MET X SD  1 
ATOM   608  C  CE  . MET A 1 75 ? -0.301  2.580   -0.275  1.00 36.12  ? 74  MET X CE  1 
ATOM   609  N  N   . ALA A 1 76 ? 4.278   4.702   -2.428  1.00 35.01  ? 75  ALA X N   1 
ATOM   610  C  CA  . ALA A 1 76 ? 5.339   4.082   -3.218  1.00 37.43  ? 75  ALA X CA  1 
ATOM   611  C  C   . ALA A 1 76 ? 6.352   3.388   -2.293  1.00 35.91  ? 75  ALA X C   1 
ATOM   612  O  O   . ALA A 1 76 ? 6.842   2.289   -2.581  1.00 33.79  ? 75  ALA X O   1 
ATOM   613  C  CB  . ALA A 1 76 ? 6.029   5.145   -4.083  1.00 34.12  ? 75  ALA X CB  1 
ATOM   614  N  N   . PHE A 1 77 ? 6.646   4.033   -1.169  1.00 33.14  ? 76  PHE X N   1 
ATOM   615  C  CA  . PHE A 1 77 ? 7.517   3.428   -0.157  1.00 40.82  ? 76  PHE X CA  1 
ATOM   616  C  C   . PHE A 1 77 ? 6.895   2.125   0.410   1.00 34.85  ? 76  PHE X C   1 
ATOM   617  O  O   . PHE A 1 77 ? 7.555   1.064   0.461   1.00 37.32  ? 76  PHE X O   1 
ATOM   618  C  CB  . PHE A 1 77 ? 7.796   4.465   0.945   1.00 29.11  ? 76  PHE X CB  1 
ATOM   619  C  CG  . PHE A 1 77 ? 8.649   3.958   2.073   1.00 31.61  ? 76  PHE X CG  1 
ATOM   620  C  CD1 . PHE A 1 77 ? 9.763   3.172   1.826   1.00 34.61  ? 76  PHE X CD1 1 
ATOM   621  C  CD2 . PHE A 1 77 ? 8.357   4.307   3.386   1.00 43.40  ? 76  PHE X CD2 1 
ATOM   622  C  CE1 . PHE A 1 77 ? 10.552  2.708   2.873   1.00 35.05  ? 76  PHE X CE1 1 
ATOM   623  C  CE2 . PHE A 1 77 ? 9.154   3.863   4.443   1.00 30.86  ? 76  PHE X CE2 1 
ATOM   624  C  CZ  . PHE A 1 77 ? 10.242  3.054   4.181   1.00 29.15  ? 76  PHE X CZ  1 
ATOM   625  N  N   . VAL A 1 78 ? 5.621   2.218   0.808   1.00 30.39  ? 77  VAL X N   1 
ATOM   626  C  CA  . VAL A 1 78 ? 4.886   1.085   1.367   1.00 34.47  ? 77  VAL X CA  1 
ATOM   627  C  C   . VAL A 1 78 ? 4.869   -0.071  0.383   1.00 34.92  ? 77  VAL X C   1 
ATOM   628  O  O   . VAL A 1 78 ? 5.043   -1.232  0.774   1.00 35.23  ? 77  VAL X O   1 
ATOM   629  C  CB  . VAL A 1 78 ? 3.421   1.462   1.724   1.00 35.41  ? 77  VAL X CB  1 
ATOM   630  C  CG1 . VAL A 1 78 ? 2.627   0.223   2.124   1.00 33.00  ? 77  VAL X CG1 1 
ATOM   631  C  CG2 . VAL A 1 78 ? 3.384   2.487   2.843   1.00 33.83  ? 77  VAL X CG2 1 
ATOM   632  N  N   . ALA A 1 79 ? 4.650   0.247   -0.895  1.00 40.37  ? 78  ALA X N   1 
ATOM   633  C  CA  . ALA A 1 79 ? 4.657   -0.778  -1.942  1.00 35.87  ? 78  ALA X CA  1 
ATOM   634  C  C   . ALA A 1 79 ? 6.027   -1.425  -2.057  1.00 41.92  ? 78  ALA X C   1 
ATOM   635  O  O   . ALA A 1 79 ? 6.101   -2.640  -2.185  1.00 38.04  ? 78  ALA X O   1 
ATOM   636  C  CB  . ALA A 1 79 ? 4.209   -0.216  -3.283  1.00 37.61  ? 78  ALA X CB  1 
ATOM   637  N  N   . MET A 1 80 ? 7.109   -0.635  -2.009  1.00 38.88  ? 79  MET X N   1 
ATOM   638  C  CA  . MET A 1 80 ? 8.450   -1.238  -2.067  1.00 35.51  ? 79  MET X CA  1 
ATOM   639  C  C   . MET A 1 80 ? 8.618   -2.256  -0.931  1.00 36.26  ? 79  MET X C   1 
ATOM   640  O  O   . MET A 1 80 ? 9.062   -3.386  -1.146  1.00 41.03  ? 79  MET X O   1 
ATOM   641  C  CB  . MET A 1 80 ? 9.574   -0.190  -1.946  1.00 42.84  ? 79  MET X CB  1 
ATOM   642  C  CG  . MET A 1 80 ? 9.628   0.915   -3.009  1.00 55.51  ? 79  MET X CG  1 
ATOM   643  S  SD  . MET A 1 80 ? 11.030  2.042   -2.715  1.00 62.55  ? 79  MET X SD  1 
ATOM   644  C  CE  . MET A 1 80 ? 10.412  3.592   -3.376  1.00 44.18  ? 79  MET X CE  1 
ATOM   645  N  N   . ILE A 1 81 ? 8.270   -1.845  0.286   1.00 42.31  ? 80  ILE X N   1 
ATOM   646  C  CA  . ILE A 1 81 ? 8.453   -2.715  1.452   1.00 43.72  ? 80  ILE X CA  1 
ATOM   647  C  C   . ILE A 1 81 ? 7.609   -3.984  1.364   1.00 39.69  ? 80  ILE X C   1 
ATOM   648  O  O   . ILE A 1 81 ? 8.092   -5.101  1.546   1.00 38.80  ? 80  ILE X O   1 
ATOM   649  C  CB  . ILE A 1 81 ? 8.042   -1.979  2.744   1.00 41.85  ? 80  ILE X CB  1 
ATOM   650  C  CG1 . ILE A 1 81 ? 8.935   -0.769  2.988   1.00 39.92  ? 80  ILE X CG1 1 
ATOM   651  C  CG2 . ILE A 1 81 ? 8.075   -2.926  3.943   1.00 46.25  ? 80  ILE X CG2 1 
ATOM   652  C  CD1 . ILE A 1 81 ? 8.428   0.102   4.119   1.00 39.96  ? 80  ILE X CD1 1 
ATOM   653  N  N   . THR A 1 82 ? 6.325   -3.783  1.109   1.00 36.13  ? 81  THR X N   1 
ATOM   654  C  CA  . THR A 1 82 ? 5.359   -4.864  1.057   1.00 35.21  ? 81  THR X CA  1 
ATOM   655  C  C   . THR A 1 82 ? 5.704   -5.853  -0.058  1.00 42.82  ? 81  THR X C   1 
ATOM   656  O  O   . THR A 1 82 ? 5.575   -7.072  0.112   1.00 38.74  ? 81  THR X O   1 
ATOM   657  C  CB  . THR A 1 82 ? 3.955   -4.302  0.847   1.00 38.09  ? 81  THR X CB  1 
ATOM   658  O  OG1 . THR A 1 82 ? 3.744   -3.239  1.787   1.00 40.22  ? 81  THR X OG1 1 
ATOM   659  C  CG2 . THR A 1 82 ? 2.905   -5.383  1.047   1.00 42.94  ? 81  THR X CG2 1 
ATOM   660  N  N   . THR A 1 83 ? 6.162   -5.329  -1.189  1.00 38.83  ? 82  THR X N   1 
ATOM   661  C  CA  . THR A 1 83 ? 6.522   -6.175  -2.323  1.00 46.57  ? 82  THR X CA  1 
ATOM   662  C  C   . THR A 1 83 ? 7.809   -6.955  -2.043  1.00 47.55  ? 82  THR X C   1 
ATOM   663  O  O   . THR A 1 83 ? 7.937   -8.121  -2.429  1.00 52.23  ? 82  THR X O   1 
ATOM   664  C  CB  . THR A 1 83 ? 6.620   -5.363  -3.633  1.00 40.55  ? 82  THR X CB  1 
ATOM   665  O  OG1 . THR A 1 83 ? 5.357   -4.735  -3.884  1.00 40.12  ? 82  THR X OG1 1 
ATOM   666  C  CG2 . THR A 1 83 ? 6.971   -6.262  -4.811  1.00 48.65  ? 82  THR X CG2 1 
ATOM   667  N  N   . ALA A 1 84 ? 8.750   -6.317  -1.358  1.00 46.17  ? 83  ALA X N   1 
ATOM   668  C  CA  . ALA A 1 84 ? 9.971   -7.015  -0.955  1.00 50.78  ? 83  ALA X CA  1 
ATOM   669  C  C   . ALA A 1 84 ? 9.663   -8.138  0.038   1.00 52.88  ? 83  ALA X C   1 
ATOM   670  O  O   . ALA A 1 84 ? 10.181  -9.242  -0.096  1.00 55.74  ? 83  ALA X O   1 
ATOM   671  C  CB  . ALA A 1 84 ? 10.970  -6.048  -0.382  1.00 48.32  ? 83  ALA X CB  1 
ATOM   672  N  N   . CYS A 1 85 ? 8.815   -7.859  1.027   1.00 51.90  ? 84  CYS X N   1 
ATOM   673  C  CA  . CYS A 1 85 ? 8.404   -8.891  1.977   1.00 47.04  ? 84  CYS X CA  1 
ATOM   674  C  C   . CYS A 1 85 ? 7.720   -10.038 1.240   1.00 55.35  ? 84  CYS X C   1 
ATOM   675  O  O   . CYS A 1 85 ? 8.015   -11.202 1.496   1.00 58.84  ? 84  CYS X O   1 
ATOM   676  C  CB  . CYS A 1 85 ? 7.452   -8.334  3.028   1.00 48.78  ? 84  CYS X CB  1 
ATOM   677  S  SG  . CYS A 1 85 ? 8.118   -7.019  4.100   1.00 67.18  ? 84  CYS X SG  1 
ATOM   678  N  N   . HIS A 1 86 ? 6.815   -9.706  0.316   1.00 52.87  ? 85  HIS X N   1 
ATOM   679  C  CA  . HIS A 1 86 ? 6.063   -10.717 -0.439  1.00 49.76  ? 85  HIS X CA  1 
ATOM   680  C  C   . HIS A 1 86 ? 6.953   -11.623 -1.281  1.00 55.12  ? 85  HIS X C   1 
ATOM   681  O  O   . HIS A 1 86 ? 6.814   -12.841 -1.230  1.00 62.18  ? 85  HIS X O   1 
ATOM   682  C  CB  . HIS A 1 86 ? 4.998   -10.069 -1.331  1.00 45.54  ? 85  HIS X CB  1 
ATOM   683  C  CG  . HIS A 1 86 ? 4.316   -11.035 -2.262  1.00 52.00  ? 85  HIS X CG  1 
ATOM   684  N  ND1 . HIS A 1 86 ? 4.563   -11.058 -3.619  1.00 53.28  ? 85  HIS X ND1 1 
ATOM   685  C  CD2 . HIS A 1 86 ? 3.393   -11.998 -2.029  1.00 45.97  ? 85  HIS X CD2 1 
ATOM   686  C  CE1 . HIS A 1 86 ? 3.825   -12.001 -4.183  1.00 45.41  ? 85  HIS X CE1 1 
ATOM   687  N  NE2 . HIS A 1 86 ? 3.111   -12.590 -3.239  1.00 49.23  ? 85  HIS X NE2 1 
ATOM   688  N  N   . GLU A 1 87 ? 7.848   -11.026 -2.067  1.00 55.18  ? 86  GLU X N   1 
ATOM   689  C  CA  . GLU A 1 87 ? 8.810   -11.798 -2.841  1.00 56.65  ? 86  GLU X CA  1 
ATOM   690  C  C   . GLU A 1 87 ? 9.680   -12.645 -1.920  1.00 68.13  ? 86  GLU X C   1 
ATOM   691  O  O   . GLU A 1 87 ? 10.023  -13.779 -2.254  1.00 73.69  ? 86  GLU X O   1 
ATOM   692  C  CB  . GLU A 1 87 ? 9.710   -10.883 -3.670  1.00 65.51  ? 86  GLU X CB  1 
ATOM   693  C  CG  . GLU A 1 87 ? 9.045   -10.207 -4.859  1.00 68.84  ? 86  GLU X CG  1 
ATOM   694  C  CD  . GLU A 1 87 ? 10.023  -9.314  -5.628  1.00 82.79  ? 86  GLU X CD  1 
ATOM   695  O  OE1 . GLU A 1 87 ? 11.243  -9.609  -5.615  1.00 82.97  ? 86  GLU X OE1 1 
ATOM   696  O  OE2 . GLU A 1 87 ? 9.573   -8.318  -6.240  1.00 83.60  ? 86  GLU X OE2 1 
ATOM   697  N  N   . PHE A 1 88 ? 10.043  -12.085 -0.768  1.00 62.56  ? 87  PHE X N   1 
ATOM   698  C  CA  . PHE A 1 88 ? 10.880  -12.793 0.199   1.00 67.61  ? 87  PHE X CA  1 
ATOM   699  C  C   . PHE A 1 88 ? 10.252  -14.104 0.656   1.00 76.77  ? 87  PHE X C   1 
ATOM   700  O  O   . PHE A 1 88 ? 10.935  -15.126 0.735   1.00 87.12  ? 87  PHE X O   1 
ATOM   701  C  CB  . PHE A 1 88 ? 11.158  -11.908 1.410   1.00 73.76  ? 87  PHE X CB  1 
ATOM   702  C  CG  . PHE A 1 88 ? 12.148  -12.491 2.376   1.00 77.61  ? 87  PHE X CG  1 
ATOM   703  C  CD1 . PHE A 1 88 ? 13.508  -12.394 2.139   1.00 80.89  ? 87  PHE X CD1 1 
ATOM   704  C  CD2 . PHE A 1 88 ? 11.718  -13.116 3.534   1.00 80.46  ? 87  PHE X CD2 1 
ATOM   705  C  CE1 . PHE A 1 88 ? 14.425  -12.921 3.039   1.00 83.39  ? 87  PHE X CE1 1 
ATOM   706  C  CE2 . PHE A 1 88 ? 12.626  -13.640 4.438   1.00 78.37  ? 87  PHE X CE2 1 
ATOM   707  C  CZ  . PHE A 1 88 ? 13.980  -13.546 4.189   1.00 75.85  ? 87  PHE X CZ  1 
ATOM   708  N  N   . PHE A 1 89 ? 8.959   -14.067 0.969   1.00 70.35  ? 88  PHE X N   1 
ATOM   709  C  CA  . PHE A 1 89 ? 8.224   -15.271 1.360   1.00 77.45  ? 88  PHE X CA  1 
ATOM   710  C  C   . PHE A 1 89 ? 7.504   -15.855 0.146   1.00 80.59  ? 88  PHE X C   1 
ATOM   711  O  O   . PHE A 1 89 ? 6.386   -15.443 -0.182  1.00 88.10  ? 88  PHE X O   1 
ATOM   712  C  CB  . PHE A 1 89 ? 7.238   -14.962 2.496   1.00 75.05  ? 88  PHE X CB  1 
ATOM   713  C  CG  . PHE A 1 89 ? 7.883   -14.293 3.692   1.00 82.32  ? 88  PHE X CG  1 
ATOM   714  C  CD1 . PHE A 1 89 ? 7.611   -12.967 4.003   1.00 82.87  ? 88  PHE X CD1 1 
ATOM   715  C  CD2 . PHE A 1 89 ? 8.780   -14.988 4.493   1.00 86.51  ? 88  PHE X CD2 1 
ATOM   716  C  CE1 . PHE A 1 89 ? 8.214   -12.350 5.094   1.00 81.60  ? 88  PHE X CE1 1 
ATOM   717  C  CE2 . PHE A 1 89 ? 9.380   -14.378 5.588   1.00 77.53  ? 88  PHE X CE2 1 
ATOM   718  C  CZ  . PHE A 1 89 ? 9.100   -13.059 5.884   1.00 85.34  ? 88  PHE X CZ  1 
ATOM   719  N  N   . GLU A 1 90 ? 8.163   -16.815 -0.506  1.00 87.91  ? 89  GLU X N   1 
ATOM   720  C  CA  . GLU A 1 90 ? 7.734   -17.385 -1.795  1.00 85.81  ? 89  GLU X CA  1 
ATOM   721  C  C   . GLU A 1 90 ? 7.843   -16.377 -2.942  1.00 84.49  ? 89  GLU X C   1 
ATOM   722  O  O   . GLU A 1 90 ? 8.944   -16.061 -3.403  1.00 80.53  ? 89  GLU X O   1 
ATOM   723  C  CB  . GLU A 1 90 ? 6.321   -17.985 -1.724  1.00 86.89  ? 89  GLU X CB  1 
ATOM   724  C  CG  . GLU A 1 90 ? 6.252   -19.486 -2.002  1.00 86.04  ? 89  GLU X CG  1 
ATOM   725  C  CD  . GLU A 1 90 ? 6.552   -19.838 -3.449  1.00 93.37  ? 89  GLU X CD  1 
ATOM   726  O  OE1 . GLU A 1 90 ? 6.746   -21.036 -3.746  1.00 84.46  ? 89  GLU X OE1 1 
ATOM   727  O  OE2 . GLU A 1 90 ? 6.585   -18.921 -4.297  1.00 104.54 ? 89  GLU X OE2 1 
ATOM   728  N  N   . MET B 1 1  ? 3.951   -5.655  17.072  1.00 64.75  ? 0   MET A N   1 
ATOM   729  C  CA  . MET B 1 1  ? 3.834   -5.024  15.759  1.00 61.27  ? 0   MET A CA  1 
ATOM   730  C  C   . MET B 1 1  ? 3.169   -3.654  15.836  1.00 55.37  ? 0   MET A C   1 
ATOM   731  O  O   . MET B 1 1  ? 2.191   -3.467  16.562  1.00 56.69  ? 0   MET A O   1 
ATOM   732  C  CB  . MET B 1 1  ? 3.057   -5.914  14.776  1.00 59.34  ? 0   MET A CB  1 
ATOM   733  C  CG  . MET B 1 1  ? 3.917   -6.922  14.025  1.00 66.29  ? 0   MET A CG  1 
ATOM   734  S  SD  . MET B 1 1  ? 3.089   -7.729  12.629  1.00 71.28  ? 0   MET A SD  1 
ATOM   735  C  CE  . MET B 1 1  ? 1.569   -8.289  13.399  1.00 50.63  ? 0   MET A CE  1 
ATOM   736  N  N   . SER B 1 2  ? 3.705   -2.700  15.075  1.00 48.99  ? 1   SER A N   1 
ATOM   737  C  CA  . SER B 1 2  ? 3.087   -1.385  14.943  1.00 50.81  ? 1   SER A CA  1 
ATOM   738  C  C   . SER B 1 2  ? 1.844   -1.514  14.077  1.00 42.64  ? 1   SER A C   1 
ATOM   739  O  O   . SER B 1 2  ? 1.608   -2.556  13.471  1.00 45.61  ? 1   SER A O   1 
ATOM   740  C  CB  . SER B 1 2  ? 4.060   -0.406  14.288  1.00 44.88  ? 1   SER A CB  1 
ATOM   741  O  OG  . SER B 1 2  ? 4.331   -0.782  12.944  1.00 43.19  ? 1   SER A OG  1 
ATOM   742  N  N   . GLU B 1 3  ? 1.049   -0.455  14.019  1.00 48.06  ? 2   GLU A N   1 
ATOM   743  C  CA  . GLU B 1 3  ? -0.120  -0.440  13.159  1.00 39.62  ? 2   GLU A CA  1 
ATOM   744  C  C   . GLU B 1 3  ? 0.298   -0.611  11.708  1.00 40.28  ? 2   GLU A C   1 
ATOM   745  O  O   . GLU B 1 3  ? -0.375  -1.290  10.942  1.00 38.91  ? 2   GLU A O   1 
ATOM   746  C  CB  . GLU B 1 3  ? -0.860  0.887   13.311  1.00 48.86  ? 2   GLU A CB  1 
ATOM   747  C  CG  . GLU B 1 3  ? -1.308  1.166   14.717  1.00 57.38  ? 2   GLU A CG  1 
ATOM   748  C  CD  . GLU B 1 3  ? -2.252  0.096   15.237  1.00 80.04  ? 2   GLU A CD  1 
ATOM   749  O  OE1 . GLU B 1 3  ? -3.176  -0.305  14.494  1.00 73.34  ? 2   GLU A OE1 1 
ATOM   750  O  OE2 . GLU B 1 3  ? -2.067  -0.347  16.392  1.00 83.48  ? 2   GLU A OE2 1 
ATOM   751  N  N   . LEU B 1 4  ? 1.411   0.018   11.339  1.00 33.95  ? 3   LEU A N   1 
ATOM   752  C  CA  . LEU B 1 4  ? 1.887   0.007   9.962   1.00 37.27  ? 3   LEU A CA  1 
ATOM   753  C  C   . LEU B 1 4  ? 2.336   -1.397  9.549   1.00 40.40  ? 3   LEU A C   1 
ATOM   754  O  O   . LEU B 1 4  ? 1.974   -1.895  8.468   1.00 35.56  ? 3   LEU A O   1 
ATOM   755  C  CB  . LEU B 1 4  ? 3.025   1.014   9.777   1.00 30.09  ? 3   LEU A CB  1 
ATOM   756  C  CG  . LEU B 1 4  ? 3.615   1.070   8.370   1.00 35.35  ? 3   LEU A CG  1 
ATOM   757  C  CD1 . LEU B 1 4  ? 2.504   1.255   7.378   1.00 31.90  ? 3   LEU A CD1 1 
ATOM   758  C  CD2 . LEU B 1 4  ? 4.638   2.212   8.217   1.00 31.31  ? 3   LEU A CD2 1 
ATOM   759  N  N   . GLU B 1 5  ? 3.114   -2.028  10.417  1.00 33.76  ? 4   GLU A N   1 
ATOM   760  C  CA  . GLU B 1 5  ? 3.594   -3.387  10.194  1.00 40.05  ? 4   GLU A CA  1 
ATOM   761  C  C   . GLU B 1 5  ? 2.422   -4.349  10.029  1.00 43.23  ? 4   GLU A C   1 
ATOM   762  O  O   . GLU B 1 5  ? 2.385   -5.163  9.088   1.00 40.91  ? 4   GLU A O   1 
ATOM   763  C  CB  . GLU B 1 5  ? 4.485   -3.820  11.364  1.00 37.07  ? 4   GLU A CB  1 
ATOM   764  C  CG  . GLU B 1 5  ? 5.873   -3.191  11.338  1.00 42.78  ? 4   GLU A CG  1 
ATOM   765  C  CD  . GLU B 1 5  ? 6.586   -3.207  12.698  1.00 48.49  ? 4   GLU A CD  1 
ATOM   766  O  OE1 . GLU B 1 5  ? 5.926   -3.409  13.743  1.00 47.88  ? 4   GLU A OE1 1 
ATOM   767  O  OE2 . GLU B 1 5  ? 7.817   -2.993  12.711  1.00 44.70  ? 4   GLU A OE2 1 
ATOM   768  N  N   . LYS B 1 6  ? 1.473   -4.249  10.958  1.00 37.58  ? 5   LYS A N   1 
ATOM   769  C  CA  . LYS B 1 6  ? 0.209   -4.963  10.840  1.00 47.55  ? 5   LYS A CA  1 
ATOM   770  C  C   . LYS B 1 6  ? -0.463  -4.688  9.491   1.00 41.35  ? 5   LYS A C   1 
ATOM   771  O  O   . LYS B 1 6  ? -1.005  -5.602  8.866   1.00 40.11  ? 5   LYS A O   1 
ATOM   772  C  CB  . LYS B 1 6  ? -0.734  -4.608  11.996  1.00 49.01  ? 5   LYS A CB  1 
ATOM   773  C  CG  . LYS B 1 6  ? -0.403  -5.308  13.319  1.00 56.30  ? 5   LYS A CG  1 
ATOM   774  C  CD  . LYS B 1 6  ? -1.688  -5.751  14.025  1.00 65.83  ? 5   LYS A CD  1 
ATOM   775  C  CE  . LYS B 1 6  ? -1.418  -6.674  15.213  1.00 75.28  ? 5   LYS A CE  1 
ATOM   776  N  NZ  . LYS B 1 6  ? -1.006  -5.939  16.451  1.00 65.51  ? 5   LYS A NZ  1 
ATOM   777  N  N   . ALA B 1 7  ? -0.407  -3.440  9.024   1.00 37.11  ? 6   ALA A N   1 
ATOM   778  C  CA  . ALA B 1 7  ? -1.037  -3.114  7.745   1.00 39.41  ? 6   ALA A CA  1 
ATOM   779  C  C   . ALA B 1 7  ? -0.364  -3.857  6.579   1.00 38.74  ? 6   ALA A C   1 
ATOM   780  O  O   . ALA B 1 7  ? -1.041  -4.455  5.734   1.00 31.56  ? 6   ALA A O   1 
ATOM   781  C  CB  . ALA B 1 7  ? -1.081  -1.615  7.513   1.00 32.63  ? 6   ALA A CB  1 
ATOM   782  N  N   . VAL B 1 8  ? 0.967   -3.865  6.577   1.00 33.98  ? 7   VAL A N   1 
ATOM   783  C  CA  . VAL B 1 8  ? 1.752   -4.561  5.556   1.00 35.66  ? 7   VAL A CA  1 
ATOM   784  C  C   . VAL B 1 8  ? 1.464   -6.077  5.510   1.00 31.74  ? 7   VAL A C   1 
ATOM   785  O  O   . VAL B 1 8  ? 1.241   -6.676  4.418   1.00 33.35  ? 7   VAL A O   1 
ATOM   786  C  CB  . VAL B 1 8  ? 3.266   -4.280  5.769   1.00 30.38  ? 7   VAL A CB  1 
ATOM   787  C  CG1 . VAL B 1 8  ? 4.113   -5.146  4.861   1.00 46.21  ? 7   VAL A CG1 1 
ATOM   788  C  CG2 . VAL B 1 8  ? 3.545   -2.822  5.524   1.00 29.06  ? 7   VAL A CG2 1 
ATOM   789  N  N   . VAL B 1 9  ? 1.457   -6.691  6.696   1.00 32.24  ? 8   VAL A N   1 
ATOM   790  C  CA  . VAL B 1 9  ? 1.183   -8.123  6.795   1.00 35.44  ? 8   VAL A CA  1 
ATOM   791  C  C   . VAL B 1 9  ? -0.238  -8.424  6.367   1.00 34.11  ? 8   VAL A C   1 
ATOM   792  O  O   . VAL B 1 9  ? -0.472  -9.421  5.693   1.00 46.55  ? 8   VAL A O   1 
ATOM   793  C  CB  . VAL B 1 9  ? 1.464   -8.731  8.211   1.00 49.42  ? 8   VAL A CB  1 
ATOM   794  C  CG1 . VAL B 1 9  ? 2.807   -8.265  8.743   1.00 37.47  ? 8   VAL A CG1 1 
ATOM   795  C  CG2 . VAL B 1 9  ? 0.345   -8.414  9.210   1.00 55.21  ? 8   VAL A CG2 1 
ATOM   796  N  N   . ALA B 1 10 ? -1.180  -7.563  6.729   1.00 33.75  ? 9   ALA A N   1 
ATOM   797  C  CA  . ALA B 1 10 ? -2.562  -7.740  6.263   1.00 36.54  ? 9   ALA A CA  1 
ATOM   798  C  C   . ALA B 1 10 ? -2.658  -7.668  4.744   1.00 41.97  ? 9   ALA A C   1 
ATOM   799  O  O   . ALA B 1 10 ? -3.361  -8.471  4.149   1.00 33.89  ? 9   ALA A O   1 
ATOM   800  C  CB  . ALA B 1 10 ? -3.494  -6.743  6.899   1.00 34.78  ? 9   ALA A CB  1 
ATOM   801  N  N   . LEU B 1 11 ? -1.962  -6.715  4.115   1.00 31.52  ? 10  LEU A N   1 
ATOM   802  C  CA  . LEU B 1 11 ? -1.997  -6.601  2.645   1.00 29.08  ? 10  LEU A CA  1 
ATOM   803  C  C   . LEU B 1 11 ? -1.549  -7.911  1.997   1.00 36.94  ? 10  LEU A C   1 
ATOM   804  O  O   . LEU B 1 11 ? -2.254  -8.496  1.132   1.00 35.28  ? 10  LEU A O   1 
ATOM   805  C  CB  . LEU B 1 11 ? -1.135  -5.441  2.128   1.00 28.58  ? 10  LEU A CB  1 
ATOM   806  C  CG  . LEU B 1 11 ? -1.544  -4.034  2.564   1.00 34.51  ? 10  LEU A CG  1 
ATOM   807  C  CD1 . LEU B 1 11 ? -0.503  -3.020  2.158   1.00 34.31  ? 10  LEU A CD1 1 
ATOM   808  C  CD2 . LEU B 1 11 ? -2.909  -3.676  1.966   1.00 35.97  ? 10  LEU A CD2 1 
ATOM   809  N  N   . ILE B 1 12 ? -0.385  -8.374  2.434   1.00 37.33  ? 11  ILE A N   1 
ATOM   810  C  CA  . ILE B 1 12 ? 0.175   -9.616  1.917   1.00 33.99  ? 11  ILE A CA  1 
ATOM   811  C  C   . ILE B 1 12 ? -0.779  -10.783 2.159   1.00 38.21  ? 11  ILE A C   1 
ATOM   812  O  O   . ILE B 1 12 ? -1.017  -11.620 1.274   1.00 41.32  ? 11  ILE A O   1 
ATOM   813  C  CB  . ILE B 1 12 ? 1.528   -9.903  2.582   1.00 35.82  ? 11  ILE A CB  1 
ATOM   814  C  CG1 . ILE B 1 12 ? 2.504   -8.780  2.243   1.00 34.95  ? 11  ILE A CG1 1 
ATOM   815  C  CG2 . ILE B 1 12 ? 2.055   -11.260 2.139   1.00 30.95  ? 11  ILE A CG2 1 
ATOM   816  C  CD1 . ILE B 1 12 ? 3.838   -8.877  2.963   1.00 47.24  ? 11  ILE A CD1 1 
ATOM   817  N  N   . ASP B 1 13 ? -1.336  -10.817 3.363   1.00 39.07  ? 12  ASP A N   1 
ATOM   818  C  CA  . ASP B 1 13 ? -2.257  -11.865 3.790   1.00 38.34  ? 12  ASP A CA  1 
ATOM   819  C  C   . ASP B 1 13 ? -3.516  -11.930 2.918   1.00 43.92  ? 12  ASP A C   1 
ATOM   820  O  O   . ASP B 1 13 ? -3.862  -13.001 2.405   1.00 36.30  ? 12  ASP A O   1 
ATOM   821  C  CB  . ASP B 1 13 ? -2.624  -11.634 5.261   1.00 40.35  ? 12  ASP A CB  1 
ATOM   822  C  CG  . ASP B 1 13 ? -3.370  -12.802 5.874   1.00 51.10  ? 12  ASP A CG  1 
ATOM   823  O  OD1 . ASP B 1 13 ? -3.214  -13.938 5.385   1.00 61.45  ? 12  ASP A OD1 1 
ATOM   824  O  OD2 . ASP B 1 13 ? -4.103  -12.585 6.862   1.00 63.44  ? 12  ASP A OD2 1 
ATOM   825  N  N   . VAL B 1 14 ? -4.203  -10.801 2.738   1.00 28.32  ? 13  VAL A N   1 
ATOM   826  C  CA  . VAL B 1 14 ? -5.432  -10.813 1.923   1.00 39.97  ? 13  VAL A CA  1 
ATOM   827  C  C   . VAL B 1 14 ? -5.118  -11.195 0.473   1.00 38.32  ? 13  VAL A C   1 
ATOM   828  O  O   . VAL B 1 14 ? -5.849  -12.008 -0.148  1.00 40.90  ? 13  VAL A O   1 
ATOM   829  C  CB  . VAL B 1 14 ? -6.253  -9.489  2.016   1.00 33.03  ? 13  VAL A CB  1 
ATOM   830  C  CG1 . VAL B 1 14 ? -5.523  -8.356  1.333   1.00 35.73  ? 13  VAL A CG1 1 
ATOM   831  C  CG2 . VAL B 1 14 ? -7.643  -9.658  1.384   1.00 33.56  ? 13  VAL A CG2 1 
ATOM   832  N  N   . PHE B 1 15 ? -4.012  -10.661 -0.055  1.00 33.73  ? 14  PHE A N   1 
ATOM   833  C  CA  . PHE B 1 15 ? -3.650  -11.028 -1.418  1.00 36.34  ? 14  PHE A CA  1 
ATOM   834  C  C   . PHE B 1 15 ? -3.446  -12.534 -1.517  1.00 43.53  ? 14  PHE A C   1 
ATOM   835  O  O   . PHE B 1 15 ? -3.856  -13.144 -2.499  1.00 41.28  ? 14  PHE A O   1 
ATOM   836  C  CB  . PHE B 1 15 ? -2.392  -10.322 -1.915  1.00 29.65  ? 14  PHE A CB  1 
ATOM   837  C  CG  . PHE B 1 15 ? -2.003  -10.714 -3.324  1.00 35.76  ? 14  PHE A CG  1 
ATOM   838  C  CD1 . PHE B 1 15 ? -2.534  -10.039 -4.423  1.00 31.00  ? 14  PHE A CD1 1 
ATOM   839  C  CD2 . PHE B 1 15 ? -1.123  -11.773 -3.555  1.00 38.00  ? 14  PHE A CD2 1 
ATOM   840  C  CE1 . PHE B 1 15 ? -2.186  -10.407 -5.738  1.00 33.65  ? 14  PHE A CE1 1 
ATOM   841  C  CE2 . PHE B 1 15 ? -0.770  -12.147 -4.856  1.00 36.06  ? 14  PHE A CE2 1 
ATOM   842  C  CZ  . PHE B 1 15 ? -1.302  -11.463 -5.951  1.00 37.31  ? 14  PHE A CZ  1 
ATOM   843  N  N   . HIS B 1 16 ? -2.799  -13.117 -0.507  1.00 42.73  ? 15  HIS A N   1 
ATOM   844  C  CA  . HIS B 1 16 ? -2.503  -14.552 -0.514  1.00 48.33  ? 15  HIS A CA  1 
ATOM   845  C  C   . HIS B 1 16 ? -3.788  -15.369 -0.443  1.00 45.96  ? 15  HIS A C   1 
ATOM   846  O  O   . HIS B 1 16 ? -3.927  -16.378 -1.147  1.00 50.22  ? 15  HIS A O   1 
ATOM   847  C  CB  . HIS B 1 16 ? -1.580  -14.915 0.657   1.00 45.23  ? 15  HIS A CB  1 
ATOM   848  C  CG  . HIS B 1 16 ? -0.791  -16.170 0.445   1.00 63.27  ? 15  HIS A CG  1 
ATOM   849  N  ND1 . HIS B 1 16 ? 0.384   -16.199 -0.277  1.00 64.05  ? 15  HIS A ND1 1 
ATOM   850  C  CD2 . HIS B 1 16 ? -1.000  -17.439 0.878   1.00 69.99  ? 15  HIS A CD2 1 
ATOM   851  C  CE1 . HIS B 1 16 ? 0.861   -17.433 -0.286  1.00 71.99  ? 15  HIS A CE1 1 
ATOM   852  N  NE2 . HIS B 1 16 ? 0.038   -18.203 0.405   1.00 74.60  ? 15  HIS A NE2 1 
ATOM   853  N  N   . GLN B 1 17 ? -4.714  -14.928 0.411   1.00 41.70  ? 16  GLN A N   1 
ATOM   854  C  CA  . GLN B 1 17 ? -6.007  -15.581 0.575   1.00 44.61  ? 16  GLN A CA  1 
ATOM   855  C  C   . GLN B 1 17 ? -6.661  -15.736 -0.775  1.00 48.07  ? 16  GLN A C   1 
ATOM   856  O  O   . GLN B 1 17 ? -7.106  -16.830 -1.126  1.00 54.99  ? 16  GLN A O   1 
ATOM   857  C  CB  . GLN B 1 17 ? -6.950  -14.770 1.475   1.00 43.40  ? 16  GLN A CB  1 
ATOM   858  C  CG  . GLN B 1 17 ? -6.529  -14.602 2.934   1.00 61.72  ? 16  GLN A CG  1 
ATOM   859  C  CD  . GLN B 1 17 ? -6.880  -15.789 3.826   1.00 76.66  ? 16  GLN A CD  1 
ATOM   860  O  OE1 . GLN B 1 17 ? -7.498  -16.762 3.383   1.00 78.65  ? 16  GLN A OE1 1 
ATOM   861  N  NE2 . GLN B 1 17 ? -6.480  -15.709 5.097   1.00 81.75  ? 16  GLN A NE2 1 
ATOM   862  N  N   . TYR B 1 18 ? -6.727  -14.648 -1.540  1.00 42.13  ? 17  TYR A N   1 
ATOM   863  C  CA  . TYR B 1 18 ? -7.480  -14.727 -2.799  1.00 42.08  ? 17  TYR A CA  1 
ATOM   864  C  C   . TYR B 1 18 ? -6.709  -15.272 -3.999  1.00 43.72  ? 17  TYR A C   1 
ATOM   865  O  O   . TYR B 1 18 ? -7.285  -15.907 -4.871  1.00 40.16  ? 17  TYR A O   1 
ATOM   866  C  CB  . TYR B 1 18 ? -8.185  -13.406 -3.108  1.00 38.86  ? 17  TYR A CB  1 
ATOM   867  C  CG  . TYR B 1 18 ? -9.303  -13.174 -2.140  1.00 36.33  ? 17  TYR A CG  1 
ATOM   868  C  CD1 . TYR B 1 18 ? -9.075  -12.583 -0.895  1.00 31.63  ? 17  TYR A CD1 1 
ATOM   869  C  CD2 . TYR B 1 18 ? -10.578 -13.587 -2.441  1.00 34.02  ? 17  TYR A CD2 1 
ATOM   870  C  CE1 . TYR B 1 18 ? -10.116 -12.400 0.008   1.00 39.71  ? 17  TYR A CE1 1 
ATOM   871  C  CE2 . TYR B 1 18 ? -11.616 -13.405 -1.558  1.00 31.81  ? 17  TYR A CE2 1 
ATOM   872  C  CZ  . TYR B 1 18 ? -11.389 -12.823 -0.343  1.00 34.10  ? 17  TYR A CZ  1 
ATOM   873  O  OH  . TYR B 1 18 ? -12.450 -12.669 0.507   1.00 40.39  ? 17  TYR A OH  1 
ATOM   874  N  N   . SER B 1 19 ? -5.401  -15.060 -4.024  1.00 39.92  ? 18  SER A N   1 
ATOM   875  C  CA  . SER B 1 19 ? -4.588  -15.504 -5.156  1.00 45.66  ? 18  SER A CA  1 
ATOM   876  C  C   . SER B 1 19 ? -4.367  -17.023 -5.192  1.00 49.90  ? 18  SER A C   1 
ATOM   877  O  O   . SER B 1 19 ? -4.299  -17.617 -6.264  1.00 44.69  ? 18  SER A O   1 
ATOM   878  C  CB  . SER B 1 19 ? -3.232  -14.786 -5.160  1.00 43.79  ? 18  SER A CB  1 
ATOM   879  O  OG  . SER B 1 19 ? -2.503  -15.077 -3.982  1.00 46.33  ? 18  SER A OG  1 
ATOM   880  N  N   . GLY B 1 20 ? -4.245  -17.643 -4.024  1.00 50.63  ? 19  GLY A N   1 
ATOM   881  C  CA  . GLY B 1 20 ? -3.943  -19.063 -3.954  1.00 50.29  ? 19  GLY A CA  1 
ATOM   882  C  C   . GLY B 1 20 ? -5.094  -19.983 -4.333  1.00 55.84  ? 19  GLY A C   1 
ATOM   883  O  O   . GLY B 1 20 ? -4.887  -21.178 -4.531  1.00 47.07  ? 19  GLY A O   1 
ATOM   884  N  N   . ARG B 1 21 ? -6.301  -19.428 -4.439  1.00 48.06  ? 20  ARG A N   1 
ATOM   885  C  CA  . ARG B 1 21 ? -7.504  -20.233 -4.627  1.00 47.69  ? 20  ARG A CA  1 
ATOM   886  C  C   . ARG B 1 21 ? -7.458  -21.107 -5.872  1.00 52.05  ? 20  ARG A C   1 
ATOM   887  O  O   . ARG B 1 21 ? -7.687  -22.308 -5.800  1.00 52.42  ? 20  ARG A O   1 
ATOM   888  C  CB  . ARG B 1 21 ? -8.747  -19.344 -4.684  1.00 43.41  ? 20  ARG A CB  1 
ATOM   889  C  CG  . ARG B 1 21 ? -9.189  -18.811 -3.339  1.00 42.92  ? 20  ARG A CG  1 
ATOM   890  C  CD  . ARG B 1 21 ? -10.380 -17.906 -3.506  1.00 40.70  ? 20  ARG A CD  1 
ATOM   891  N  NE  . ARG B 1 21 ? -10.835 -17.379 -2.224  1.00 42.26  ? 20  ARG A NE  1 
ATOM   892  C  CZ  . ARG B 1 21 ? -11.986 -16.741 -2.054  1.00 47.83  ? 20  ARG A CZ  1 
ATOM   893  N  NH1 . ARG B 1 21 ? -12.802 -16.561 -3.091  1.00 41.73  ? 20  ARG A NH1 1 
ATOM   894  N  NH2 . ARG B 1 21 ? -12.324 -16.298 -0.843  1.00 38.75  ? 20  ARG A NH2 1 
ATOM   895  N  N   . GLU B 1 22 ? -7.159  -20.494 -7.011  1.00 53.28  ? 21  GLU A N   1 
ATOM   896  C  CA  . GLU B 1 22 ? -7.270  -21.165 -8.297  1.00 44.46  ? 21  GLU A CA  1 
ATOM   897  C  C   . GLU B 1 22 ? -6.153  -20.753 -9.248  1.00 52.91  ? 21  GLU A C   1 
ATOM   898  O  O   . GLU B 1 22 ? -5.709  -19.591 -9.253  1.00 53.33  ? 21  GLU A O   1 
ATOM   899  C  CB  . GLU B 1 22 ? -8.628  -20.848 -8.935  1.00 49.97  ? 21  GLU A CB  1 
ATOM   900  C  CG  . GLU B 1 22 ? -9.822  -21.166 -8.051  1.00 52.87  ? 21  GLU A CG  1 
ATOM   901  C  CD  . GLU B 1 22 ? -11.147 -20.997 -8.766  1.00 66.79  ? 21  GLU A CD  1 
ATOM   902  O  OE1 . GLU B 1 22 ? -11.183 -20.291 -9.804  1.00 64.82  ? 21  GLU A OE1 1 
ATOM   903  O  OE2 . GLU B 1 22 ? -12.149 -21.579 -8.289  1.00 67.97  ? 21  GLU A OE2 1 
ATOM   904  N  N   . GLY B 1 23 ? -5.704  -21.714 -10.049 1.00 46.83  ? 22  GLY A N   1 
ATOM   905  C  CA  . GLY B 1 23 ? -4.685  -21.470 -11.051 1.00 47.15  ? 22  GLY A CA  1 
ATOM   906  C  C   . GLY B 1 23 ? -3.405  -21.031 -10.396 1.00 51.58  ? 22  GLY A C   1 
ATOM   907  O  O   . GLY B 1 23 ? -3.022  -21.561 -9.351  1.00 48.45  ? 22  GLY A O   1 
ATOM   908  N  N   . ASP B 1 24 ? -2.744  -20.063 -11.021 1.00 55.86  ? 23  ASP A N   1 
ATOM   909  C  CA  . ASP B 1 24 ? -1.548  -19.458 -10.457 1.00 50.88  ? 23  ASP A CA  1 
ATOM   910  C  C   . ASP B 1 24 ? -1.868  -18.959 -9.043  1.00 52.32  ? 23  ASP A C   1 
ATOM   911  O  O   . ASP B 1 24 ? -2.638  -17.994 -8.860  1.00 46.93  ? 23  ASP A O   1 
ATOM   912  C  CB  . ASP B 1 24 ? -1.093  -18.304 -11.352 1.00 60.66  ? 23  ASP A CB  1 
ATOM   913  C  CG  . ASP B 1 24 ? 0.288   -17.801 -11.000 1.00 57.63  ? 23  ASP A CG  1 
ATOM   914  O  OD1 . ASP B 1 24 ? 0.651   -17.861 -9.809  1.00 62.03  ? 23  ASP A OD1 1 
ATOM   915  O  OD2 . ASP B 1 24 ? 1.009   -17.339 -11.912 1.00 68.76  ? 23  ASP A OD2 1 
ATOM   916  N  N   . LYS B 1 25 ? -1.286  -19.628 -8.048  1.00 47.08  ? 24  LYS A N   1 
ATOM   917  C  CA  . LYS B 1 25 ? -1.550  -19.305 -6.643  1.00 56.20  ? 24  LYS A CA  1 
ATOM   918  C  C   . LYS B 1 25 ? -0.942  -17.963 -6.188  1.00 56.48  ? 24  LYS A C   1 
ATOM   919  O  O   . LYS B 1 25 ? -1.224  -17.491 -5.077  1.00 54.59  ? 24  LYS A O   1 
ATOM   920  C  CB  . LYS B 1 25 ? -1.105  -20.447 -5.715  1.00 57.30  ? 24  LYS A CB  1 
ATOM   921  C  CG  . LYS B 1 25 ? -1.962  -21.718 -5.828  1.00 63.42  ? 24  LYS A CG  1 
ATOM   922  C  CD  . LYS B 1 25 ? -1.818  -22.645 -4.608  1.00 62.45  ? 24  LYS A CD  1 
ATOM   923  C  CE  . LYS B 1 25 ? -2.528  -23.993 -4.802  1.00 66.38  ? 24  LYS A CE  1 
ATOM   924  N  NZ  . LYS B 1 25 ? -4.028  -23.925 -4.826  1.00 61.12  ? 24  LYS A NZ  1 
ATOM   925  N  N   . HIS B 1 26 ? -0.129  -17.350 -7.051  1.00 51.25  ? 25  HIS A N   1 
ATOM   926  C  CA  . HIS B 1 26 ? 0.477   -16.052 -6.751  1.00 56.45  ? 25  HIS A CA  1 
ATOM   927  C  C   . HIS B 1 26 ? -0.111  -14.916 -7.607  1.00 52.51  ? 25  HIS A C   1 
ATOM   928  O  O   . HIS B 1 26 ? 0.424   -13.812 -7.618  1.00 49.36  ? 25  HIS A O   1 
ATOM   929  C  CB  . HIS B 1 26 ? 2.011   -16.095 -6.915  1.00 61.66  ? 25  HIS A CB  1 
ATOM   930  C  CG  . HIS B 1 26 ? 2.672   -17.242 -6.211  1.00 67.67  ? 25  HIS A CG  1 
ATOM   931  N  ND1 . HIS B 1 26 ? 2.657   -17.386 -4.838  1.00 73.18  ? 25  HIS A ND1 1 
ATOM   932  C  CD2 . HIS B 1 26 ? 3.375   -18.296 -6.689  1.00 68.65  ? 25  HIS A CD2 1 
ATOM   933  C  CE1 . HIS B 1 26 ? 3.313   -18.480 -4.505  1.00 76.30  ? 25  HIS A CE1 1 
ATOM   934  N  NE2 . HIS B 1 26 ? 3.759   -19.055 -5.612  1.00 69.61  ? 25  HIS A NE2 1 
ATOM   935  N  N   . LYS B 1 27 ? -1.209  -15.179 -8.321  1.00 53.07  ? 26  LYS A N   1 
ATOM   936  C  CA  . LYS B 1 27 ? -1.870  -14.131 -9.120  1.00 45.29  ? 26  LYS A CA  1 
ATOM   937  C  C   . LYS B 1 27 ? -3.386  -14.163 -8.973  1.00 44.01  ? 26  LYS A C   1 
ATOM   938  O  O   . LYS B 1 27 ? -3.984  -15.215 -8.722  1.00 45.09  ? 26  LYS A O   1 
ATOM   939  C  CB  . LYS B 1 27 ? -1.479  -14.209 -10.607 1.00 49.38  ? 26  LYS A CB  1 
ATOM   940  C  CG  . LYS B 1 27 ? -0.009  -13.857 -10.906 1.00 54.40  ? 26  LYS A CG  1 
ATOM   941  C  CD  . LYS B 1 27 ? 0.386   -14.259 -12.335 1.00 59.22  ? 26  LYS A CD  1 
ATOM   942  C  CE  . LYS B 1 27 ? 1.890   -14.116 -12.567 1.00 66.58  ? 26  LYS A CE  1 
ATOM   943  N  NZ  . LYS B 1 27 ? 2.334   -14.874 -13.766 1.00 73.24  ? 26  LYS A NZ  1 
ATOM   944  N  N   . LEU B 1 28 ? -4.006  -13.000 -9.123  1.00 41.69  ? 27  LEU A N   1 
ATOM   945  C  CA  . LEU B 1 28 ? -5.451  -12.897 -9.022  1.00 41.08  ? 27  LEU A CA  1 
ATOM   946  C  C   . LEU B 1 28 ? -6.075  -12.958 -10.421 1.00 38.85  ? 27  LEU A C   1 
ATOM   947  O  O   . LEU B 1 28 ? -5.934  -12.027 -11.216 1.00 40.90  ? 27  LEU A O   1 
ATOM   948  C  CB  . LEU B 1 28 ? -5.850  -11.594 -8.317  1.00 43.68  ? 27  LEU A CB  1 
ATOM   949  C  CG  . LEU B 1 28 ? -5.544  -11.406 -6.827  1.00 36.89  ? 27  LEU A CG  1 
ATOM   950  C  CD1 . LEU B 1 28 ? -5.876  -9.988  -6.411  1.00 25.23  ? 27  LEU A CD1 1 
ATOM   951  C  CD2 . LEU B 1 28 ? -6.340  -12.403 -5.975  1.00 28.72  ? 27  LEU A CD2 1 
ATOM   952  N  N   . LYS B 1 29 ? -6.752  -14.058 -10.739 1.00 38.84  ? 28  LYS A N   1 
ATOM   953  C  CA  . LYS B 1 29 ? -7.563  -14.074 -11.961 1.00 44.33  ? 28  LYS A CA  1 
ATOM   954  C  C   . LYS B 1 29 ? -8.824  -13.235 -11.720 1.00 44.71  ? 28  LYS A C   1 
ATOM   955  O  O   . LYS B 1 29 ? -9.025  -12.719 -10.605 1.00 36.47  ? 28  LYS A O   1 
ATOM   956  C  CB  . LYS B 1 29 ? -7.907  -15.501 -12.394 1.00 41.14  ? 28  LYS A CB  1 
ATOM   957  C  CG  . LYS B 1 29 ? -8.691  -16.305 -11.371 1.00 42.46  ? 28  LYS A CG  1 
ATOM   958  C  CD  . LYS B 1 29 ? -9.305  -17.567 -11.981 1.00 54.14  ? 28  LYS A CD  1 
ATOM   959  C  CE  . LYS B 1 29 ? -8.264  -18.583 -12.426 1.00 54.38  ? 28  LYS A CE  1 
ATOM   960  N  NZ  . LYS B 1 29 ? -8.885  -19.900 -12.766 1.00 62.97  ? 28  LYS A NZ  1 
ATOM   961  N  N   . LYS B 1 30 ? -9.669  -13.087 -12.738 1.00 40.16  ? 29  LYS A N   1 
ATOM   962  C  CA  . LYS B 1 30 ? -10.825 -12.216 -12.597 1.00 40.02  ? 29  LYS A CA  1 
ATOM   963  C  C   . LYS B 1 30 ? -11.737 -12.597 -11.432 1.00 43.14  ? 29  LYS A C   1 
ATOM   964  O  O   . LYS B 1 30 ? -12.129 -11.728 -10.646 1.00 34.67  ? 29  LYS A O   1 
ATOM   965  C  CB  . LYS B 1 30 ? -11.617 -12.132 -13.899 1.00 35.28  ? 29  LYS A CB  1 
ATOM   966  C  CG  . LYS B 1 30 ? -10.973 -11.276 -14.998 1.00 42.09  ? 29  LYS A CG  1 
ATOM   967  C  CD  . LYS B 1 30 ? -11.893 -11.309 -16.228 1.00 56.29  ? 29  LYS A CD  1 
ATOM   968  C  CE  . LYS B 1 30 ? -11.294 -10.669 -17.469 1.00 52.53  ? 29  LYS A CE  1 
ATOM   969  N  NZ  . LYS B 1 30 ? -12.035 -11.193 -18.694 1.00 42.41  ? 29  LYS A NZ  1 
ATOM   970  N  N   . SER B 1 31 ? -12.055 -13.885 -11.314 1.00 34.76  ? 30  SER A N   1 
ATOM   971  C  CA  . SER B 1 31 ? -13.001 -14.351 -10.291 1.00 34.46  ? 30  SER A CA  1 
ATOM   972  C  C   . SER B 1 31 ? -12.467 -14.105 -8.891  1.00 37.27  ? 30  SER A C   1 
ATOM   973  O  O   . SER B 1 31 ? -13.210 -13.683 -7.993  1.00 43.07  ? 30  SER A O   1 
ATOM   974  C  CB  . SER B 1 31 ? -13.352 -15.840 -10.477 1.00 46.37  ? 30  SER A CB  1 
ATOM   975  O  OG  . SER B 1 31 ? -12.238 -16.680 -10.244 1.00 40.54  ? 30  SER A OG  1 
ATOM   976  N  N   . GLU B 1 32 ? -11.169 -14.337 -8.714  1.00 36.36  ? 31  GLU A N   1 
ATOM   977  C  CA  . GLU B 1 32 ? -10.510 -14.085 -7.429  1.00 41.75  ? 31  GLU A CA  1 
ATOM   978  C  C   . GLU B 1 32 ? -10.522 -12.606 -7.054  1.00 35.40  ? 31  GLU A C   1 
ATOM   979  O  O   . GLU B 1 32 ? -10.817 -12.247 -5.908  1.00 32.65  ? 31  GLU A O   1 
ATOM   980  C  CB  . GLU B 1 32 ? -9.077  -14.598 -7.467  1.00 35.22  ? 31  GLU A CB  1 
ATOM   981  C  CG  . GLU B 1 32 ? -8.982  -16.095 -7.629  1.00 35.22  ? 31  GLU A CG  1 
ATOM   982  C  CD  . GLU B 1 32 ? -7.574  -16.533 -7.925  1.00 43.67  ? 31  GLU A CD  1 
ATOM   983  O  OE1 . GLU B 1 32 ? -6.885  -15.804 -8.668  1.00 42.75  ? 31  GLU A OE1 1 
ATOM   984  O  OE2 . GLU B 1 32 ? -7.152  -17.589 -7.413  1.00 46.07  ? 31  GLU A OE2 1 
ATOM   985  N  N   . LEU B 1 33 ? -10.203 -11.758 -8.028  1.00 37.36  ? 32  LEU A N   1 
ATOM   986  C  CA  . LEU B 1 33 ? -10.185 -10.303 -7.829  1.00 40.34  ? 32  LEU A CA  1 
ATOM   987  C  C   . LEU B 1 33 ? -11.581 -9.800  -7.475  1.00 33.68  ? 32  LEU A C   1 
ATOM   988  O  O   . LEU B 1 33 ? -11.755 -8.993  -6.555  1.00 30.88  ? 32  LEU A O   1 
ATOM   989  C  CB  . LEU B 1 33 ? -9.657  -9.598  -9.086  1.00 31.81  ? 32  LEU A CB  1 
ATOM   990  C  CG  . LEU B 1 33 ? -9.709  -8.070  -9.151  1.00 39.73  ? 32  LEU A CG  1 
ATOM   991  C  CD1 . LEU B 1 33 ? -8.841  -7.443  -8.072  1.00 29.79  ? 32  LEU A CD1 1 
ATOM   992  C  CD2 . LEU B 1 33 ? -9.281  -7.590  -10.521 1.00 35.05  ? 32  LEU A CD2 1 
ATOM   993  N  N   . LYS B 1 34 ? -12.577 -10.306 -8.193  1.00 40.49  ? 33  LYS A N   1 
ATOM   994  C  CA  . LYS B 1 34 ? -13.967 -9.961  -7.935  1.00 34.06  ? 33  LYS A CA  1 
ATOM   995  C  C   . LYS B 1 34 ? -14.330 -10.308 -6.504  1.00 32.54  ? 33  LYS A C   1 
ATOM   996  O  O   . LYS B 1 34 ? -14.921 -9.489  -5.799  1.00 31.37  ? 33  LYS A O   1 
ATOM   997  C  CB  . LYS B 1 34 ? -14.902 -10.687 -8.900  1.00 34.48  ? 33  LYS A CB  1 
ATOM   998  C  CG  . LYS B 1 34 ? -16.370 -10.633 -8.469  1.00 45.92  ? 33  LYS A CG  1 
ATOM   999  C  CD  . LYS B 1 34 ? -17.260 -11.596 -9.294  1.00 49.78  ? 33  LYS A CD  1 
ATOM   1000 C  CE  . LYS B 1 34 ? -18.601 -11.877 -8.601  1.00 55.28  ? 33  LYS A CE  1 
ATOM   1001 N  NZ  . LYS B 1 34 ? -19.410 -12.888 -9.343  1.00 71.83  ? 33  LYS A NZ  1 
ATOM   1002 N  N   . GLU B 1 35 ? -13.960 -11.510 -6.066  1.00 37.57  ? 34  GLU A N   1 
ATOM   1003 C  CA  . GLU B 1 35 ? -14.305 -11.938 -4.708  1.00 34.79  ? 34  GLU A CA  1 
ATOM   1004 C  C   . GLU B 1 35 ? -13.569 -11.106 -3.650  1.00 35.80  ? 34  GLU A C   1 
ATOM   1005 O  O   . GLU B 1 35 ? -14.129 -10.790 -2.586  1.00 29.72  ? 34  GLU A O   1 
ATOM   1006 C  CB  . GLU B 1 35 ? -14.039 -13.443 -4.496  1.00 38.08  ? 34  GLU A CB  1 
ATOM   1007 C  CG  . GLU B 1 35 ? -14.687 -14.439 -5.499  1.00 35.84  ? 34  GLU A CG  1 
ATOM   1008 C  CD  . GLU B 1 35 ? -16.225 -14.356 -5.614  1.00 54.88  ? 34  GLU A CD  1 
ATOM   1009 O  OE1 . GLU B 1 35 ? -16.897 -13.884 -4.669  1.00 49.27  ? 34  GLU A OE1 1 
ATOM   1010 O  OE2 . GLU B 1 35 ? -16.765 -14.782 -6.668  1.00 57.96  ? 34  GLU A OE2 1 
ATOM   1011 N  N   . LEU B 1 36 ? -12.317 -10.754 -3.934  1.00 36.50  ? 35  LEU A N   1 
ATOM   1012 C  CA  . LEU B 1 36 ? -11.548 -9.913  -3.016  1.00 31.55  ? 35  LEU A CA  1 
ATOM   1013 C  C   . LEU B 1 36 ? -12.266 -8.592  -2.830  1.00 30.95  ? 35  LEU A C   1 
ATOM   1014 O  O   . LEU B 1 36 ? -12.476 -8.133  -1.708  1.00 30.75  ? 35  LEU A O   1 
ATOM   1015 C  CB  . LEU B 1 36 ? -10.136 -9.657  -3.553  1.00 27.63  ? 35  LEU A CB  1 
ATOM   1016 C  CG  . LEU B 1 36 ? -9.137  -8.971  -2.601  1.00 30.48  ? 35  LEU A CG  1 
ATOM   1017 C  CD1 . LEU B 1 36 ? -7.739  -9.456  -2.936  1.00 31.40  ? 35  LEU A CD1 1 
ATOM   1018 C  CD2 . LEU B 1 36 ? -9.199  -7.445  -2.680  1.00 25.07  ? 35  LEU A CD2 1 
ATOM   1019 N  N   . ILE B 1 37 ? -12.652 -7.977  -3.941  1.00 28.89  ? 36  ILE A N   1 
ATOM   1020 C  CA  . ILE B 1 37 ? -13.246 -6.642  -3.860  1.00 36.84  ? 36  ILE A CA  1 
ATOM   1021 C  C   . ILE B 1 37 ? -14.608 -6.736  -3.156  1.00 36.34  ? 36  ILE A C   1 
ATOM   1022 O  O   . ILE B 1 37 ? -14.890 -5.990  -2.222  1.00 33.60  ? 36  ILE A O   1 
ATOM   1023 C  CB  . ILE B 1 37 ? -13.381 -6.038  -5.265  1.00 38.34  ? 36  ILE A CB  1 
ATOM   1024 C  CG1 . ILE B 1 37 ? -12.000 -5.628  -5.796  1.00 27.29  ? 36  ILE A CG1 1 
ATOM   1025 C  CG2 . ILE B 1 37 ? -14.421 -4.915  -5.284  1.00 31.20  ? 36  ILE A CG2 1 
ATOM   1026 C  CD1 . ILE B 1 37 ? -12.018 -5.319  -7.296  1.00 34.51  ? 36  ILE A CD1 1 
ATOM   1027 N  N   . ASN B 1 38 ? -15.431 -7.684  -3.592  1.00 32.24  ? 37  ASN A N   1 
ATOM   1028 C  CA  . ASN B 1 38 ? -16.743 -7.897  -2.971  1.00 36.46  ? 37  ASN A CA  1 
ATOM   1029 C  C   . ASN B 1 38 ? -16.746 -8.234  -1.467  1.00 39.78  ? 37  ASN A C   1 
ATOM   1030 O  O   . ASN B 1 38 ? -17.603 -7.755  -0.728  1.00 37.40  ? 37  ASN A O   1 
ATOM   1031 C  CB  . ASN B 1 38 ? -17.556 -8.910  -3.784  1.00 29.80  ? 37  ASN A CB  1 
ATOM   1032 C  CG  . ASN B 1 38 ? -18.093 -8.305  -5.075  1.00 46.29  ? 37  ASN A CG  1 
ATOM   1033 O  OD1 . ASN B 1 38 ? -17.968 -7.090  -5.295  1.00 37.32  ? 37  ASN A OD1 1 
ATOM   1034 N  ND2 . ASN B 1 38 ? -18.702 -9.137  -5.928  1.00 43.52  ? 37  ASN A ND2 1 
ATOM   1035 N  N   . ASN B 1 39 ? -15.785 -9.036  -1.015  1.00 35.78  ? 38  ASN A N   1 
ATOM   1036 C  CA  . ASN B 1 39 ? -15.758 -9.478  0.376   1.00 28.85  ? 38  ASN A CA  1 
ATOM   1037 C  C   . ASN B 1 39 ? -14.943 -8.563  1.299   1.00 44.35  ? 38  ASN A C   1 
ATOM   1038 O  O   . ASN B 1 39 ? -15.260 -8.432  2.487   1.00 42.98  ? 38  ASN A O   1 
ATOM   1039 C  CB  . ASN B 1 39 ? -15.183 -10.897 0.482   1.00 38.08  ? 38  ASN A CB  1 
ATOM   1040 C  CG  . ASN B 1 39 ? -15.961 -11.929 -0.327  1.00 42.81  ? 38  ASN A CG  1 
ATOM   1041 O  OD1 . ASN B 1 39 ? -17.126 -11.730 -0.691  1.00 38.01  ? 38  ASN A OD1 1 
ATOM   1042 N  ND2 . ASN B 1 39 ? -15.312 -13.053 -0.596  1.00 37.21  ? 38  ASN A ND2 1 
ATOM   1043 N  N   . GLU B 1 40 ? -13.892 -7.945  0.753   1.00 38.43  ? 39  GLU A N   1 
ATOM   1044 C  CA  . GLU B 1 40 ? -12.908 -7.186  1.548   1.00 40.67  ? 39  GLU A CA  1 
ATOM   1045 C  C   . GLU B 1 40 ? -12.946 -5.652  1.409   1.00 44.65  ? 39  GLU A C   1 
ATOM   1046 O  O   . GLU B 1 40 ? -12.336 -4.928  2.213   1.00 40.84  ? 39  GLU A O   1 
ATOM   1047 C  CB  . GLU B 1 40 ? -11.483 -7.670  1.241   1.00 39.14  ? 39  GLU A CB  1 
ATOM   1048 C  CG  . GLU B 1 40 ? -11.302 -9.170  1.298   1.00 44.91  ? 39  GLU A CG  1 
ATOM   1049 C  CD  . GLU B 1 40 ? -11.649 -9.753  2.647   1.00 52.60  ? 39  GLU A CD  1 
ATOM   1050 O  OE1 . GLU B 1 40 ? -11.234 -9.173  3.673   1.00 56.44  ? 39  GLU A OE1 1 
ATOM   1051 O  OE2 . GLU B 1 40 ? -12.326 -10.809 2.674   1.00 53.61  ? 39  GLU A OE2 1 
ATOM   1052 N  N   . LEU B 1 41 ? -13.640 -5.148  0.393   1.00 37.26  ? 40  LEU A N   1 
ATOM   1053 C  CA  . LEU B 1 41 ? -13.777 -3.699  0.227   1.00 39.60  ? 40  LEU A CA  1 
ATOM   1054 C  C   . LEU B 1 41 ? -15.249 -3.287  0.120   1.00 36.05  ? 40  LEU A C   1 
ATOM   1055 O  O   . LEU B 1 41 ? -15.591 -2.342  -0.581  1.00 34.88  ? 40  LEU A O   1 
ATOM   1056 C  CB  . LEU B 1 41 ? -12.991 -3.212  -0.995  1.00 28.28  ? 40  LEU A CB  1 
ATOM   1057 C  CG  . LEU B 1 41 ? -11.498 -3.479  -0.904  1.00 33.17  ? 40  LEU A CG  1 
ATOM   1058 C  CD1 . LEU B 1 41 ? -10.865 -3.353  -2.286  1.00 30.67  ? 40  LEU A CD1 1 
ATOM   1059 C  CD2 . LEU B 1 41 ? -10.879 -2.499  0.086   1.00 36.96  ? 40  LEU A CD2 1 
ATOM   1060 N  N   . SER B 1 42 ? -16.113 -3.992  0.835   1.00 45.27  ? 41  SER A N   1 
ATOM   1061 C  CA  . SER B 1 42 ? -17.559 -3.791  0.702   1.00 43.84  ? 41  SER A CA  1 
ATOM   1062 C  C   . SER B 1 42 ? -17.973 -2.433  1.268   1.00 49.61  ? 41  SER A C   1 
ATOM   1063 O  O   . SER B 1 42 ? -19.065 -1.944  0.983   1.00 53.83  ? 41  SER A O   1 
ATOM   1064 C  CB  . SER B 1 42 ? -18.331 -4.918  1.397   1.00 41.46  ? 41  SER A CB  1 
ATOM   1065 O  OG  . SER B 1 42 ? -18.074 -4.945  2.800   1.00 47.57  ? 41  SER A OG  1 
ATOM   1066 N  N   . HIS B 1 43 ? -17.099 -1.817  2.060   1.00 39.35  ? 42  HIS A N   1 
ATOM   1067 C  CA  . HIS B 1 43 ? -17.388 -0.471  2.584   1.00 51.78  ? 42  HIS A CA  1 
ATOM   1068 C  C   . HIS B 1 43 ? -16.750 0.690   1.800   1.00 48.94  ? 42  HIS A C   1 
ATOM   1069 O  O   . HIS B 1 43 ? -17.085 1.851   2.026   1.00 56.09  ? 42  HIS A O   1 
ATOM   1070 C  CB  . HIS B 1 43 ? -17.007 -0.362  4.064   1.00 48.50  ? 42  HIS A CB  1 
ATOM   1071 C  CG  . HIS B 1 43 ? -17.530 -1.484  4.904   1.00 46.09  ? 42  HIS A CG  1 
ATOM   1072 N  ND1 . HIS B 1 43 ? -16.709 -2.446  5.449   1.00 51.49  ? 42  HIS A ND1 1 
ATOM   1073 C  CD2 . HIS B 1 43 ? -18.791 -1.805  5.281   1.00 57.33  ? 42  HIS A CD2 1 
ATOM   1074 C  CE1 . HIS B 1 43 ? -17.439 -3.310  6.132   1.00 56.61  ? 42  HIS A CE1 1 
ATOM   1075 N  NE2 . HIS B 1 43 ? -18.707 -2.946  6.043   1.00 59.49  ? 42  HIS A NE2 1 
ATOM   1076 N  N   . PHE B 1 44 ? -15.838 0.377   0.884   1.00 47.39  ? 43  PHE A N   1 
ATOM   1077 C  CA  . PHE B 1 44 ? -15.159 1.409   0.105   1.00 47.68  ? 43  PHE A CA  1 
ATOM   1078 C  C   . PHE B 1 44 ? -15.642 1.417   -1.338  1.00 48.34  ? 43  PHE A C   1 
ATOM   1079 O  O   . PHE B 1 44 ? -15.753 2.474   -1.956  1.00 44.88  ? 43  PHE A O   1 
ATOM   1080 C  CB  . PHE B 1 44 ? -13.646 1.176   0.082   1.00 47.02  ? 43  PHE A CB  1 
ATOM   1081 C  CG  . PHE B 1 44 ? -12.976 1.304   1.414   1.00 50.00  ? 43  PHE A CG  1 
ATOM   1082 C  CD1 . PHE B 1 44 ? -13.707 1.543   2.569   1.00 56.58  ? 43  PHE A CD1 1 
ATOM   1083 C  CD2 . PHE B 1 44 ? -11.594 1.197   1.512   1.00 59.38  ? 43  PHE A CD2 1 
ATOM   1084 C  CE1 . PHE B 1 44 ? -13.071 1.666   3.809   1.00 72.53  ? 43  PHE A CE1 1 
ATOM   1085 C  CE2 . PHE B 1 44 ? -10.944 1.325   2.744   1.00 56.11  ? 43  PHE A CE2 1 
ATOM   1086 C  CZ  . PHE B 1 44 ? -11.683 1.564   3.895   1.00 59.24  ? 43  PHE A CZ  1 
ATOM   1087 N  N   . LEU B 1 45 ? -15.883 0.228   -1.887  1.00 41.04  ? 44  LEU A N   1 
ATOM   1088 C  CA  . LEU B 1 45 ? -16.203 0.104   -3.302  1.00 39.96  ? 44  LEU A CA  1 
ATOM   1089 C  C   . LEU B 1 45 ? -17.574 -0.498  -3.466  1.00 43.36  ? 44  LEU A C   1 
ATOM   1090 O  O   . LEU B 1 45 ? -18.000 -1.324  -2.649  1.00 38.37  ? 44  LEU A O   1 
ATOM   1091 C  CB  . LEU B 1 45 ? -15.181 -0.775  -4.032  1.00 38.88  ? 44  LEU A CB  1 
ATOM   1092 C  CG  . LEU B 1 45 ? -13.734 -0.281  -4.112  1.00 55.93  ? 44  LEU A CG  1 
ATOM   1093 C  CD1 . LEU B 1 45 ? -12.896 -1.208  -5.004  1.00 47.94  ? 44  LEU A CD1 1 
ATOM   1094 C  CD2 . LEU B 1 45 ? -13.674 1.176   -4.595  1.00 53.62  ? 44  LEU A CD2 1 
ATOM   1095 N  N   . GLU B 1 46 ? -18.259 -0.063  -4.521  1.00 42.54  ? 45  GLU A N   1 
ATOM   1096 C  CA  . GLU B 1 46 ? -19.499 -0.685  -4.951  1.00 59.00  ? 45  GLU A CA  1 
ATOM   1097 C  C   . GLU B 1 46 ? -19.256 -2.174  -5.195  1.00 51.56  ? 45  GLU A C   1 
ATOM   1098 O  O   . GLU B 1 46 ? -18.204 -2.563  -5.702  1.00 48.88  ? 45  GLU A O   1 
ATOM   1099 C  CB  . GLU B 1 46 ? -19.968 -0.035  -6.256  1.00 63.71  ? 45  GLU A CB  1 
ATOM   1100 C  CG  . GLU B 1 46 ? -21.440 -0.202  -6.563  1.00 60.53  ? 45  GLU A CG  1 
ATOM   1101 C  CD  . GLU B 1 46 ? -22.277 0.929   -5.987  1.00 70.26  ? 45  GLU A CD  1 
ATOM   1102 O  OE1 . GLU B 1 46 ? -23.371 1.202   -6.528  1.00 77.49  ? 45  GLU A OE1 1 
ATOM   1103 O  OE2 . GLU B 1 46 ? -21.842 1.544   -4.996  1.00 64.16  ? 45  GLU A OE2 1 
ATOM   1104 N  N   . GLU B 1 47 ? -20.222 -3.009  -4.838  1.00 56.99  ? 46  GLU A N   1 
ATOM   1105 C  CA  . GLU B 1 47 ? -20.121 -4.432  -5.127  1.00 50.02  ? 46  GLU A CA  1 
ATOM   1106 C  C   . GLU B 1 47 ? -20.190 -4.660  -6.643  1.00 56.83  ? 46  GLU A C   1 
ATOM   1107 O  O   . GLU B 1 47 ? -21.023 -4.065  -7.332  1.00 61.51  ? 46  GLU A O   1 
ATOM   1108 C  CB  . GLU B 1 47 ? -21.237 -5.204  -4.417  1.00 47.37  ? 46  GLU A CB  1 
ATOM   1109 C  CG  . GLU B 1 47 ? -21.299 -6.666  -4.811  1.00 52.80  ? 46  GLU A CG  1 
ATOM   1110 C  CD  . GLU B 1 47 ? -22.421 -7.405  -4.121  1.00 61.42  ? 46  GLU A CD  1 
ATOM   1111 O  OE1 . GLU B 1 47 ? -22.923 -6.902  -3.093  1.00 76.73  ? 46  GLU A OE1 1 
ATOM   1112 O  OE2 . GLU B 1 47 ? -22.801 -8.490  -4.608  1.00 61.51  ? 46  GLU A OE2 1 
ATOM   1113 N  N   . ILE B 1 48 ? -19.306 -5.507  -7.161  1.00 48.12  ? 47  ILE A N   1 
ATOM   1114 C  CA  . ILE B 1 48 ? -19.283 -5.814  -8.587  1.00 49.10  ? 47  ILE A CA  1 
ATOM   1115 C  C   . ILE B 1 48 ? -20.261 -6.950  -8.878  1.00 50.90  ? 47  ILE A C   1 
ATOM   1116 O  O   . ILE B 1 48 ? -20.129 -8.044  -8.328  1.00 50.90  ? 47  ILE A O   1 
ATOM   1117 C  CB  . ILE B 1 48 ? -17.863 -6.232  -9.046  1.00 54.57  ? 47  ILE A CB  1 
ATOM   1118 C  CG1 . ILE B 1 48 ? -16.850 -5.125  -8.741  1.00 44.47  ? 47  ILE A CG1 1 
ATOM   1119 C  CG2 . ILE B 1 48 ? -17.854 -6.602  -10.533 1.00 49.48  ? 47  ILE A CG2 1 
ATOM   1120 C  CD1 . ILE B 1 48 ? -15.408 -5.592  -8.797  1.00 39.79  ? 47  ILE A CD1 1 
ATOM   1121 N  N   . LYS B 1 49 ? -21.241 -6.693  -9.738  1.00 48.07  ? 48  LYS A N   1 
ATOM   1122 C  CA  . LYS B 1 49 ? -22.186 -7.741  -10.135 1.00 55.96  ? 48  LYS A CA  1 
ATOM   1123 C  C   . LYS B 1 49 ? -22.053 -8.111  -11.619 1.00 64.43  ? 48  LYS A C   1 
ATOM   1124 O  O   . LYS B 1 49 ? -22.336 -9.247  -12.014 1.00 69.55  ? 48  LYS A O   1 
ATOM   1125 C  CB  . LYS B 1 49 ? -23.633 -7.341  -9.799  1.00 46.06  ? 48  LYS A CB  1 
ATOM   1126 C  CG  . LYS B 1 49 ? -23.894 -7.107  -8.312  1.00 45.16  ? 48  LYS A CG  1 
ATOM   1127 C  CD  . LYS B 1 49 ? -25.154 -6.281  -8.096  1.00 53.25  ? 48  LYS A CD  1 
ATOM   1128 C  CE  . LYS B 1 49 ? -25.442 -6.076  -6.617  1.00 53.23  ? 48  LYS A CE  1 
ATOM   1129 N  NZ  . LYS B 1 49 ? -25.829 -7.346  -5.947  1.00 59.87  ? 48  LYS A NZ  1 
ATOM   1130 N  N   . GLU B 1 50 ? -21.608 -7.158  -12.435 1.00 59.15  ? 49  GLU A N   1 
ATOM   1131 C  CA  . GLU B 1 50 ? -21.544 -7.366  -13.880 1.00 55.74  ? 49  GLU A CA  1 
ATOM   1132 C  C   . GLU B 1 50 ? -20.152 -7.767  -14.370 1.00 55.18  ? 49  GLU A C   1 
ATOM   1133 O  O   . GLU B 1 50 ? -19.126 -7.310  -13.843 1.00 46.85  ? 49  GLU A O   1 
ATOM   1134 C  CB  . GLU B 1 50 ? -22.028 -6.118  -14.626 1.00 60.00  ? 49  GLU A CB  1 
ATOM   1135 C  CG  . GLU B 1 50 ? -22.925 -5.192  -13.793 1.00 69.57  ? 49  GLU A CG  1 
ATOM   1136 C  CD  . GLU B 1 50 ? -24.255 -5.822  -13.412 1.00 70.82  ? 49  GLU A CD  1 
ATOM   1137 O  OE1 . GLU B 1 50 ? -24.687 -6.768  -14.107 1.00 66.83  ? 49  GLU A OE1 1 
ATOM   1138 O  OE2 . GLU B 1 50 ? -24.865 -5.367  -12.411 1.00 65.97  ? 49  GLU A OE2 1 
ATOM   1139 N  N   . GLN B 1 51 ? -20.136 -8.630  -15.384 1.00 41.23  ? 50  GLN A N   1 
ATOM   1140 C  CA  . GLN B 1 51 ? -18.907 -9.054  -16.036 1.00 47.19  ? 50  GLN A CA  1 
ATOM   1141 C  C   . GLN B 1 51 ? -18.159 -7.868  -16.629 1.00 45.72  ? 50  GLN A C   1 
ATOM   1142 O  O   . GLN B 1 51 ? -16.929 -7.807  -16.559 1.00 40.94  ? 50  GLN A O   1 
ATOM   1143 C  CB  . GLN B 1 51 ? -19.215 -10.069 -17.143 1.00 49.67  ? 50  GLN A CB  1 
ATOM   1144 C  CG  . GLN B 1 51 ? -17.967 -10.790 -17.625 1.00 46.86  ? 50  GLN A CG  1 
ATOM   1145 C  CD  . GLN B 1 51 ? -17.327 -11.603 -16.517 1.00 54.21  ? 50  GLN A CD  1 
ATOM   1146 O  OE1 . GLN B 1 51 ? -18.010 -12.355 -15.812 1.00 62.57  ? 50  GLN A OE1 1 
ATOM   1147 N  NE2 . GLN B 1 51 ? -16.016 -11.450 -16.343 1.00 46.46  ? 50  GLN A NE2 1 
ATOM   1148 N  N   . GLU B 1 52 ? -18.913 -6.933  -17.212 1.00 46.36  ? 51  GLU A N   1 
ATOM   1149 C  CA  . GLU B 1 52 ? -18.361 -5.687  -17.761 1.00 50.65  ? 51  GLU A CA  1 
ATOM   1150 C  C   . GLU B 1 52 ? -17.472 -4.945  -16.753 1.00 41.98  ? 51  GLU A C   1 
ATOM   1151 O  O   . GLU B 1 52 ? -16.397 -4.434  -17.104 1.00 49.14  ? 51  GLU A O   1 
ATOM   1152 C  CB  . GLU B 1 52 ? -19.495 -4.775  -18.257 1.00 49.93  ? 51  GLU A CB  1 
ATOM   1153 C  CG  . GLU B 1 52 ? -19.035 -3.365  -18.663 1.00 63.55  ? 51  GLU A CG  1 
ATOM   1154 C  CD  . GLU B 1 52 ? -20.186 -2.450  -19.080 1.00 72.04  ? 51  GLU A CD  1 
ATOM   1155 O  OE1 . GLU B 1 52 ? -21.359 -2.908  -19.089 1.00 65.37  ? 51  GLU A OE1 1 
ATOM   1156 O  OE2 . GLU B 1 52 ? -19.908 -1.271  -19.401 1.00 67.55  ? 51  GLU A OE2 1 
ATOM   1157 N  N   . VAL B 1 53 ? -17.908 -4.909  -15.496 1.00 44.54  ? 52  VAL A N   1 
ATOM   1158 C  CA  . VAL B 1 53 ? -17.145 -4.228  -14.447 1.00 43.30  ? 52  VAL A CA  1 
ATOM   1159 C  C   . VAL B 1 53 ? -15.906 -5.013  -14.023 1.00 43.98  ? 52  VAL A C   1 
ATOM   1160 O  O   . VAL B 1 53 ? -14.824 -4.426  -13.862 1.00 34.81  ? 52  VAL A O   1 
ATOM   1161 C  CB  . VAL B 1 53 ? -18.021 -3.910  -13.211 1.00 51.77  ? 52  VAL A CB  1 
ATOM   1162 C  CG1 . VAL B 1 53 ? -17.192 -3.225  -12.118 1.00 38.33  ? 52  VAL A CG1 1 
ATOM   1163 C  CG2 . VAL B 1 53 ? -19.209 -3.043  -13.611 1.00 51.88  ? 52  VAL A CG2 1 
ATOM   1164 N  N   . VAL B 1 54 ? -16.058 -6.331  -13.839 1.00 43.30  ? 53  VAL A N   1 
ATOM   1165 C  CA  . VAL B 1 54 ? -14.909 -7.204  -13.537 1.00 47.02  ? 53  VAL A CA  1 
ATOM   1166 C  C   . VAL B 1 54 ? -13.829 -7.053  -14.616 1.00 45.21  ? 53  VAL A C   1 
ATOM   1167 O  O   . VAL B 1 54 ? -12.633 -7.004  -14.314 1.00 46.22  ? 53  VAL A O   1 
ATOM   1168 C  CB  . VAL B 1 54 ? -15.288 -8.717  -13.490 1.00 56.43  ? 53  VAL A CB  1 
ATOM   1169 C  CG1 . VAL B 1 54 ? -14.209 -9.506  -12.764 1.00 53.99  ? 53  VAL A CG1 1 
ATOM   1170 C  CG2 . VAL B 1 54 ? -16.636 -8.942  -12.840 1.00 49.70  ? 53  VAL A CG2 1 
ATOM   1171 N  N   . ASP B 1 55 ? -14.274 -6.986  -15.876 1.00 45.78  ? 54  ASP A N   1 
ATOM   1172 C  CA  . ASP B 1 55 ? -13.392 -6.885  -17.038 1.00 40.58  ? 54  ASP A CA  1 
ATOM   1173 C  C   . ASP B 1 55 ? -12.697 -5.513  -17.067 1.00 43.86  ? 54  ASP A C   1 
ATOM   1174 O  O   . ASP B 1 55 ? -11.498 -5.404  -17.347 1.00 37.26  ? 54  ASP A O   1 
ATOM   1175 C  CB  . ASP B 1 55 ? -14.187 -7.078  -18.342 1.00 38.68  ? 54  ASP A CB  1 
ATOM   1176 C  CG  . ASP B 1 55 ? -14.781 -8.500  -18.501 1.00 48.20  ? 54  ASP A CG  1 
ATOM   1177 O  OD1 . ASP B 1 55 ? -14.340 -9.456  -17.828 1.00 46.89  ? 54  ASP A OD1 1 
ATOM   1178 O  OD2 . ASP B 1 55 ? -15.698 -8.668  -19.331 1.00 47.38  ? 54  ASP A OD2 1 
ATOM   1179 N  N   . LYS B 1 56 ? -13.469 -4.463  -16.816 1.00 42.98  ? 55  LYS A N   1 
ATOM   1180 C  CA  . LYS B 1 56 ? -12.912 -3.114  -16.813 1.00 50.17  ? 55  LYS A CA  1 
ATOM   1181 C  C   . LYS B 1 56 ? -11.852 -2.984  -15.712 1.00 44.05  ? 55  LYS A C   1 
ATOM   1182 O  O   . LYS B 1 56 ? -10.737 -2.535  -15.968 1.00 41.66  ? 55  LYS A O   1 
ATOM   1183 C  CB  . LYS B 1 56 ? -14.028 -2.080  -16.632 1.00 44.89  ? 55  LYS A CB  1 
ATOM   1184 C  CG  . LYS B 1 56 ? -13.568 -0.634  -16.735 1.00 57.83  ? 55  LYS A CG  1 
ATOM   1185 C  CD  . LYS B 1 56 ? -14.650 0.349   -16.249 1.00 73.48  ? 55  LYS A CD  1 
ATOM   1186 C  CE  . LYS B 1 56 ? -14.785 0.384   -14.716 1.00 75.29  ? 55  LYS A CE  1 
ATOM   1187 N  NZ  . LYS B 1 56 ? -13.650 1.067   -13.991 1.00 69.71  ? 55  LYS A NZ  1 
ATOM   1188 N  N   . VAL B 1 57 ? -12.197 -3.427  -14.503 1.00 45.18  ? 56  VAL A N   1 
ATOM   1189 C  CA  . VAL B 1 57 ? -11.290 -3.389  -13.349 1.00 36.48  ? 56  VAL A CA  1 
ATOM   1190 C  C   . VAL B 1 57 ? -10.009 -4.154  -13.632 1.00 40.78  ? 56  VAL A C   1 
ATOM   1191 O  O   . VAL B 1 57 ? -8.910  -3.632  -13.406 1.00 42.18  ? 56  VAL A O   1 
ATOM   1192 C  CB  . VAL B 1 57 ? -11.980 -3.949  -12.061 1.00 35.52  ? 56  VAL A CB  1 
ATOM   1193 C  CG1 . VAL B 1 57 ? -10.985 -4.102  -10.902 1.00 27.17  ? 56  VAL A CG1 1 
ATOM   1194 C  CG2 . VAL B 1 57 ? -13.189 -3.075  -11.656 1.00 34.56  ? 56  VAL A CG2 1 
ATOM   1195 N  N   . MET B 1 58 ? -10.148 -5.387  -14.130 1.00 43.56  ? 57  MET A N   1 
ATOM   1196 C  CA  . MET B 1 58 ? -8.983  -6.210  -14.452 1.00 35.62  ? 57  MET A CA  1 
ATOM   1197 C  C   . MET B 1 58 ? -8.114  -5.534  -15.495 1.00 47.00  ? 57  MET A C   1 
ATOM   1198 O  O   . MET B 1 58 ? -6.897  -5.428  -15.329 1.00 48.69  ? 57  MET A O   1 
ATOM   1199 C  CB  . MET B 1 58 ? -9.378  -7.591  -14.959 1.00 39.46  ? 57  MET A CB  1 
ATOM   1200 C  CG  . MET B 1 58 ? -8.163  -8.410  -15.320 1.00 47.69  ? 57  MET A CG  1 
ATOM   1201 S  SD  . MET B 1 58 ? -7.041  -8.596  -13.895 1.00 39.96  ? 57  MET A SD  1 
ATOM   1202 C  CE  . MET B 1 58 ? -7.771  -10.016 -13.061 1.00 36.33  ? 57  MET A CE  1 
ATOM   1203 N  N   . GLU B 1 59 ? -8.747  -5.067  -16.564 1.00 36.94  ? 58  GLU A N   1 
ATOM   1204 C  CA  . GLU B 1 59 ? -8.048  -4.326  -17.614 1.00 44.28  ? 58  GLU A CA  1 
ATOM   1205 C  C   . GLU B 1 59 ? -7.247  -3.149  -17.031 1.00 48.19  ? 58  GLU A C   1 
ATOM   1206 O  O   . GLU B 1 59 ? -6.078  -2.954  -17.356 1.00 52.13  ? 58  GLU A O   1 
ATOM   1207 C  CB  . GLU B 1 59 ? -9.067  -3.817  -18.628 1.00 51.00  ? 58  GLU A CB  1 
ATOM   1208 C  CG  . GLU B 1 59 ? -8.493  -3.331  -19.949 1.00 62.85  ? 58  GLU A CG  1 
ATOM   1209 C  CD  . GLU B 1 59 ? -9.578  -2.825  -20.911 1.00 65.23  ? 58  GLU A CD  1 
ATOM   1210 O  OE1 . GLU B 1 59 ? -10.786 -2.932  -20.585 1.00 68.83  ? 58  GLU A OE1 1 
ATOM   1211 O  OE2 . GLU B 1 59 ? -9.219  -2.317  -21.995 1.00 61.73  ? 58  GLU A OE2 1 
ATOM   1212 N  N   . THR B 1 60 ? -7.878  -2.376  -16.156 1.00 45.68  ? 59  THR A N   1 
ATOM   1213 C  CA  . THR B 1 60 ? -7.212  -1.225  -15.543 1.00 51.97  ? 59  THR A CA  1 
ATOM   1214 C  C   . THR B 1 60 ? -5.996  -1.653  -14.721 1.00 48.61  ? 59  THR A C   1 
ATOM   1215 O  O   . THR B 1 60 ? -4.942  -1.021  -14.790 1.00 51.32  ? 59  THR A O   1 
ATOM   1216 C  CB  . THR B 1 60 ? -8.178  -0.416  -14.641 1.00 53.69  ? 59  THR A CB  1 
ATOM   1217 O  OG1 . THR B 1 60 ? -9.322  0.000   -15.403 1.00 49.75  ? 59  THR A OG1 1 
ATOM   1218 C  CG2 . THR B 1 60 ? -7.478  0.812   -14.064 1.00 48.61  ? 59  THR A CG2 1 
ATOM   1219 N  N   . LEU B 1 61 ? -6.135  -2.737  -13.959 1.00 45.57  ? 60  LEU A N   1 
ATOM   1220 C  CA  . LEU B 1 61 ? -5.062  -3.167  -13.065 1.00 40.58  ? 60  LEU A CA  1 
ATOM   1221 C  C   . LEU B 1 61 ? -3.951  -3.991  -13.723 1.00 49.36  ? 60  LEU A C   1 
ATOM   1222 O  O   . LEU B 1 61 ? -2.865  -4.158  -13.145 1.00 43.28  ? 60  LEU A O   1 
ATOM   1223 C  CB  . LEU B 1 61 ? -5.647  -3.934  -11.874 1.00 37.10  ? 60  LEU A CB  1 
ATOM   1224 C  CG  . LEU B 1 61 ? -6.774  -3.251  -11.095 1.00 46.27  ? 60  LEU A CG  1 
ATOM   1225 C  CD1 . LEU B 1 61 ? -7.235  -4.138  -9.954  1.00 40.94  ? 60  LEU A CD1 1 
ATOM   1226 C  CD2 . LEU B 1 61 ? -6.332  -1.879  -10.565 1.00 48.12  ? 60  LEU A CD2 1 
ATOM   1227 N  N   . ASP B 1 62 ? -4.220  -4.501  -14.924 1.00 46.90  ? 61  ASP A N   1 
ATOM   1228 C  CA  . ASP B 1 62 ? -3.326  -5.473  -15.561 1.00 47.70  ? 61  ASP A CA  1 
ATOM   1229 C  C   . ASP B 1 62 ? -2.263  -4.785  -16.405 1.00 60.41  ? 61  ASP A C   1 
ATOM   1230 O  O   . ASP B 1 62 ? -2.390  -4.680  -17.629 1.00 64.02  ? 61  ASP A O   1 
ATOM   1231 C  CB  . ASP B 1 62 ? -4.116  -6.481  -16.416 1.00 51.17  ? 61  ASP A CB  1 
ATOM   1232 C  CG  . ASP B 1 62 ? -3.240  -7.615  -16.935 1.00 58.89  ? 61  ASP A CG  1 
ATOM   1233 O  OD1 . ASP B 1 62 ? -2.151  -7.837  -16.360 1.00 56.19  ? 61  ASP A OD1 1 
ATOM   1234 O  OD2 . ASP B 1 62 ? -3.635  -8.278  -17.920 1.00 58.41  ? 61  ASP A OD2 1 
ATOM   1235 N  N   . SER B 1 63 ? -1.205  -4.336  -15.738 1.00 59.72  ? 62  SER A N   1 
ATOM   1236 C  CA  . SER B 1 63 ? -0.184  -3.510  -16.367 1.00 61.70  ? 62  SER A CA  1 
ATOM   1237 C  C   . SER B 1 63 ? 0.677   -4.281  -17.361 1.00 62.87  ? 62  SER A C   1 
ATOM   1238 O  O   . SER B 1 63 ? 1.057   -3.739  -18.399 1.00 68.39  ? 62  SER A O   1 
ATOM   1239 C  CB  . SER B 1 63 ? 0.698   -2.848  -15.294 1.00 64.50  ? 62  SER A CB  1 
ATOM   1240 O  OG  . SER B 1 63 ? -0.075  -2.016  -14.443 1.00 52.17  ? 62  SER A OG  1 
ATOM   1241 N  N   . ASP B 1 64 ? 0.984   -5.537  -17.041 1.00 62.99  ? 63  ASP A N   1 
ATOM   1242 C  CA  . ASP B 1 64 ? 1.836   -6.364  -17.893 1.00 60.75  ? 63  ASP A CA  1 
ATOM   1243 C  C   . ASP B 1 64 ? 1.040   -7.184  -18.922 1.00 70.14  ? 63  ASP A C   1 
ATOM   1244 O  O   . ASP B 1 64 ? 1.617   -7.918  -19.728 1.00 76.61  ? 63  ASP A O   1 
ATOM   1245 C  CB  . ASP B 1 64 ? 2.749   -7.268  -17.045 1.00 64.38  ? 63  ASP A CB  1 
ATOM   1246 C  CG  . ASP B 1 64 ? 1.976   -8.298  -16.230 1.00 64.81  ? 63  ASP A CG  1 
ATOM   1247 O  OD1 . ASP B 1 64 ? 0.727   -8.236  -16.203 1.00 62.65  ? 63  ASP A OD1 1 
ATOM   1248 O  OD2 . ASP B 1 64 ? 2.618   -9.168  -15.602 1.00 64.68  ? 63  ASP A OD2 1 
ATOM   1249 N  N   . GLY B 1 65 ? -0.283  -7.073  -18.876 1.00 60.33  ? 64  GLY A N   1 
ATOM   1250 C  CA  . GLY B 1 65 ? -1.135  -7.700  -19.868 1.00 56.06  ? 64  GLY A CA  1 
ATOM   1251 C  C   . GLY B 1 65 ? -1.313  -9.210  -19.839 1.00 65.52  ? 64  GLY A C   1 
ATOM   1252 O  O   . GLY B 1 65 ? -1.810  -9.779  -20.813 1.00 68.21  ? 64  GLY A O   1 
ATOM   1253 N  N   . ASP B 1 66 ? -0.944  -9.868  -18.744 1.00 62.30  ? 65  ASP A N   1 
ATOM   1254 C  CA  . ASP B 1 66 ? -1.074  -11.329 -18.676 1.00 51.19  ? 65  ASP A CA  1 
ATOM   1255 C  C   . ASP B 1 66 ? -2.477  -11.828 -18.269 1.00 55.37  ? 65  ASP A C   1 
ATOM   1256 O  O   . ASP B 1 66 ? -2.664  -13.006 -17.942 1.00 52.85  ? 65  ASP A O   1 
ATOM   1257 C  CB  . ASP B 1 66 ? 0.021   -11.945 -17.789 1.00 60.36  ? 65  ASP A CB  1 
ATOM   1258 C  CG  . ASP B 1 66 ? -0.154  -11.615 -16.314 1.00 63.37  ? 65  ASP A CG  1 
ATOM   1259 O  OD1 . ASP B 1 66 ? -1.098  -10.861 -15.980 1.00 56.36  ? 65  ASP A OD1 1 
ATOM   1260 O  OD2 . ASP B 1 66 ? 0.659   -12.103 -15.492 1.00 57.65  ? 65  ASP A OD2 1 
ATOM   1261 N  N   . GLY B 1 67 ? -3.455  -10.926 -18.281 1.00 58.54  ? 66  GLY A N   1 
ATOM   1262 C  CA  . GLY B 1 67 ? -4.824  -11.275 -17.936 1.00 52.25  ? 66  GLY A CA  1 
ATOM   1263 C  C   . GLY B 1 67 ? -5.165  -11.455 -16.459 1.00 54.42  ? 66  GLY A C   1 
ATOM   1264 O  O   . GLY B 1 67 ? -6.326  -11.704 -16.111 1.00 60.48  ? 66  GLY A O   1 
ATOM   1265 N  N   . GLU B 1 68 ? -4.167  -11.343 -15.593 1.00 45.74  ? 67  GLU A N   1 
ATOM   1266 C  CA  . GLU B 1 68 ? -4.351  -11.538 -14.162 1.00 47.37  ? 67  GLU A CA  1 
ATOM   1267 C  C   . GLU B 1 68 ? -3.748  -10.359 -13.396 1.00 41.18  ? 67  GLU A C   1 
ATOM   1268 O  O   . GLU B 1 68 ? -3.118  -9.492  -13.995 1.00 40.90  ? 67  GLU A O   1 
ATOM   1269 C  CB  . GLU B 1 68 ? -3.695  -12.853 -13.727 1.00 40.96  ? 67  GLU A CB  1 
ATOM   1270 C  CG  . GLU B 1 68 ? -4.322  -14.074 -14.378 1.00 49.51  ? 67  GLU A CG  1 
ATOM   1271 C  CD  . GLU B 1 68 ? -4.167  -15.345 -13.553 1.00 54.27  ? 67  GLU A CD  1 
ATOM   1272 O  OE1 . GLU B 1 68 ? -4.250  -15.278 -12.308 1.00 52.87  ? 67  GLU A OE1 1 
ATOM   1273 O  OE2 . GLU B 1 68 ? -3.976  -16.425 -14.152 1.00 67.15  ? 67  GLU A OE2 1 
ATOM   1274 N  N   . CYS B 1 69 ? -3.951  -10.317 -12.083 1.00 36.09  ? 68  CYS A N   1 
ATOM   1275 C  CA  . CYS B 1 69 ? -3.412  -9.216  -11.270 1.00 42.78  ? 68  CYS A CA  1 
ATOM   1276 C  C   . CYS B 1 69 ? -2.360  -9.770  -10.319 1.00 36.91  ? 68  CYS A C   1 
ATOM   1277 O  O   . CYS B 1 69 ? -2.694  -10.519 -9.402  1.00 43.01  ? 68  CYS A O   1 
ATOM   1278 C  CB  . CYS B 1 69 ? -4.527  -8.531  -10.475 1.00 40.21  ? 68  CYS A CB  1 
ATOM   1279 S  SG  . CYS B 1 69 ? -3.946  -7.209  -9.335  1.00 41.03  ? 68  CYS A SG  1 
ATOM   1280 N  N   . ASP B 1 70 ? -1.087  -9.446  -10.540 1.00 38.88  ? 69  ASP A N   1 
ATOM   1281 C  CA  . ASP B 1 70 ? -0.055  -9.942  -9.627  1.00 44.03  ? 69  ASP A CA  1 
ATOM   1282 C  C   . ASP B 1 70 ? 0.072   -9.072  -8.362  1.00 41.33  ? 69  ASP A C   1 
ATOM   1283 O  O   . ASP B 1 70 ? -0.726  -8.152  -8.151  1.00 33.17  ? 69  ASP A O   1 
ATOM   1284 C  CB  . ASP B 1 70 ? 1.291   -10.106 -10.335 1.00 43.19  ? 69  ASP A CB  1 
ATOM   1285 C  CG  . ASP B 1 70 ? 1.882   -8.790  -10.793 1.00 41.24  ? 69  ASP A CG  1 
ATOM   1286 O  OD1 . ASP B 1 70 ? 1.529   -7.722  -10.251 1.00 40.34  ? 69  ASP A OD1 1 
ATOM   1287 O  OD2 . ASP B 1 70 ? 2.724   -8.828  -11.709 1.00 51.40  ? 69  ASP A OD2 1 
ATOM   1288 N  N   . PHE B 1 71 ? 1.081   -9.349  -7.539  1.00 38.29  ? 70  PHE A N   1 
ATOM   1289 C  CA  . PHE B 1 71 ? 1.183   -8.640  -6.271  1.00 44.77  ? 70  PHE A CA  1 
ATOM   1290 C  C   . PHE B 1 71 ? 1.500   -7.162  -6.436  1.00 39.12  ? 70  PHE A C   1 
ATOM   1291 O  O   . PHE B 1 71 ? 1.065   -6.334  -5.647  1.00 43.95  ? 70  PHE A O   1 
ATOM   1292 C  CB  . PHE B 1 71 ? 2.219   -9.257  -5.346  1.00 42.34  ? 70  PHE A CB  1 
ATOM   1293 C  CG  . PHE B 1 71 ? 2.206   -8.645  -3.989  1.00 42.14  ? 70  PHE A CG  1 
ATOM   1294 C  CD1 . PHE B 1 71 ? 1.200   -8.962  -3.085  1.00 43.81  ? 70  PHE A CD1 1 
ATOM   1295 C  CD2 . PHE B 1 71 ? 3.155   -7.702  -3.628  1.00 50.89  ? 70  PHE A CD2 1 
ATOM   1296 C  CE1 . PHE B 1 71 ? 1.162   -8.369  -1.827  1.00 49.73  ? 70  PHE A CE1 1 
ATOM   1297 C  CE2 . PHE B 1 71 ? 3.125   -7.109  -2.375  1.00 43.02  ? 70  PHE A CE2 1 
ATOM   1298 C  CZ  . PHE B 1 71 ? 2.133   -7.443  -1.476  1.00 43.42  ? 70  PHE A CZ  1 
ATOM   1299 N  N   . GLN B 1 72 ? 2.272   -6.843  -7.463  1.00 47.37  ? 71  GLN A N   1 
ATOM   1300 C  CA  . GLN B 1 72 ? 2.666   -5.473  -7.721  1.00 48.27  ? 71  GLN A CA  1 
ATOM   1301 C  C   . GLN B 1 72 ? 1.487   -4.688  -8.239  1.00 39.53  ? 71  GLN A C   1 
ATOM   1302 O  O   . GLN B 1 72 ? 1.227   -3.576  -7.785  1.00 41.28  ? 71  GLN A O   1 
ATOM   1303 C  CB  . GLN B 1 72 ? 3.775   -5.438  -8.758  1.00 53.85  ? 71  GLN A CB  1 
ATOM   1304 C  CG  . GLN B 1 72 ? 4.570   -4.153  -8.759  1.00 55.61  ? 71  GLN A CG  1 
ATOM   1305 C  CD  . GLN B 1 72 ? 5.940   -4.362  -9.352  1.00 73.12  ? 71  GLN A CD  1 
ATOM   1306 O  OE1 . GLN B 1 72 ? 6.956   -4.127  -8.697  1.00 74.91  ? 71  GLN A OE1 1 
ATOM   1307 N  NE2 . GLN B 1 72 ? 5.979   -4.825  -10.598 1.00 79.22  ? 71  GLN A NE2 1 
ATOM   1308 N  N   . GLU B 1 73 ? 0.775   -5.273  -9.195  1.00 38.10  ? 72  GLU A N   1 
ATOM   1309 C  CA  . GLU B 1 73 ? -0.414  -4.644  -9.743  1.00 39.37  ? 72  GLU A CA  1 
ATOM   1310 C  C   . GLU B 1 73 ? -1.458  -4.487  -8.633  1.00 31.98  ? 72  GLU A C   1 
ATOM   1311 O  O   . GLU B 1 73 ? -2.213  -3.507  -8.592  1.00 39.54  ? 72  GLU A O   1 
ATOM   1312 C  CB  . GLU B 1 73 ? -0.959  -5.466  -10.925 1.00 42.68  ? 72  GLU A CB  1 
ATOM   1313 C  CG  . GLU B 1 73 ? -0.006  -5.541  -12.118 1.00 41.35  ? 72  GLU A CG  1 
ATOM   1314 C  CD  . GLU B 1 73 ? -0.279  -6.733  -13.019 1.00 48.35  ? 72  GLU A CD  1 
ATOM   1315 O  OE1 . GLU B 1 73 ? -0.746  -7.780  -12.518 1.00 40.59  ? 72  GLU A OE1 1 
ATOM   1316 O  OE2 . GLU B 1 73 ? -0.034  -6.627  -14.239 1.00 49.15  ? 72  GLU A OE2 1 
ATOM   1317 N  N   . PHE B 1 74 ? -1.488  -5.460  -7.730  1.00 34.41  ? 73  PHE A N   1 
ATOM   1318 C  CA  . PHE B 1 74 ? -2.374  -5.379  -6.584  1.00 37.55  ? 73  PHE A CA  1 
ATOM   1319 C  C   . PHE B 1 74 ? -1.973  -4.176  -5.709  1.00 31.39  ? 73  PHE A C   1 
ATOM   1320 O  O   . PHE B 1 74 ? -2.820  -3.348  -5.359  1.00 28.64  ? 73  PHE A O   1 
ATOM   1321 C  CB  . PHE B 1 74 ? -2.369  -6.687  -5.780  1.00 32.05  ? 73  PHE A CB  1 
ATOM   1322 C  CG  . PHE B 1 74 ? -3.216  -6.627  -4.540  1.00 40.12  ? 73  PHE A CG  1 
ATOM   1323 C  CD1 . PHE B 1 74 ? -4.609  -6.557  -4.633  1.00 35.91  ? 73  PHE A CD1 1 
ATOM   1324 C  CD2 . PHE B 1 74 ? -2.625  -6.608  -3.277  1.00 37.55  ? 73  PHE A CD2 1 
ATOM   1325 C  CE1 . PHE B 1 74 ? -5.405  -6.479  -3.483  1.00 39.67  ? 73  PHE A CE1 1 
ATOM   1326 C  CE2 . PHE B 1 74 ? -3.410  -6.535  -2.121  1.00 33.02  ? 73  PHE A CE2 1 
ATOM   1327 C  CZ  . PHE B 1 74 ? -4.801  -6.466  -2.225  1.00 40.30  ? 73  PHE A CZ  1 
ATOM   1328 N  N   . MET B 1 75 ? -0.690  -4.059  -5.393  1.00 33.75  ? 74  MET A N   1 
ATOM   1329 C  CA  . MET B 1 75 ? -0.201  -2.905  -4.605  1.00 36.40  ? 74  MET A CA  1 
ATOM   1330 C  C   . MET B 1 75 ? -0.492  -1.563  -5.274  1.00 33.16  ? 74  MET A C   1 
ATOM   1331 O  O   . MET B 1 75 ? -0.778  -0.568  -4.587  1.00 39.37  ? 74  MET A O   1 
ATOM   1332 C  CB  . MET B 1 75 ? 1.294   -3.022  -4.286  1.00 40.56  ? 74  MET A CB  1 
ATOM   1333 C  CG  . MET B 1 75 ? 1.618   -3.996  -3.157  1.00 39.37  ? 74  MET A CG  1 
ATOM   1334 S  SD  . MET B 1 75 ? 0.687   -3.736  -1.619  1.00 53.22  ? 74  MET A SD  1 
ATOM   1335 C  CE  . MET B 1 75 ? 1.009   -2.008  -1.309  1.00 34.06  ? 74  MET A CE  1 
ATOM   1336 N  N   . ALA B 1 76 ? -0.437  -1.545  -6.607  1.00 34.04  ? 75  ALA A N   1 
ATOM   1337 C  CA  . ALA B 1 76 ? -0.830  -0.367  -7.388  1.00 35.41  ? 75  ALA A CA  1 
ATOM   1338 C  C   . ALA B 1 76 ? -2.318  -0.065  -7.183  1.00 34.50  ? 75  ALA A C   1 
ATOM   1339 O  O   . ALA B 1 76 ? -2.732  1.103   -7.071  1.00 32.67  ? 75  ALA A O   1 
ATOM   1340 C  CB  . ALA B 1 76 ? -0.521  -0.596  -8.874  1.00 35.61  ? 75  ALA A CB  1 
ATOM   1341 N  N   . PHE B 1 77 ? -3.126  -1.123  -7.120  1.00 33.28  ? 76  PHE A N   1 
ATOM   1342 C  CA  . PHE B 1 77 ? -4.559  -0.980  -6.837  1.00 37.27  ? 76  PHE A CA  1 
ATOM   1343 C  C   . PHE B 1 77 ? -4.792  -0.379  -5.431  1.00 34.24  ? 76  PHE A C   1 
ATOM   1344 O  O   . PHE B 1 77 ? -5.532  0.618   -5.264  1.00 38.25  ? 76  PHE A O   1 
ATOM   1345 C  CB  . PHE B 1 77 ? -5.248  -2.358  -6.989  1.00 32.06  ? 76  PHE A CB  1 
ATOM   1346 C  CG  . PHE B 1 77 ? -6.716  -2.359  -6.664  1.00 31.92  ? 76  PHE A CG  1 
ATOM   1347 C  CD1 . PHE B 1 77 ? -7.542  -1.332  -7.097  1.00 35.78  ? 76  PHE A CD1 1 
ATOM   1348 C  CD2 . PHE B 1 77 ? -7.277  -3.406  -5.945  1.00 43.47  ? 76  PHE A CD2 1 
ATOM   1349 C  CE1 . PHE B 1 77 ? -8.902  -1.334  -6.802  1.00 35.90  ? 76  PHE A CE1 1 
ATOM   1350 C  CE2 . PHE B 1 77 ? -8.648  -3.430  -5.656  1.00 33.32  ? 76  PHE A CE2 1 
ATOM   1351 C  CZ  . PHE B 1 77 ? -9.457  -2.379  -6.080  1.00 30.87  ? 76  PHE A CZ  1 
ATOM   1352 N  N   . VAL B 1 78 ? -4.144  -0.982  -4.430  1.00 33.86  ? 77  VAL A N   1 
ATOM   1353 C  CA  . VAL B 1 78 ? -4.205  -0.501  -3.047  1.00 34.07  ? 77  VAL A CA  1 
ATOM   1354 C  C   . VAL B 1 78 ? -3.805  0.962   -2.949  1.00 32.97  ? 77  VAL A C   1 
ATOM   1355 O  O   . VAL B 1 78 ? -4.432  1.718   -2.217  1.00 34.26  ? 77  VAL A O   1 
ATOM   1356 C  CB  . VAL B 1 78 ? -3.288  -1.324  -2.115  1.00 38.01  ? 77  VAL A CB  1 
ATOM   1357 C  CG1 . VAL B 1 78 ? -3.257  -0.713  -0.703  1.00 33.58  ? 77  VAL A CG1 1 
ATOM   1358 C  CG2 . VAL B 1 78 ? -3.737  -2.781  -2.069  1.00 36.22  ? 77  VAL A CG2 1 
ATOM   1359 N  N   . ALA B 1 79 ? -2.747  1.349   -3.670  1.00 41.39  ? 78  ALA A N   1 
ATOM   1360 C  CA  . ALA B 1 79 ? -2.295  2.742   -3.684  1.00 36.14  ? 78  ALA A CA  1 
ATOM   1361 C  C   . ALA B 1 79 ? -3.354  3.654   -4.285  1.00 40.71  ? 78  ALA A C   1 
ATOM   1362 O  O   . ALA B 1 79 ? -3.620  4.722   -3.735  1.00 35.01  ? 78  ALA A O   1 
ATOM   1363 C  CB  . ALA B 1 79 ? -0.960  2.897   -4.425  1.00 39.68  ? 78  ALA A CB  1 
ATOM   1364 N  N   . MET B 1 80 ? -3.974  3.241   -5.396  1.00 40.92  ? 79  MET A N   1 
ATOM   1365 C  CA  . MET B 1 80 ? -5.045  4.057   -5.965  1.00 37.19  ? 79  MET A CA  1 
ATOM   1366 C  C   . MET B 1 80 ? -6.145  4.301   -4.917  1.00 35.70  ? 79  MET A C   1 
ATOM   1367 O  O   . MET B 1 80 ? -6.579  5.433   -4.709  1.00 41.32  ? 79  MET A O   1 
ATOM   1368 C  CB  . MET B 1 80 ? -5.684  3.416   -7.209  1.00 40.20  ? 79  MET A CB  1 
ATOM   1369 C  CG  . MET B 1 80 ? -4.781  3.100   -8.410  1.00 54.40  ? 79  MET A CG  1 
ATOM   1370 S  SD  . MET B 1 80 ? -5.744  2.322   -9.772  1.00 64.04  ? 79  MET A SD  1 
ATOM   1371 C  CE  . MET B 1 80 ? -4.513  1.265   -10.546 1.00 42.21  ? 79  MET A CE  1 
ATOM   1372 N  N   . ILE B 1 81 ? -6.589  3.236   -4.257  1.00 45.38  ? 80  ILE A N   1 
ATOM   1373 C  CA  . ILE B 1 81 ? -7.691  3.347   -3.295  1.00 45.06  ? 80  ILE A CA  1 
ATOM   1374 C  C   . ILE B 1 81 ? -7.315  4.226   -2.103  1.00 37.30  ? 80  ILE A C   1 
ATOM   1375 O  O   . ILE B 1 81 ? -8.036  5.147   -1.726  1.00 39.15  ? 80  ILE A O   1 
ATOM   1376 C  CB  . ILE B 1 81 ? -8.069  1.958   -2.744  1.00 40.29  ? 80  ILE A CB  1 
ATOM   1377 C  CG1 . ILE B 1 81 ? -8.610  1.060   -3.845  1.00 43.58  ? 80  ILE A CG1 1 
ATOM   1378 C  CG2 . ILE B 1 81 ? -9.075  2.073   -1.602  1.00 45.68  ? 80  ILE A CG2 1 
ATOM   1379 C  CD1 . ILE B 1 81 ? -8.825  -0.373  -3.371  1.00 41.80  ? 80  ILE A CD1 1 
ATOM   1380 N  N   . THR B 1 82 ? -6.183  3.902   -1.497  1.00 36.62  ? 81  THR A N   1 
ATOM   1381 C  CA  . THR B 1 82 ? -5.686  4.617   -0.324  1.00 34.56  ? 81  THR A CA  1 
ATOM   1382 C  C   . THR B 1 82 ? -5.448  6.097   -0.634  1.00 40.66  ? 81  THR A C   1 
ATOM   1383 O  O   . THR B 1 82 ? -5.739  6.973   0.189   1.00 42.08  ? 81  THR A O   1 
ATOM   1384 C  CB  . THR B 1 82 ? -4.396  3.957   0.186   1.00 38.44  ? 81  THR A CB  1 
ATOM   1385 O  OG1 . THR B 1 82 ? -4.603  2.545   0.291   1.00 37.02  ? 81  THR A OG1 1 
ATOM   1386 C  CG2 . THR B 1 82 ? -4.003  4.494   1.556   1.00 46.27  ? 81  THR A CG2 1 
ATOM   1387 N  N   . THR B 1 83 ? -4.944  6.381   -1.830  1.00 39.17  ? 82  THR A N   1 
ATOM   1388 C  CA  . THR B 1 83 ? -4.622  7.757   -2.209  1.00 47.05  ? 82  THR A CA  1 
ATOM   1389 C  C   . THR B 1 83 ? -5.914  8.531   -2.472  1.00 47.59  ? 82  THR A C   1 
ATOM   1390 O  O   . THR B 1 83 ? -6.029  9.716   -2.136  1.00 49.85  ? 82  THR A O   1 
ATOM   1391 C  CB  . THR B 1 83 ? -3.657  7.825   -3.425  1.00 40.12  ? 82  THR A CB  1 
ATOM   1392 O  OG1 . THR B 1 83 ? -2.425  7.155   -3.106  1.00 39.43  ? 82  THR A OG1 1 
ATOM   1393 C  CG2 . THR B 1 83 ? -3.350  9.272   -3.787  1.00 51.03  ? 82  THR A CG2 1 
ATOM   1394 N  N   . ALA B 1 84 ? -6.894  7.856   -3.055  1.00 46.90  ? 83  ALA A N   1 
ATOM   1395 C  CA  . ALA B 1 84 ? -8.204  8.478   -3.266  1.00 50.71  ? 83  ALA A CA  1 
ATOM   1396 C  C   . ALA B 1 84 ? -8.912  8.785   -1.936  1.00 48.78  ? 83  ALA A C   1 
ATOM   1397 O  O   . ALA B 1 84 ? -9.494  9.857   -1.766  1.00 50.58  ? 83  ALA A O   1 
ATOM   1398 C  CB  . ALA B 1 84 ? -9.056  7.608   -4.152  1.00 47.72  ? 83  ALA A CB  1 
ATOM   1399 N  N   . CYS B 1 85 ? -8.848  7.842   -0.998  1.00 48.96  ? 84  CYS A N   1 
ATOM   1400 C  CA  . CYS B 1 85 ? -9.400  8.046   0.339   1.00 46.94  ? 84  CYS A CA  1 
ATOM   1401 C  C   . CYS B 1 85 ? -8.706  9.235   1.013   1.00 53.53  ? 84  CYS A C   1 
ATOM   1402 O  O   . CYS B 1 85 ? -9.368  10.089  1.591   1.00 53.40  ? 84  CYS A O   1 
ATOM   1403 C  CB  . CYS B 1 85 ? -9.228  6.796   1.210   1.00 43.27  ? 84  CYS A CB  1 
ATOM   1404 S  SG  . CYS B 1 85 ? -10.216 5.290   0.808   1.00 55.06  ? 84  CYS A SG  1 
ATOM   1405 N  N   . HIS B 1 86 ? -7.376  9.283   0.919   1.00 49.19  ? 85  HIS A N   1 
ATOM   1406 C  CA  . HIS B 1 86 ? -6.582  10.340  1.556   1.00 49.83  ? 85  HIS A CA  1 
ATOM   1407 C  C   . HIS B 1 86 ? -6.890  11.715  0.985   1.00 51.96  ? 85  HIS A C   1 
ATOM   1408 O  O   . HIS B 1 86 ? -7.127  12.647  1.744   1.00 64.14  ? 85  HIS A O   1 
ATOM   1409 C  CB  . HIS B 1 86 ? -5.077  10.051  1.458   1.00 41.25  ? 85  HIS A CB  1 
ATOM   1410 C  CG  . HIS B 1 86 ? -4.208  11.182  1.910   1.00 52.13  ? 85  HIS A CG  1 
ATOM   1411 N  ND1 . HIS B 1 86 ? -3.508  11.982  1.026   1.00 54.80  ? 85  HIS A ND1 1 
ATOM   1412 C  CD2 . HIS B 1 86 ? -3.899  11.636  3.149   1.00 42.36  ? 85  HIS A CD2 1 
ATOM   1413 C  CE1 . HIS B 1 86 ? -2.817  12.881  1.700   1.00 45.26  ? 85  HIS A CE1 1 
ATOM   1414 N  NE2 . HIS B 1 86 ? -3.038  12.693  2.994   1.00 50.13  ? 85  HIS A NE2 1 
ATOM   1415 N  N   . GLU B 1 87 ? -6.880  11.847  -0.339  1.00 50.20  ? 86  GLU A N   1 
ATOM   1416 C  CA  . GLU B 1 87 ? -7.246  13.112  -0.971  1.00 56.50  ? 86  GLU A CA  1 
ATOM   1417 C  C   . GLU B 1 87 ? -8.666  13.509  -0.596  1.00 66.20  ? 86  GLU A C   1 
ATOM   1418 O  O   . GLU B 1 87 ? -8.957  14.688  -0.395  1.00 70.50  ? 86  GLU A O   1 
ATOM   1419 C  CB  . GLU B 1 87 ? -7.137  13.030  -2.491  1.00 60.66  ? 86  GLU A CB  1 
ATOM   1420 C  CG  . GLU B 1 87 ? -5.723  12.966  -3.039  1.00 69.25  ? 86  GLU A CG  1 
ATOM   1421 C  CD  . GLU B 1 87 ? -5.709  12.891  -4.560  1.00 80.74  ? 86  GLU A CD  1 
ATOM   1422 O  OE1 . GLU B 1 87 ? -6.662  13.399  -5.192  1.00 80.00  ? 86  GLU A OE1 1 
ATOM   1423 O  OE2 . GLU B 1 87 ? -4.753  12.315  -5.123  1.00 82.49  ? 86  GLU A OE2 1 
ATOM   1424 N  N   . PHE B 1 88 ? -9.545  12.516  -0.505  1.00 60.62  ? 87  PHE A N   1 
ATOM   1425 C  CA  . PHE B 1 88 ? -10.938 12.761  -0.149  1.00 67.30  ? 87  PHE A CA  1 
ATOM   1426 C  C   . PHE B 1 88 ? -11.081 13.446  1.211   1.00 76.73  ? 87  PHE A C   1 
ATOM   1427 O  O   . PHE B 1 88 ? -11.842 14.407  1.352   1.00 83.80  ? 87  PHE A O   1 
ATOM   1428 C  CB  . PHE B 1 88 ? -11.721 11.455  -0.162  1.00 72.23  ? 87  PHE A CB  1 
ATOM   1429 C  CG  . PHE B 1 88 ? -13.198 11.632  0.023   1.00 76.93  ? 87  PHE A CG  1 
ATOM   1430 C  CD1 . PHE B 1 88 ? -14.007 11.985  -1.047  1.00 78.97  ? 87  PHE A CD1 1 
ATOM   1431 C  CD2 . PHE B 1 88 ? -13.782 11.431  1.261   1.00 80.07  ? 87  PHE A CD2 1 
ATOM   1432 C  CE1 . PHE B 1 88 ? -15.373 12.140  -0.882  1.00 79.21  ? 87  PHE A CE1 1 
ATOM   1433 C  CE2 . PHE B 1 88 ? -15.145 11.573  1.430   1.00 76.20  ? 87  PHE A CE2 1 
ATOM   1434 C  CZ  . PHE B 1 88 ? -15.941 11.934  0.356   1.00 74.80  ? 87  PHE A CZ  1 
ATOM   1435 N  N   . PHE B 1 89 ? -10.356 12.943  2.207   1.00 70.00  ? 88  PHE A N   1 
ATOM   1436 C  CA  . PHE B 1 89 ? -10.348 13.555  3.534   1.00 75.45  ? 88  PHE A CA  1 
ATOM   1437 C  C   . PHE B 1 89 ? -9.169  14.524  3.660   1.00 79.63  ? 88  PHE A C   1 
ATOM   1438 O  O   . PHE B 1 89 ? -8.052  14.122  3.998   1.00 88.84  ? 88  PHE A O   1 
ATOM   1439 C  CB  . PHE B 1 89 ? -10.307 12.469  4.618   1.00 75.66  ? 88  PHE A CB  1 
ATOM   1440 C  CG  . PHE B 1 89 ? -11.395 11.427  4.471   1.00 81.18  ? 88  PHE A CG  1 
ATOM   1441 C  CD1 . PHE B 1 89 ? -11.095 10.117  4.113   1.00 83.95  ? 88  PHE A CD1 1 
ATOM   1442 C  CD2 . PHE B 1 89 ? -12.726 11.768  4.665   1.00 88.45  ? 88  PHE A CD2 1 
ATOM   1443 C  CE1 . PHE B 1 89 ? -12.105 9.162   3.965   1.00 79.66  ? 88  PHE A CE1 1 
ATOM   1444 C  CE2 . PHE B 1 89 ? -13.743 10.820  4.526   1.00 80.28  ? 88  PHE A CE2 1 
ATOM   1445 C  CZ  . PHE B 1 89 ? -13.428 9.517   4.173   1.00 83.98  ? 88  PHE A CZ  1 
ATOM   1446 N  N   . GLU B 1 90 ? -9.439  15.801  3.386   1.00 87.51  ? 89  GLU A N   1 
ATOM   1447 C  CA  . GLU B 1 90 ? -8.417  16.855  3.292   1.00 84.91  ? 89  GLU A CA  1 
ATOM   1448 C  C   . GLU B 1 90 ? -7.517  16.658  2.074   1.00 81.55  ? 89  GLU A C   1 
ATOM   1449 O  O   . GLU B 1 90 ? -7.930  16.919  0.942   1.00 76.13  ? 89  GLU A O   1 
ATOM   1450 C  CB  . GLU B 1 90 ? -7.579  16.981  4.578   1.00 88.69  ? 89  GLU A CB  1 
ATOM   1451 C  CG  . GLU B 1 90 ? -7.679  18.341  5.281   1.00 89.06  ? 89  GLU A CG  1 
ATOM   1452 C  CD  . GLU B 1 90 ? -7.017  19.476  4.503   1.00 94.31  ? 89  GLU A CD  1 
ATOM   1453 O  OE1 . GLU B 1 90 ? -7.223  20.654  4.870   1.00 83.96  ? 89  GLU A OE1 1 
ATOM   1454 O  OE2 . GLU B 1 90 ? -6.284  19.195  3.531   1.00 100.72 ? 89  GLU A OE2 1 
HETATM 1455 C  C01 . REV C 2 .  ? 7.387   -9.040  7.172   1.00 83.97  ? 101 REV X C01 1 
HETATM 1456 C  C02 . REV C 2 .  ? 7.536   -8.070  6.147   1.00 80.19  ? 101 REV X C02 1 
HETATM 1457 C  C03 . REV C 2 .  ? 8.791   -7.646  5.702   1.00 76.48  ? 101 REV X C03 1 
HETATM 1458 C  C04 . REV C 2 .  ? 9.926   -8.214  6.339   1.00 72.31  ? 101 REV X C04 1 
HETATM 1459 C  C05 . REV C 2 .  ? 9.747   -9.180  7.390   1.00 83.70  ? 101 REV X C05 1 
HETATM 1460 C  C06 . REV C 2 .  ? 8.487   -9.586  7.790   1.00 87.96  ? 101 REV X C06 1 
HETATM 1461 C  C07 . REV C 2 .  ? 11.322  -5.530  5.083   1.00 72.94  ? 101 REV X C07 1 
HETATM 1462 C  C08 . REV C 2 .  ? 11.595  -6.869  4.897   1.00 80.21  ? 101 REV X C08 1 
HETATM 1463 C  C09 . REV C 2 .  ? 12.135  -7.319  3.697   1.00 80.14  ? 101 REV X C09 1 
HETATM 1464 C  C10 . REV C 2 .  ? 12.377  -6.440  2.688   1.00 80.37  ? 101 REV X C10 1 
HETATM 1465 C  C11 . REV C 2 .  ? 12.096  -5.097  2.872   1.00 79.55  ? 101 REV X C11 1 
HETATM 1466 C  C12 . REV C 2 .  ? 11.567  -4.642  4.078   1.00 66.59  ? 101 REV X C12 1 
HETATM 1467 O  O13 . REV C 2 .  ? 8.347   -10.547 8.816   1.00 91.73  ? 101 REV X O13 1 
HETATM 1468 C  C14 . REV C 2 .  ? 7.744   -11.758 8.545   1.00 86.93  ? 101 REV X C14 1 
HETATM 1469 O  O15 . REV C 2 .  ? 6.087   -9.417  7.547   1.00 94.26  ? 101 REV X O15 1 
HETATM 1470 C  C16 . REV C 2 .  ? 5.744   -9.252  8.868   1.00 95.64  ? 101 REV X C16 1 
HETATM 1471 O  O17 . REV C 2 .  ? 6.347   -7.592  5.606   1.00 80.99  ? 101 REV X O17 1 
HETATM 1472 O  O18 . REV C 2 .  ? 10.828  -9.755  8.025   1.00 93.70  ? 101 REV X O18 1 
HETATM 1473 C  C19 . REV C 2 .  ? 11.347  -7.890  6.017   1.00 78.78  ? 101 REV X C19 1 
HETATM 1474 C  C20 . REV C 2 .  ? 12.260  -9.081  5.780   1.00 82.81  ? 101 REV X C20 1 
HETATM 1475 C  C21 . REV C 2 .  ? 11.725  -10.399 5.344   1.00 75.79  ? 101 REV X C21 1 
HETATM 1476 CA CA  . CA  D 3 .  ? 5.192   17.485  8.005   1.00 38.15  ? 102 CA  X CA  1 
HETATM 1477 CA CA  . CA  E 3 .  ? 8.257   14.849  -2.467  1.00 47.63  ? 103 CA  X CA  1 
HETATM 1478 C  C01 . REV F 2 .  ? -12.633 5.446   4.048   1.00 76.06  ? 101 REV A C01 1 
HETATM 1479 C  C02 . REV F 2 .  ? -11.542 5.537   3.111   1.00 70.73  ? 101 REV A C02 1 
HETATM 1480 C  C03 . REV F 2 .  ? -11.763 5.749   1.738   1.00 69.21  ? 101 REV A C03 1 
HETATM 1481 C  C04 . REV F 2 .  ? -13.119 5.891   1.336   1.00 59.66  ? 101 REV A C04 1 
HETATM 1482 C  C05 . REV F 2 .  ? -14.197 5.800   2.276   1.00 68.62  ? 101 REV A C05 1 
HETATM 1483 C  C06 . REV F 2 .  ? -13.939 5.583   3.620   1.00 67.27  ? 101 REV A C06 1 
HETATM 1484 C  C07 . REV F 2 .  ? -12.870 4.056   -1.253  1.00 62.67  ? 101 REV A C07 1 
HETATM 1485 C  C08 . REV F 2 .  ? -12.757 5.422   -1.111  1.00 68.27  ? 101 REV A C08 1 
HETATM 1486 C  C09 . REV F 2 .  ? -11.896 6.155   -1.916  1.00 62.96  ? 101 REV A C09 1 
HETATM 1487 C  C10 . REV F 2 .  ? -11.155 5.505   -2.855  1.00 64.84  ? 101 REV A C10 1 
HETATM 1488 C  C11 . REV F 2 .  ? -11.268 4.136   -3.008  1.00 62.75  ? 101 REV A C11 1 
HETATM 1489 C  C12 . REV F 2 .  ? -12.131 3.410   -2.196  1.00 60.81  ? 101 REV A C12 1 
HETATM 1490 O  O13 . REV F 2 .  ? -15.006 5.490   4.539   1.00 78.37  ? 101 REV A O13 1 
HETATM 1491 C  C14 . REV F 2 .  ? -15.228 6.492   5.454   1.00 68.73  ? 101 REV A C14 1 
HETATM 1492 O  O15 . REV F 2 .  ? -12.376 5.222   5.426   1.00 85.65  ? 101 REV A O15 1 
HETATM 1493 C  C16 . REV F 2 .  ? -12.652 3.989   5.995   1.00 80.84  ? 101 REV A C16 1 
HETATM 1494 O  O17 . REV F 2 .  ? -10.257 5.395   3.626   1.00 50.27  ? 101 REV A O17 1 
HETATM 1495 O  O18 . REV F 2 .  ? -15.503 5.944   1.834   1.00 65.51  ? 101 REV A O18 1 
HETATM 1496 C  C19 . REV F 2 .  ? -13.581 6.144   -0.050  1.00 54.99  ? 101 REV A C19 1 
HETATM 1497 C  C20 . REV F 2 .  ? -13.710 7.608   -0.371  1.00 67.59  ? 101 REV A C20 1 
HETATM 1498 C  C21 . REV F 2 .  ? -14.502 8.450   0.554   1.00 62.62  ? 101 REV A C21 1 
HETATM 1499 CA CA  . CA  G 3 .  ? -0.868  -8.919  -14.707 1.00 46.87  ? 102 CA  A CA  1 
HETATM 1500 CA CA  . CA  H 3 .  ? -5.049  -17.305 -8.485  1.00 43.44  ? 103 CA  A CA  1 
HETATM 1501 O  O   . HOH I 4 .  ? 12.165  13.825  16.274  1.00 52.13  ? 201 HOH X O   1 
HETATM 1502 O  O   . HOH I 4 .  ? 6.331   15.965  -1.902  1.00 52.50  ? 202 HOH X O   1 
HETATM 1503 O  O   . HOH I 4 .  ? 6.924   18.711  6.314   1.00 42.18  ? 203 HOH X O   1 
HETATM 1504 O  O   . HOH I 4 .  ? 7.493   -0.887  14.938  1.00 38.92  ? 204 HOH X O   1 
HETATM 1505 O  O   . HOH I 4 .  ? 21.891  4.609   10.182  1.00 29.28  ? 205 HOH X O   1 
HETATM 1506 O  O   . HOH I 4 .  ? -15.426 -5.422  3.949   1.00 54.55  ? 206 HOH X O   1 
HETATM 1507 O  O   . HOH I 4 .  ? 13.981  17.403  8.753   1.00 36.49  ? 207 HOH X O   1 
HETATM 1508 O  O   . HOH I 4 .  ? 17.473  1.521   7.341   1.00 54.36  ? 208 HOH X O   1 
HETATM 1509 O  O   . HOH I 4 .  ? 13.351  1.123   12.071  1.00 34.01  ? 209 HOH X O   1 
HETATM 1510 O  O   . HOH I 4 .  ? 7.968   21.189  5.934   1.00 59.11  ? 210 HOH X O   1 
HETATM 1511 O  O   . HOH I 4 .  ? 18.367  3.230   -1.146  1.00 62.71  ? 211 HOH X O   1 
HETATM 1512 O  O   . HOH J 4 .  ? -3.938  -22.825 -7.860  1.00 57.87  ? 201 HOH A O   1 
HETATM 1513 O  O   . HOH J 4 .  ? -4.441  -18.529 -13.324 1.00 51.94  ? 202 HOH A O   1 
HETATM 1514 O  O   . HOH J 4 .  ? -5.051  -17.106 -10.912 1.00 44.64  ? 203 HOH A O   1 
HETATM 1515 O  O   . HOH J 4 .  ? -16.275 -17.226 -6.527  1.00 42.59  ? 204 HOH A O   1 
HETATM 1516 O  O   . HOH J 4 .  ? -7.675  -17.372 7.013   1.00 62.47  ? 205 HOH A O   1 
HETATM 1517 O  O   . HOH J 4 .  ? -13.264 -18.942 -11.618 1.00 48.57  ? 206 HOH A O   1 
HETATM 1518 O  O   . HOH J 4 .  ? -1.469  3.420   -8.005  1.00 44.01  ? 207 HOH A O   1 
HETATM 1519 O  O   . HOH J 4 .  ? 0.785   -10.767 -13.335 1.00 56.01  ? 208 HOH A O   1 
# 
